data_4UCG
#
_entry.id   4UCG
#
_cell.length_a   78.949
_cell.length_b   132.660
_cell.length_c   147.722
_cell.angle_alpha   90.00
_cell.angle_beta   90.00
_cell.angle_gamma   90.00
#
_symmetry.space_group_name_H-M   'P 21 21 21'
#
loop_
_entity.id
_entity.type
_entity.pdbx_description
1 polymer 'PHOSPHO-2-DEHYDRO-3-DEOXYHEPTONATE ALDOLASE'
2 non-polymer 'MANGANESE (II) ION'
3 non-polymer PHOSPHOENOLPYRUVATE
4 non-polymer 'SULFATE ION'
5 non-polymer DI(HYDROXYETHYL)ETHER
6 water water
#
_entity_poly.entity_id   1
_entity_poly.type   'polypeptide(L)'
_entity_poly.pdbx_seq_one_letter_code
;MTHHYPTDDIKIKEVKELLPPIAHLYELPISKEASGLVHRTRQEISDLVHGRDKRLLVIIGPCSIHDPKAALEYAERLLK
LRKQYENELLIVMRVYFEKPRTTVGWKGLINDPHLDGTFDINFGLSQARSLLLSLNNMGMPASTEFLDMITPQYYADLIS
WGAIGARTTESQVHRELASGLSCPVGFKNGTDGNLKIAIDAIGAASHSHHFLSVTKAGHSAIVHTGGNPDCHVILRGGKE
PNYDAEHVSEAAEQLRAAGVTDKLMIDCSHANSRKDYTRQMEVAQDIAAQLEQDGGNIMGVMVESHLVEGRQDKPEVYGK
SITDACIGWGATEELLALLAGANKKRMARAS
;
_entity_poly.pdbx_strand_id   A,B,C,D
#
loop_
_chem_comp.id
_chem_comp.type
_chem_comp.name
_chem_comp.formula
MN non-polymer 'MANGANESE (II) ION' 'Mn 2'
PEG non-polymer DI(HYDROXYETHYL)ETHER 'C4 H10 O3'
PEP non-polymer PHOSPHOENOLPYRUVATE 'C3 H5 O6 P'
SO4 non-polymer 'SULFATE ION' 'O4 S -2'
#
# COMPACT_ATOMS: atom_id res chain seq x y z
N VAL A 15 15.39 9.55 6.69
CA VAL A 15 14.59 9.00 7.82
C VAL A 15 13.74 7.82 7.33
N LYS A 16 13.89 6.66 7.97
CA LYS A 16 13.26 5.40 7.51
C LYS A 16 11.72 5.46 7.44
N GLU A 17 11.16 4.93 6.35
CA GLU A 17 9.70 4.74 6.23
C GLU A 17 9.24 3.67 7.22
N LEU A 18 7.95 3.68 7.55
CA LEU A 18 7.37 2.65 8.41
C LEU A 18 7.26 1.26 7.76
N LEU A 19 7.99 0.27 8.28
CA LEU A 19 7.79 -1.12 7.87
C LEU A 19 6.40 -1.59 8.31
N PRO A 20 5.75 -2.41 7.47
CA PRO A 20 4.43 -2.92 7.82
C PRO A 20 4.51 -4.06 8.83
N PRO A 21 3.38 -4.37 9.50
CA PRO A 21 3.40 -5.49 10.44
C PRO A 21 4.00 -6.78 9.88
N ILE A 22 3.73 -7.11 8.64
CA ILE A 22 4.27 -8.36 8.06
C ILE A 22 5.79 -8.50 8.14
N ALA A 23 6.52 -7.40 8.08
CA ALA A 23 7.95 -7.44 8.18
C ALA A 23 8.36 -7.97 9.57
N HIS A 24 7.68 -7.54 10.62
CA HIS A 24 8.01 -7.95 11.97
C HIS A 24 7.43 -9.32 12.26
N LEU A 25 6.22 -9.57 11.80
CA LEU A 25 5.60 -10.88 12.04
C LEU A 25 6.42 -11.99 11.39
N TYR A 26 6.96 -11.72 10.22
CA TYR A 26 7.88 -12.64 9.55
C TYR A 26 9.27 -12.84 10.19
N GLU A 27 9.92 -11.77 10.62
CA GLU A 27 11.18 -11.87 11.39
C GLU A 27 10.97 -12.53 12.75
N LEU A 28 9.83 -12.28 13.38
CA LEU A 28 9.56 -12.73 14.74
C LEU A 28 8.18 -13.39 14.83
N PRO A 29 8.03 -14.57 14.22
CA PRO A 29 6.75 -15.24 14.27
C PRO A 29 6.42 -15.74 15.65
N ILE A 30 5.14 -15.86 15.96
CA ILE A 30 4.75 -16.36 17.26
C ILE A 30 5.09 -17.86 17.30
N SER A 31 5.63 -18.32 18.41
CA SER A 31 5.93 -19.74 18.58
C SER A 31 4.65 -20.47 18.98
N LYS A 32 4.63 -21.79 18.81
CA LYS A 32 3.50 -22.62 19.28
C LYS A 32 3.32 -22.45 20.78
N GLU A 33 4.43 -22.36 21.50
CA GLU A 33 4.37 -22.22 22.95
C GLU A 33 3.73 -20.89 23.33
N ALA A 34 4.18 -19.80 22.72
CA ALA A 34 3.67 -18.47 23.02
C ALA A 34 2.21 -18.36 22.61
N SER A 35 1.89 -18.89 21.43
CA SER A 35 0.53 -18.95 20.95
C SER A 35 -0.38 -19.67 21.93
N GLY A 36 0.07 -20.81 22.47
CA GLY A 36 -0.69 -21.57 23.46
C GLY A 36 -0.89 -20.83 24.78
N LEU A 37 0.14 -20.13 25.23
CA LEU A 37 0.06 -19.40 26.49
C LEU A 37 -0.96 -18.27 26.36
N VAL A 38 -0.91 -17.60 25.22
CA VAL A 38 -1.77 -16.45 25.02
C VAL A 38 -3.23 -16.91 24.96
N HIS A 39 -3.49 -17.94 24.16
CA HIS A 39 -4.83 -18.50 24.01
C HIS A 39 -5.41 -18.91 25.34
N ARG A 40 -4.59 -19.63 26.11
CA ARG A 40 -5.02 -20.15 27.40
C ARG A 40 -5.21 -19.02 28.44
N THR A 41 -4.26 -18.10 28.52
CA THR A 41 -4.37 -17.01 29.47
C THR A 41 -5.62 -16.16 29.15
N ARG A 42 -5.89 -15.88 27.87
CA ARG A 42 -7.08 -15.08 27.56
C ARG A 42 -8.36 -15.80 28.05
N GLN A 43 -8.44 -17.11 27.82
CA GLN A 43 -9.60 -17.89 28.25
C GLN A 43 -9.73 -17.86 29.77
N GLU A 44 -8.61 -18.04 30.47
CA GLU A 44 -8.60 -18.01 31.95
C GLU A 44 -9.11 -16.68 32.46
N ILE A 45 -8.66 -15.60 31.81
CA ILE A 45 -9.10 -14.27 32.20
C ILE A 45 -10.58 -14.04 31.91
N SER A 46 -11.06 -14.45 30.75
CA SER A 46 -12.48 -14.43 30.44
C SER A 46 -13.30 -15.08 31.56
N ASP A 47 -12.83 -16.24 32.02
CA ASP A 47 -13.46 -16.93 33.14
C ASP A 47 -13.49 -16.11 34.40
N LEU A 48 -12.44 -15.34 34.67
CA LEU A 48 -12.47 -14.45 35.82
C LEU A 48 -13.45 -13.33 35.60
N VAL A 49 -13.44 -12.74 34.41
CA VAL A 49 -14.30 -11.57 34.10
C VAL A 49 -15.79 -11.93 34.24
N HIS A 50 -16.14 -13.17 33.89
CA HIS A 50 -17.52 -13.66 33.93
C HIS A 50 -17.87 -14.49 35.16
N GLY A 51 -17.00 -14.48 36.15
CA GLY A 51 -17.29 -15.05 37.45
C GLY A 51 -17.27 -16.56 37.45
N ARG A 52 -16.62 -17.20 36.49
CA ARG A 52 -16.60 -18.65 36.46
C ARG A 52 -15.48 -19.24 37.32
N ASP A 53 -14.50 -18.44 37.71
CA ASP A 53 -13.36 -18.89 38.51
C ASP A 53 -13.08 -17.72 39.44
N LYS A 54 -12.61 -18.03 40.63
CA LYS A 54 -12.46 -17.04 41.67
C LYS A 54 -10.98 -16.70 41.98
N ARG A 55 -10.07 -17.15 41.14
CA ARG A 55 -8.70 -16.70 41.24
C ARG A 55 -8.70 -15.21 40.95
N LEU A 56 -7.70 -14.52 41.45
CA LEU A 56 -7.59 -13.06 41.31
C LEU A 56 -6.56 -12.74 40.24
N LEU A 57 -6.97 -12.06 39.17
CA LEU A 57 -6.04 -11.58 38.14
C LEU A 57 -5.14 -10.51 38.76
N VAL A 58 -3.85 -10.66 38.61
CA VAL A 58 -2.94 -9.62 39.08
C VAL A 58 -2.09 -9.16 37.94
N ILE A 59 -2.37 -7.94 37.50
CA ILE A 59 -1.65 -7.25 36.47
C ILE A 59 -0.56 -6.44 37.17
N ILE A 60 0.69 -6.88 37.06
CA ILE A 60 1.73 -6.29 37.89
C ILE A 60 3.06 -6.17 37.15
N GLY A 61 3.76 -5.08 37.40
CA GLY A 61 5.04 -4.84 36.76
C GLY A 61 5.20 -3.35 36.51
N PRO A 62 6.21 -3.00 35.71
CA PRO A 62 6.63 -1.61 35.55
C PRO A 62 5.53 -0.69 35.05
N CYS A 63 5.57 0.57 35.43
CA CYS A 63 4.70 1.56 34.79
C CYS A 63 4.90 1.55 33.26
N SER A 64 6.17 1.53 32.85
CA SER A 64 6.54 1.48 31.45
C SER A 64 7.73 0.61 31.27
N ILE A 65 7.82 -0.01 30.10
CA ILE A 65 9.05 -0.74 29.75
C ILE A 65 10.01 0.24 29.11
N HIS A 66 11.23 0.36 29.63
CA HIS A 66 12.27 1.13 28.93
C HIS A 66 13.59 0.36 28.69
N ASP A 67 13.70 -0.81 29.30
CA ASP A 67 14.87 -1.66 29.17
C ASP A 67 14.43 -3.12 29.19
N PRO A 68 14.50 -3.78 28.05
CA PRO A 68 14.17 -5.19 27.94
C PRO A 68 14.94 -6.11 28.89
N LYS A 69 16.21 -5.82 29.15
CA LYS A 69 17.00 -6.71 30.02
C LYS A 69 16.43 -6.73 31.44
N ALA A 70 16.21 -5.55 32.01
CA ALA A 70 15.58 -5.46 33.34
C ALA A 70 14.17 -6.05 33.30
N ALA A 71 13.51 -5.91 32.16
CA ALA A 71 12.16 -6.44 32.02
C ALA A 71 12.18 -7.95 32.10
N LEU A 72 13.18 -8.57 31.46
CA LEU A 72 13.32 -10.00 31.49
C LEU A 72 13.73 -10.50 32.85
N GLU A 73 14.61 -9.79 33.54
CA GLU A 73 14.99 -10.23 34.88
C GLU A 73 13.77 -10.14 35.79
N TYR A 74 12.98 -9.07 35.66
CA TYR A 74 11.76 -8.90 36.43
C TYR A 74 10.82 -10.06 36.15
N ALA A 75 10.65 -10.38 34.88
CA ALA A 75 9.79 -11.51 34.52
C ALA A 75 10.26 -12.85 35.11
N GLU A 76 11.57 -13.07 35.18
CA GLU A 76 12.09 -14.33 35.77
C GLU A 76 11.71 -14.47 37.26
N ARG A 77 11.83 -13.38 38.00
CA ARG A 77 11.46 -13.41 39.42
C ARG A 77 9.96 -13.55 39.56
N LEU A 78 9.23 -12.87 38.69
CA LEU A 78 7.76 -12.88 38.79
C LEU A 78 7.19 -14.23 38.41
N LEU A 79 7.80 -14.87 37.43
CA LEU A 79 7.38 -16.20 37.01
C LEU A 79 7.38 -17.21 38.15
N LYS A 80 8.38 -17.12 39.03
CA LYS A 80 8.43 -17.99 40.19
C LYS A 80 7.20 -17.82 41.07
N LEU A 81 6.74 -16.59 41.24
CA LEU A 81 5.57 -16.30 42.09
C LEU A 81 4.26 -16.60 41.36
N ARG A 82 4.24 -16.34 40.05
CA ARG A 82 3.11 -16.72 39.18
C ARG A 82 2.80 -18.21 39.40
N LYS A 83 3.86 -19.00 39.42
CA LYS A 83 3.75 -20.44 39.56
C LYS A 83 3.41 -20.77 41.00
N GLN A 84 4.16 -20.23 41.94
CA GLN A 84 3.87 -20.51 43.34
C GLN A 84 2.39 -20.26 43.71
N TYR A 85 1.82 -19.12 43.27
CA TYR A 85 0.49 -18.72 43.69
C TYR A 85 -0.62 -19.10 42.72
N GLU A 86 -0.32 -19.98 41.76
CA GLU A 86 -1.23 -20.23 40.62
C GLU A 86 -2.61 -20.74 41.00
N ASN A 87 -2.79 -21.26 42.21
CA ASN A 87 -4.13 -21.68 42.64
C ASN A 87 -4.94 -20.55 43.25
N GLU A 88 -4.28 -19.44 43.59
CA GLU A 88 -4.92 -18.25 44.15
C GLU A 88 -5.01 -17.06 43.20
N LEU A 89 -3.92 -16.81 42.49
CA LEU A 89 -3.69 -15.65 41.67
C LEU A 89 -3.39 -16.06 40.24
N LEU A 90 -3.90 -15.29 39.29
CA LEU A 90 -3.48 -15.39 37.90
C LEU A 90 -2.60 -14.16 37.63
N ILE A 91 -1.29 -14.36 37.63
CA ILE A 91 -0.32 -13.24 37.51
C ILE A 91 0.09 -13.04 36.07
N VAL A 92 -0.07 -11.79 35.60
CA VAL A 92 0.25 -11.38 34.25
C VAL A 92 1.11 -10.12 34.38
N MET A 93 2.25 -10.08 33.68
CA MET A 93 3.15 -8.94 33.77
C MET A 93 2.66 -7.71 33.03
N ARG A 94 2.85 -6.53 33.63
CA ARG A 94 2.65 -5.26 32.92
C ARG A 94 3.80 -5.06 31.96
N VAL A 95 3.50 -5.00 30.67
CA VAL A 95 4.50 -4.77 29.61
C VAL A 95 4.02 -3.62 28.75
N TYR A 96 4.03 -2.45 29.35
CA TYR A 96 3.42 -1.27 28.74
C TYR A 96 4.41 -0.53 27.83
N PHE A 97 4.02 -0.39 26.55
CA PHE A 97 4.85 0.18 25.50
C PHE A 97 4.42 1.57 25.05
N GLU A 98 3.24 2.00 25.52
CA GLU A 98 2.54 3.20 25.08
C GLU A 98 2.01 3.93 26.32
N LYS A 99 2.50 5.15 26.51
CA LYS A 99 2.22 5.95 27.68
C LYS A 99 1.48 7.25 27.32
N PRO A 100 0.31 7.46 27.92
CA PRO A 100 -0.43 8.67 27.67
C PRO A 100 0.04 9.77 28.61
N ARG A 101 0.58 10.87 28.08
CA ARG A 101 1.10 11.94 28.93
C ARG A 101 0.02 12.97 29.20
N THR A 102 0.16 13.62 30.35
CA THR A 102 -0.74 14.68 30.77
C THR A 102 -0.67 15.86 29.81
N THR A 103 0.53 16.24 29.40
CA THR A 103 0.73 17.16 28.29
C THR A 103 1.70 16.61 27.26
N VAL A 104 2.99 16.68 27.57
CA VAL A 104 4.03 16.14 26.69
C VAL A 104 4.98 15.29 27.53
N GLY A 105 5.83 14.54 26.86
CA GLY A 105 6.77 13.62 27.52
C GLY A 105 7.00 12.34 26.71
N TRP A 106 7.89 11.50 27.21
CA TRP A 106 8.24 10.25 26.56
C TRP A 106 7.02 9.34 26.49
N LYS A 107 6.67 8.88 25.30
CA LYS A 107 5.43 8.12 25.12
C LYS A 107 5.65 6.61 25.16
N GLY A 108 6.88 6.18 25.44
CA GLY A 108 7.17 4.77 25.66
C GLY A 108 8.14 4.21 24.64
N LEU A 109 8.39 2.91 24.77
CA LEU A 109 9.45 2.26 24.07
C LEU A 109 9.20 2.23 22.58
N ILE A 110 7.95 2.05 22.17
CA ILE A 110 7.66 2.00 20.73
C ILE A 110 7.94 3.36 20.07
N ASN A 111 7.41 4.41 20.66
CA ASN A 111 7.53 5.76 20.08
C ASN A 111 8.95 6.28 20.09
N ASP A 112 9.71 5.99 21.14
CA ASP A 112 11.07 6.48 21.29
C ASP A 112 11.98 5.49 22.02
N PRO A 113 12.36 4.41 21.37
CA PRO A 113 13.07 3.34 22.04
C PRO A 113 14.45 3.72 22.55
N HIS A 114 15.16 4.62 21.88
CA HIS A 114 16.51 4.96 22.35
C HIS A 114 16.49 5.99 23.49
N LEU A 115 15.30 6.51 23.83
CA LEU A 115 15.12 7.31 25.05
C LEU A 115 15.83 8.66 24.92
N ASP A 116 16.01 9.09 23.68
CA ASP A 116 16.75 10.31 23.36
C ASP A 116 16.07 11.26 22.38
N GLY A 117 14.78 11.07 22.09
CA GLY A 117 14.11 11.92 21.13
C GLY A 117 14.49 11.64 19.70
N THR A 118 14.83 10.40 19.37
CA THR A 118 15.08 10.03 17.97
C THR A 118 13.90 9.32 17.29
N PHE A 119 12.93 8.86 18.05
CA PHE A 119 11.66 8.37 17.49
C PHE A 119 11.86 7.29 16.42
N ASP A 120 12.71 6.32 16.76
CA ASP A 120 13.04 5.22 15.87
C ASP A 120 11.96 4.16 16.01
N ILE A 121 10.79 4.44 15.46
CA ILE A 121 9.61 3.60 15.72
C ILE A 121 9.78 2.19 15.12
N ASN A 122 10.49 2.07 13.99
CA ASN A 122 10.69 0.73 13.43
C ASN A 122 11.41 -0.15 14.44
N PHE A 123 12.50 0.38 15.01
CA PHE A 123 13.26 -0.32 16.05
C PHE A 123 12.41 -0.59 17.30
N GLY A 124 11.60 0.41 17.67
CA GLY A 124 10.72 0.34 18.85
C GLY A 124 9.73 -0.79 18.68
N LEU A 125 9.16 -0.88 17.49
CA LEU A 125 8.20 -1.95 17.20
C LEU A 125 8.84 -3.35 17.24
N SER A 126 10.02 -3.55 16.63
CA SER A 126 10.63 -4.90 16.70
C SER A 126 11.07 -5.22 18.13
N GLN A 127 11.59 -4.25 18.84
CA GLN A 127 12.03 -4.49 20.22
C GLN A 127 10.86 -4.87 21.13
N ALA A 128 9.74 -4.18 20.98
CA ALA A 128 8.54 -4.55 21.70
C ALA A 128 8.07 -5.95 21.36
N ARG A 129 8.04 -6.28 20.07
CA ARG A 129 7.57 -7.58 19.66
C ARG A 129 8.54 -8.67 20.17
N SER A 130 9.83 -8.37 20.12
CA SER A 130 10.84 -9.34 20.53
C SER A 130 10.80 -9.58 22.02
N LEU A 131 10.67 -8.53 22.82
CA LEU A 131 10.50 -8.73 24.26
C LEU A 131 9.23 -9.53 24.57
N LEU A 132 8.14 -9.18 23.90
CA LEU A 132 6.87 -9.89 24.13
C LEU A 132 6.97 -11.38 23.78
N LEU A 133 7.67 -11.71 22.70
CA LEU A 133 7.84 -13.07 22.30
C LEU A 133 8.70 -13.82 23.34
N SER A 134 9.81 -13.21 23.76
CA SER A 134 10.66 -13.81 24.80
C SER A 134 9.91 -14.04 26.12
N LEU A 135 9.10 -13.07 26.54
CA LEU A 135 8.33 -13.19 27.78
C LEU A 135 7.38 -14.37 27.67
N ASN A 136 6.61 -14.43 26.59
CA ASN A 136 5.68 -15.53 26.45
C ASN A 136 6.41 -16.86 26.37
N ASN A 137 7.50 -16.91 25.62
CA ASN A 137 8.29 -18.14 25.52
C ASN A 137 8.82 -18.65 26.87
N MET A 138 9.10 -17.76 27.82
CA MET A 138 9.52 -18.20 29.14
C MET A 138 8.35 -18.59 30.04
N GLY A 139 7.10 -18.39 29.59
CA GLY A 139 5.91 -18.73 30.38
C GLY A 139 5.23 -17.56 31.13
N MET A 140 5.65 -16.33 30.83
CA MET A 140 5.08 -15.12 31.45
C MET A 140 4.18 -14.41 30.46
N PRO A 141 2.87 -14.45 30.67
CA PRO A 141 1.99 -13.69 29.79
C PRO A 141 2.12 -12.19 29.99
N ALA A 142 1.65 -11.43 29.00
CA ALA A 142 1.85 -9.97 28.93
C ALA A 142 0.55 -9.18 28.82
N SER A 143 0.59 -7.98 29.39
CA SER A 143 -0.50 -7.04 29.33
C SER A 143 0.06 -5.70 28.88
N THR A 144 -0.78 -4.88 28.26
CA THR A 144 -0.36 -3.53 27.89
C THR A 144 -1.57 -2.62 27.76
N GLU A 145 -1.35 -1.30 27.80
CA GLU A 145 -2.39 -0.33 27.43
C GLU A 145 -2.34 -0.13 25.93
N PHE A 146 -3.50 -0.33 25.28
CA PHE A 146 -3.64 -0.05 23.87
C PHE A 146 -4.06 1.40 23.74
N LEU A 147 -3.08 2.23 23.43
CA LEU A 147 -3.29 3.66 23.21
C LEU A 147 -3.35 4.06 21.72
N ASP A 148 -2.35 3.63 20.96
N ASP A 148 -2.38 3.63 20.96
CA ASP A 148 -2.22 4.00 19.55
CA ASP A 148 -2.26 4.08 19.57
C ASP A 148 -3.15 3.14 18.70
C ASP A 148 -3.07 3.15 18.67
N MET A 149 -3.63 3.70 17.59
CA MET A 149 -4.56 2.97 16.74
C MET A 149 -3.91 2.00 15.75
N ILE A 150 -2.66 2.23 15.39
CA ILE A 150 -2.00 1.48 14.31
C ILE A 150 -0.96 0.48 14.82
N THR A 151 -0.31 0.79 15.96
CA THR A 151 0.68 -0.14 16.50
C THR A 151 0.15 -1.54 16.91
N PRO A 152 -1.11 -1.69 17.33
CA PRO A 152 -1.45 -3.05 17.84
C PRO A 152 -1.27 -4.23 16.86
N GLN A 153 -1.40 -3.97 15.55
CA GLN A 153 -1.20 -5.00 14.53
C GLN A 153 0.19 -5.62 14.62
N TYR A 154 1.13 -4.90 15.22
CA TYR A 154 2.50 -5.36 15.32
C TYR A 154 2.76 -6.34 16.47
N TYR A 155 1.96 -6.23 17.53
CA TYR A 155 2.14 -7.09 18.72
C TYR A 155 0.92 -7.76 19.40
N ALA A 156 -0.30 -7.43 19.00
CA ALA A 156 -1.50 -7.78 19.81
C ALA A 156 -1.64 -9.30 19.97
N ASP A 157 -1.09 -10.04 19.01
CA ASP A 157 -1.06 -11.50 19.06
C ASP A 157 -0.34 -12.06 20.28
N LEU A 158 0.50 -11.23 20.89
CA LEU A 158 1.26 -11.62 22.07
C LEU A 158 0.71 -11.10 23.39
N ILE A 159 -0.46 -10.47 23.37
CA ILE A 159 -1.03 -9.83 24.56
C ILE A 159 -2.24 -10.64 25.10
N SER A 160 -2.24 -10.91 26.40
CA SER A 160 -3.28 -11.69 27.04
C SER A 160 -4.37 -10.84 27.70
N TRP A 161 -4.07 -9.59 28.02
CA TRP A 161 -5.05 -8.68 28.59
C TRP A 161 -4.66 -7.29 28.21
N GLY A 162 -5.63 -6.44 27.91
CA GLY A 162 -5.29 -5.06 27.53
C GLY A 162 -6.03 -4.04 28.37
N ALA A 163 -5.43 -2.87 28.49
CA ALA A 163 -6.04 -1.76 29.20
C ALA A 163 -6.38 -0.66 28.21
N ILE A 164 -7.49 0.02 28.45
CA ILE A 164 -7.76 1.29 27.83
C ILE A 164 -7.69 2.27 28.99
N GLY A 165 -6.80 3.26 28.85
CA GLY A 165 -6.49 4.15 29.96
C GLY A 165 -7.60 5.14 30.34
N ALA A 166 -7.45 5.70 31.52
CA ALA A 166 -8.39 6.66 32.05
C ALA A 166 -8.73 7.76 31.05
N ARG A 167 -7.73 8.18 30.28
CA ARG A 167 -7.82 9.35 29.41
C ARG A 167 -8.43 9.07 28.05
N THR A 168 -8.63 7.78 27.78
CA THR A 168 -9.17 7.31 26.51
C THR A 168 -10.42 6.40 26.59
N THR A 169 -10.84 6.04 27.79
CA THR A 169 -11.99 5.15 27.95
C THR A 169 -13.26 5.74 27.27
N GLU A 170 -13.38 7.06 27.29
CA GLU A 170 -14.58 7.74 26.77
C GLU A 170 -14.46 7.92 25.27
N SER A 171 -13.28 7.71 24.71
CA SER A 171 -13.00 7.93 23.29
C SER A 171 -13.60 6.84 22.39
N GLN A 172 -14.40 7.23 21.42
CA GLN A 172 -15.05 6.27 20.53
C GLN A 172 -14.03 5.42 19.74
N VAL A 173 -12.90 6.02 19.37
CA VAL A 173 -11.93 5.28 18.57
C VAL A 173 -11.24 4.21 19.40
N HIS A 174 -11.11 4.43 20.72
CA HIS A 174 -10.58 3.38 21.57
C HIS A 174 -11.59 2.27 21.87
N ARG A 175 -12.87 2.63 21.99
CA ARG A 175 -13.90 1.61 22.14
C ARG A 175 -13.96 0.77 20.87
N GLU A 176 -13.82 1.42 19.72
CA GLU A 176 -13.74 0.70 18.44
C GLU A 176 -12.60 -0.31 18.44
N LEU A 177 -11.40 0.18 18.76
CA LEU A 177 -10.22 -0.69 18.83
C LEU A 177 -10.48 -1.90 19.72
N ALA A 178 -11.00 -1.67 20.93
CA ALA A 178 -11.29 -2.72 21.87
C ALA A 178 -12.27 -3.78 21.36
N SER A 179 -13.26 -3.33 20.59
CA SER A 179 -14.29 -4.20 20.07
C SER A 179 -13.71 -5.22 19.09
N GLY A 180 -12.53 -4.92 18.57
CA GLY A 180 -11.82 -5.77 17.63
C GLY A 180 -10.67 -6.53 18.23
N LEU A 181 -10.34 -6.29 19.50
CA LEU A 181 -9.25 -7.03 20.14
C LEU A 181 -9.71 -8.42 20.59
N SER A 182 -8.81 -9.39 20.54
CA SER A 182 -9.15 -10.78 20.87
C SER A 182 -8.81 -11.13 22.32
N CYS A 183 -8.29 -10.17 23.09
CA CYS A 183 -8.00 -10.38 24.49
C CYS A 183 -9.06 -9.67 25.33
N PRO A 184 -9.27 -10.10 26.58
CA PRO A 184 -10.07 -9.28 27.46
C PRO A 184 -9.50 -7.87 27.63
N VAL A 185 -10.37 -6.92 27.94
CA VAL A 185 -9.99 -5.53 28.00
C VAL A 185 -10.58 -4.91 29.25
N GLY A 186 -9.74 -4.23 30.03
CA GLY A 186 -10.20 -3.40 31.12
C GLY A 186 -10.21 -1.93 30.76
N PHE A 187 -11.34 -1.26 31.06
CA PHE A 187 -11.54 0.17 30.86
C PHE A 187 -11.43 0.90 32.19
N LYS A 188 -10.52 1.84 32.29
CA LYS A 188 -10.34 2.59 33.52
C LYS A 188 -11.41 3.67 33.63
N ASN A 189 -11.85 3.95 34.86
CA ASN A 189 -12.65 5.13 35.11
C ASN A 189 -11.88 6.37 34.73
N GLY A 190 -12.59 7.48 34.51
CA GLY A 190 -11.95 8.71 34.06
C GLY A 190 -11.05 9.29 35.11
N THR A 191 -10.19 10.23 34.71
CA THR A 191 -9.16 10.75 35.60
C THR A 191 -9.75 11.52 36.81
N ASP A 192 -10.97 12.05 36.68
CA ASP A 192 -11.64 12.66 37.82
C ASP A 192 -12.58 11.71 38.55
N GLY A 193 -12.62 10.42 38.17
CA GLY A 193 -13.39 9.42 38.91
C GLY A 193 -14.67 8.92 38.26
N ASN A 194 -14.99 9.39 37.07
CA ASN A 194 -16.25 9.01 36.44
C ASN A 194 -16.19 7.55 36.01
N LEU A 195 -17.01 6.74 36.66
CA LEU A 195 -17.12 5.32 36.37
C LEU A 195 -18.06 5.07 35.19
N LYS A 196 -19.08 5.91 35.02
CA LYS A 196 -20.11 5.65 34.02
C LYS A 196 -19.49 5.50 32.62
N ILE A 197 -18.50 6.31 32.30
CA ILE A 197 -17.82 6.19 31.03
C ILE A 197 -17.18 4.81 30.77
N ALA A 198 -16.74 4.11 31.81
CA ALA A 198 -16.14 2.81 31.63
C ALA A 198 -17.23 1.76 31.45
N ILE A 199 -18.35 1.96 32.13
CA ILE A 199 -19.55 1.13 31.96
C ILE A 199 -20.08 1.29 30.55
N ASP A 200 -20.15 2.55 30.07
CA ASP A 200 -20.62 2.83 28.71
C ASP A 200 -19.66 2.19 27.73
N ALA A 201 -18.36 2.26 28.05
CA ALA A 201 -17.34 1.67 27.17
C ALA A 201 -17.48 0.16 27.02
N ILE A 202 -17.74 -0.57 28.09
CA ILE A 202 -18.06 -2.00 27.96
C ILE A 202 -19.21 -2.22 26.95
N GLY A 203 -20.27 -1.42 27.09
CA GLY A 203 -21.41 -1.47 26.21
C GLY A 203 -21.01 -1.29 24.77
N ALA A 204 -20.30 -0.20 24.50
CA ALA A 204 -19.81 0.08 23.16
C ALA A 204 -18.90 -1.00 22.61
N ALA A 205 -17.94 -1.43 23.43
CA ALA A 205 -16.91 -2.37 22.97
C ALA A 205 -17.44 -3.80 22.74
N SER A 206 -18.52 -4.16 23.44
CA SER A 206 -19.16 -5.46 23.24
C SER A 206 -19.89 -5.56 21.90
N HIS A 207 -20.11 -4.43 21.23
CA HIS A 207 -20.80 -4.44 19.95
C HIS A 207 -19.88 -4.48 18.79
N SER A 208 -20.48 -4.83 17.66
CA SER A 208 -19.80 -4.78 16.40
C SER A 208 -19.61 -3.32 15.96
N HIS A 209 -18.52 -3.02 15.30
CA HIS A 209 -18.27 -1.68 14.77
C HIS A 209 -17.70 -1.78 13.38
N HIS A 210 -17.90 -0.73 12.59
CA HIS A 210 -17.21 -0.56 11.32
C HIS A 210 -16.42 0.72 11.43
N PHE A 211 -15.16 0.66 11.05
CA PHE A 211 -14.32 1.83 11.08
C PHE A 211 -13.09 1.55 10.23
N LEU A 212 -12.26 2.57 10.06
CA LEU A 212 -11.01 2.48 9.35
C LEU A 212 -9.85 2.08 10.28
N SER A 213 -9.00 1.21 9.75
CA SER A 213 -7.83 0.69 10.44
C SER A 213 -6.79 0.31 9.39
N VAL A 214 -5.66 -0.25 9.83
CA VAL A 214 -4.56 -0.56 8.94
C VAL A 214 -4.33 -2.06 8.98
N THR A 215 -4.15 -2.65 7.79
CA THR A 215 -3.92 -4.08 7.64
C THR A 215 -2.50 -4.46 8.04
N LYS A 216 -2.25 -5.77 8.07
CA LYS A 216 -0.92 -6.29 8.39
C LYS A 216 0.08 -5.94 7.29
N ALA A 217 -0.40 -5.68 6.08
CA ALA A 217 0.46 -5.20 4.99
C ALA A 217 0.69 -3.68 5.02
N GLY A 218 0.10 -2.98 5.97
CA GLY A 218 0.34 -1.57 6.12
C GLY A 218 -0.53 -0.63 5.32
N HIS A 219 -1.65 -1.13 4.76
CA HIS A 219 -2.60 -0.29 4.02
CA HIS A 219 -2.59 -0.31 4.02
C HIS A 219 -3.88 -0.07 4.83
N SER A 220 -4.47 1.12 4.67
CA SER A 220 -5.70 1.45 5.39
C SER A 220 -6.80 0.59 4.79
N ALA A 221 -7.79 0.25 5.60
CA ALA A 221 -8.89 -0.56 5.16
C ALA A 221 -10.08 -0.31 6.05
N ILE A 222 -11.24 -0.74 5.59
CA ILE A 222 -12.46 -0.75 6.37
C ILE A 222 -12.45 -2.07 7.11
N VAL A 223 -12.61 -2.01 8.43
CA VAL A 223 -12.71 -3.22 9.23
C VAL A 223 -14.08 -3.30 9.88
N HIS A 224 -14.53 -4.52 10.11
CA HIS A 224 -15.81 -4.78 10.72
C HIS A 224 -15.54 -5.74 11.88
N THR A 225 -15.65 -5.28 13.12
CA THR A 225 -15.26 -6.09 14.25
C THR A 225 -16.48 -6.84 14.73
N GLY A 226 -16.25 -7.86 15.52
CA GLY A 226 -17.32 -8.69 16.04
C GLY A 226 -17.77 -8.30 17.41
N GLY A 227 -17.06 -7.37 18.07
CA GLY A 227 -17.35 -7.01 19.46
C GLY A 227 -16.51 -7.86 20.41
N ASN A 228 -16.23 -7.32 21.59
CA ASN A 228 -15.41 -8.00 22.56
C ASN A 228 -16.30 -8.34 23.77
N PRO A 229 -16.55 -9.64 24.02
CA PRO A 229 -17.45 -10.04 25.12
C PRO A 229 -16.76 -10.04 26.50
N ASP A 230 -15.47 -9.80 26.54
CA ASP A 230 -14.69 -9.89 27.77
C ASP A 230 -14.17 -8.58 28.37
N CYS A 231 -14.96 -7.51 28.33
CA CYS A 231 -14.53 -6.22 28.87
C CYS A 231 -15.03 -6.07 30.31
N HIS A 232 -14.27 -5.33 31.09
CA HIS A 232 -14.64 -5.00 32.46
C HIS A 232 -14.09 -3.62 32.83
N VAL A 233 -14.50 -3.12 33.99
CA VAL A 233 -14.03 -1.84 34.48
C VAL A 233 -12.85 -2.02 35.42
N ILE A 234 -12.08 -0.96 35.55
CA ILE A 234 -10.98 -0.86 36.48
C ILE A 234 -11.17 0.44 37.32
N LEU A 235 -11.20 0.27 38.63
CA LEU A 235 -11.25 1.38 39.56
C LEU A 235 -9.81 1.84 39.85
N ARG A 236 -9.47 3.03 39.37
CA ARG A 236 -8.13 3.61 39.52
C ARG A 236 -8.07 4.95 40.25
N GLY A 237 -9.17 5.35 40.89
CA GLY A 237 -9.24 6.57 41.65
C GLY A 237 -9.63 7.74 40.78
N GLY A 238 -10.02 8.82 41.45
CA GLY A 238 -10.31 10.07 40.78
C GLY A 238 -9.84 11.18 41.67
N LYS A 239 -10.69 12.18 41.86
CA LYS A 239 -10.40 13.21 42.83
C LYS A 239 -10.22 12.55 44.21
N GLU A 240 -11.04 11.53 44.51
CA GLU A 240 -10.85 10.69 45.69
C GLU A 240 -10.55 9.27 45.26
N PRO A 241 -9.87 8.49 46.12
CA PRO A 241 -9.70 7.07 45.81
C PRO A 241 -11.04 6.36 45.70
N ASN A 242 -11.10 5.29 44.92
CA ASN A 242 -12.34 4.52 44.77
C ASN A 242 -12.21 3.02 45.02
N TYR A 243 -11.23 2.62 45.81
CA TYR A 243 -10.91 1.18 45.99
C TYR A 243 -11.67 0.47 47.09
N ASP A 244 -12.32 1.21 47.98
CA ASP A 244 -12.86 0.56 49.18
C ASP A 244 -14.18 -0.17 48.94
N ALA A 245 -14.66 -0.89 49.96
CA ALA A 245 -15.80 -1.78 49.80
C ALA A 245 -17.05 -1.04 49.34
N GLU A 246 -17.22 0.18 49.84
CA GLU A 246 -18.36 1.00 49.47
C GLU A 246 -18.31 1.43 47.99
N HIS A 247 -17.17 1.85 47.49
CA HIS A 247 -17.08 2.15 46.05
C HIS A 247 -17.25 0.91 45.20
N VAL A 248 -16.75 -0.23 45.66
CA VAL A 248 -16.87 -1.48 44.89
C VAL A 248 -18.34 -1.86 44.81
N SER A 249 -19.04 -1.68 45.92
CA SER A 249 -20.43 -2.05 46.02
C SER A 249 -21.31 -1.16 45.12
N GLU A 250 -21.03 0.14 45.13
CA GLU A 250 -21.75 1.09 44.29
C GLU A 250 -21.48 0.78 42.82
N ALA A 251 -20.23 0.48 42.48
CA ALA A 251 -19.89 0.15 41.09
C ALA A 251 -20.59 -1.12 40.61
N ALA A 252 -20.58 -2.15 41.45
CA ALA A 252 -21.25 -3.40 41.14
C ALA A 252 -22.74 -3.19 40.83
N GLU A 253 -23.42 -2.37 41.64
CA GLU A 253 -24.82 -2.01 41.39
C GLU A 253 -24.97 -1.37 40.02
N GLN A 254 -24.12 -0.41 39.70
CA GLN A 254 -24.24 0.29 38.42
C GLN A 254 -23.98 -0.68 37.28
N LEU A 255 -23.00 -1.57 37.50
CA LEU A 255 -22.68 -2.58 36.50
C LEU A 255 -23.88 -3.49 36.21
N ARG A 256 -24.52 -3.97 37.26
CA ARG A 256 -25.69 -4.82 37.07
C ARG A 256 -26.84 -4.04 36.40
N ALA A 257 -27.08 -2.80 36.80
CA ALA A 257 -28.13 -1.99 36.16
C ALA A 257 -27.89 -1.84 34.68
N ALA A 258 -26.64 -1.78 34.24
CA ALA A 258 -26.35 -1.62 32.83
C ALA A 258 -26.30 -2.97 32.09
N GLY A 259 -26.52 -4.08 32.78
CA GLY A 259 -26.54 -5.39 32.11
C GLY A 259 -25.17 -5.93 31.73
N VAL A 260 -24.10 -5.42 32.36
CA VAL A 260 -22.77 -5.91 32.07
C VAL A 260 -22.14 -6.54 33.32
N THR A 261 -21.04 -7.24 33.15
CA THR A 261 -20.41 -7.94 34.26
C THR A 261 -20.14 -7.03 35.45
N ASP A 262 -20.49 -7.52 36.64
CA ASP A 262 -20.24 -6.79 37.86
C ASP A 262 -18.97 -7.28 38.58
N LYS A 263 -18.12 -8.00 37.86
CA LYS A 263 -16.76 -8.32 38.34
C LYS A 263 -15.80 -7.24 37.81
N LEU A 264 -14.99 -6.67 38.68
CA LEU A 264 -14.16 -5.52 38.35
C LEU A 264 -12.74 -5.62 38.89
N MET A 265 -11.86 -4.75 38.40
CA MET A 265 -10.47 -4.76 38.77
C MET A 265 -10.19 -3.48 39.53
N ILE A 266 -9.29 -3.53 40.49
CA ILE A 266 -8.91 -2.36 41.27
C ILE A 266 -7.43 -2.08 41.09
N ASP A 267 -7.10 -0.89 40.61
CA ASP A 267 -5.71 -0.43 40.48
C ASP A 267 -5.25 0.08 41.84
N CYS A 268 -4.15 -0.46 42.34
CA CYS A 268 -3.56 -0.01 43.61
C CYS A 268 -2.76 1.25 43.44
N SER A 269 -2.45 1.60 42.20
CA SER A 269 -1.59 2.72 41.86
C SER A 269 -2.35 3.97 41.37
N HIS A 270 -1.61 4.87 40.71
CA HIS A 270 -2.20 6.08 40.18
C HIS A 270 -3.06 6.83 41.22
N ALA A 271 -4.29 7.18 40.90
CA ALA A 271 -5.08 8.03 41.79
C ALA A 271 -5.53 7.28 43.04
N ASN A 272 -5.45 5.96 43.04
CA ASN A 272 -5.82 5.23 44.24
C ASN A 272 -4.73 5.24 45.29
N SER A 273 -3.48 5.40 44.89
CA SER A 273 -2.37 5.53 45.84
C SER A 273 -2.05 7.00 46.03
N ARG A 274 -2.84 7.86 45.38
CA ARG A 274 -2.61 9.32 45.30
C ARG A 274 -1.27 9.63 44.67
N LYS A 275 -0.93 8.85 43.63
CA LYS A 275 0.38 8.90 42.99
C LYS A 275 1.59 8.75 43.96
N ASP A 276 1.42 8.00 45.04
CA ASP A 276 2.49 7.75 46.01
C ASP A 276 2.74 6.24 46.08
N TYR A 277 3.85 5.79 45.50
CA TYR A 277 4.12 4.36 45.39
C TYR A 277 4.11 3.65 46.73
N THR A 278 4.45 4.37 47.80
CA THR A 278 4.43 3.79 49.15
C THR A 278 3.04 3.43 49.68
N ARG A 279 1.99 3.94 49.03
CA ARG A 279 0.64 3.64 49.42
C ARG A 279 -0.08 2.54 48.61
N GLN A 280 0.57 1.97 47.59
CA GLN A 280 0.00 0.80 46.93
C GLN A 280 -0.31 -0.36 47.90
N MET A 281 0.58 -0.61 48.85
CA MET A 281 0.42 -1.67 49.84
C MET A 281 -0.79 -1.43 50.71
N GLU A 282 -0.99 -0.18 51.09
CA GLU A 282 -2.19 0.25 51.81
C GLU A 282 -3.49 -0.09 51.04
N VAL A 283 -3.51 0.18 49.74
CA VAL A 283 -4.67 -0.17 48.93
C VAL A 283 -4.81 -1.71 48.88
N ALA A 284 -3.71 -2.40 48.64
CA ALA A 284 -3.70 -3.89 48.64
C ALA A 284 -4.18 -4.53 49.94
N GLN A 285 -3.81 -3.92 51.07
CA GLN A 285 -4.29 -4.40 52.37
C GLN A 285 -5.79 -4.25 52.45
N ASP A 286 -6.32 -3.13 51.94
CA ASP A 286 -7.74 -2.90 51.98
C ASP A 286 -8.46 -3.93 51.11
N ILE A 287 -7.90 -4.19 49.93
CA ILE A 287 -8.46 -5.21 49.05
C ILE A 287 -8.40 -6.59 49.74
N ALA A 288 -7.28 -6.88 50.42
CA ALA A 288 -7.12 -8.18 51.07
C ALA A 288 -8.23 -8.37 52.10
N ALA A 289 -8.49 -7.31 52.86
CA ALA A 289 -9.53 -7.35 53.87
C ALA A 289 -10.88 -7.59 53.20
N GLN A 290 -11.12 -6.95 52.06
CA GLN A 290 -12.39 -7.15 51.36
C GLN A 290 -12.53 -8.60 50.93
N LEU A 291 -11.46 -9.17 50.38
CA LEU A 291 -11.47 -10.54 49.89
C LEU A 291 -11.76 -11.54 51.02
N GLU A 292 -11.18 -11.31 52.18
CA GLU A 292 -11.49 -12.14 53.36
C GLU A 292 -12.91 -12.02 53.86
N GLN A 293 -13.46 -10.80 53.90
CA GLN A 293 -14.84 -10.64 54.36
C GLN A 293 -15.84 -11.16 53.28
N ASP A 294 -15.71 -10.68 52.05
CA ASP A 294 -16.59 -11.11 50.96
C ASP A 294 -15.84 -10.90 49.64
N GLY A 295 -15.84 -9.67 49.12
CA GLY A 295 -15.04 -9.33 47.96
C GLY A 295 -15.50 -9.99 46.68
N GLY A 296 -16.76 -10.41 46.63
CA GLY A 296 -17.28 -11.19 45.53
C GLY A 296 -17.29 -10.52 44.16
N ASN A 297 -17.30 -9.19 44.13
CA ASN A 297 -17.24 -8.44 42.86
C ASN A 297 -15.84 -8.09 42.37
N ILE A 298 -14.81 -8.56 43.06
CA ILE A 298 -13.45 -8.24 42.69
C ILE A 298 -12.90 -9.41 41.89
N MET A 299 -12.45 -9.16 40.67
CA MET A 299 -11.78 -10.24 39.89
C MET A 299 -10.32 -9.97 39.64
N GLY A 300 -9.85 -8.79 40.04
CA GLY A 300 -8.50 -8.41 39.68
C GLY A 300 -7.98 -7.16 40.36
N VAL A 301 -6.65 -7.07 40.29
CA VAL A 301 -5.88 -5.99 40.88
C VAL A 301 -4.75 -5.58 39.95
N MET A 302 -4.33 -4.32 40.04
CA MET A 302 -3.24 -3.78 39.26
C MET A 302 -2.22 -3.13 40.19
N VAL A 303 -0.94 -3.34 39.89
CA VAL A 303 0.15 -2.91 40.77
C VAL A 303 1.32 -2.45 39.90
N GLU A 304 1.90 -1.32 40.27
CA GLU A 304 3.06 -0.81 39.56
C GLU A 304 4.31 -1.15 40.38
N SER A 305 5.14 -2.02 39.81
CA SER A 305 6.21 -2.74 40.52
C SER A 305 7.40 -2.83 39.60
N HIS A 306 8.61 -2.72 40.15
CA HIS A 306 9.83 -2.92 39.38
C HIS A 306 10.89 -3.59 40.27
N LEU A 307 12.08 -3.79 39.73
CA LEU A 307 13.15 -4.40 40.48
C LEU A 307 13.45 -3.49 41.65
N VAL A 308 13.53 -2.19 41.37
CA VAL A 308 13.91 -1.19 42.34
C VAL A 308 12.77 -0.16 42.51
N GLU A 309 12.54 0.27 43.76
CA GLU A 309 11.46 1.21 44.05
C GLU A 309 11.76 2.60 43.56
N GLY A 310 10.73 3.43 43.49
CA GLY A 310 10.87 4.84 43.12
C GLY A 310 10.83 5.06 41.62
N ARG A 311 11.41 6.19 41.21
CA ARG A 311 11.52 6.58 39.81
C ARG A 311 12.76 7.46 39.66
N GLN A 312 13.11 7.70 38.42
CA GLN A 312 14.28 8.53 38.10
C GLN A 312 13.98 9.21 36.77
N ASP A 313 14.49 10.42 36.58
CA ASP A 313 14.23 11.15 35.34
C ASP A 313 14.97 10.57 34.19
N LYS A 314 16.17 10.08 34.46
CA LYS A 314 17.00 9.49 33.41
C LYS A 314 17.25 8.04 33.72
N PRO A 315 17.50 7.26 32.67
CA PRO A 315 17.63 5.81 32.79
C PRO A 315 19.04 5.38 33.23
N GLU A 316 19.39 5.70 34.47
CA GLU A 316 20.74 5.47 34.96
C GLU A 316 20.82 4.17 35.73
N VAL A 317 19.90 4.03 36.68
CA VAL A 317 19.78 2.86 37.52
C VAL A 317 19.05 1.75 36.81
N TYR A 318 19.57 0.55 36.97
CA TYR A 318 19.01 -0.62 36.35
C TYR A 318 17.74 -1.02 37.09
N GLY A 319 16.65 -1.26 36.37
CA GLY A 319 15.43 -1.75 36.99
C GLY A 319 14.62 -0.75 37.79
N LYS A 320 14.75 0.52 37.45
CA LYS A 320 14.04 1.61 38.13
C LYS A 320 13.25 2.46 37.11
N SER A 321 12.00 2.77 37.45
CA SER A 321 11.07 3.40 36.51
C SER A 321 11.54 4.77 36.08
N ILE A 322 11.35 5.11 34.80
CA ILE A 322 11.49 6.48 34.34
C ILE A 322 10.12 7.17 34.16
N THR A 323 9.03 6.45 34.42
CA THR A 323 7.68 7.05 34.45
C THR A 323 7.15 7.06 35.90
N ASP A 324 5.98 6.51 36.18
CA ASP A 324 5.48 6.57 37.56
C ASP A 324 6.36 5.76 38.49
N ALA A 325 6.46 6.20 39.73
CA ALA A 325 7.22 5.47 40.75
C ALA A 325 6.57 4.12 41.04
N CYS A 326 7.38 3.08 41.20
CA CYS A 326 6.91 1.74 41.45
C CYS A 326 7.40 1.26 42.82
N ILE A 327 6.70 0.29 43.40
CA ILE A 327 7.29 -0.49 44.49
C ILE A 327 8.43 -1.35 43.94
N GLY A 328 9.39 -1.66 44.79
CA GLY A 328 10.55 -2.50 44.41
C GLY A 328 10.24 -3.97 44.62
N TRP A 329 11.23 -4.81 44.37
CA TRP A 329 11.00 -6.24 44.39
C TRP A 329 10.57 -6.83 45.75
N GLY A 330 11.25 -6.42 46.83
CA GLY A 330 10.94 -6.89 48.18
C GLY A 330 9.48 -6.65 48.55
N ALA A 331 9.02 -5.43 48.34
CA ALA A 331 7.63 -5.11 48.64
C ALA A 331 6.64 -5.85 47.73
N THR A 332 7.05 -6.10 46.48
CA THR A 332 6.25 -6.85 45.54
C THR A 332 5.98 -8.27 46.08
N GLU A 333 7.04 -8.90 46.59
CA GLU A 333 6.92 -10.20 47.26
C GLU A 333 5.92 -10.17 48.41
N GLU A 334 6.01 -9.14 49.22
CA GLU A 334 5.09 -9.02 50.34
C GLU A 334 3.66 -8.78 49.86
N LEU A 335 3.50 -7.90 48.90
CA LEU A 335 2.17 -7.57 48.39
C LEU A 335 1.52 -8.78 47.78
N LEU A 336 2.29 -9.54 46.98
CA LEU A 336 1.73 -10.73 46.34
C LEU A 336 1.36 -11.79 47.36
N ALA A 337 2.21 -12.02 48.37
CA ALA A 337 1.91 -12.99 49.43
C ALA A 337 0.63 -12.62 50.17
N LEU A 338 0.46 -11.32 50.42
CA LEU A 338 -0.76 -10.78 51.00
C LEU A 338 -2.00 -11.13 50.18
N LEU A 339 -1.99 -10.81 48.90
CA LEU A 339 -3.14 -11.12 48.06
C LEU A 339 -3.40 -12.62 47.90
N ALA A 340 -2.34 -13.40 47.74
CA ALA A 340 -2.48 -14.84 47.65
C ALA A 340 -3.15 -15.39 48.90
N GLY A 341 -2.64 -15.02 50.07
CA GLY A 341 -3.25 -15.49 51.33
C GLY A 341 -4.72 -15.10 51.47
N ALA A 342 -5.05 -13.88 51.08
CA ALA A 342 -6.40 -13.40 51.27
C ALA A 342 -7.38 -14.08 50.30
N ASN A 343 -6.94 -14.24 49.04
CA ASN A 343 -7.79 -14.92 48.08
C ASN A 343 -7.94 -16.41 48.32
N LYS A 344 -6.94 -17.01 48.96
CA LYS A 344 -7.04 -18.41 49.36
C LYS A 344 -8.26 -18.57 50.27
N LYS A 345 -8.37 -17.65 51.21
CA LYS A 345 -9.52 -17.61 52.12
C LYS A 345 -10.81 -17.39 51.39
N ARG A 346 -10.87 -16.42 50.47
CA ARG A 346 -12.09 -16.20 49.73
C ARG A 346 -12.52 -17.46 49.00
N MET A 347 -11.58 -18.06 48.27
CA MET A 347 -11.87 -19.28 47.47
C MET A 347 -12.30 -20.48 48.33
N ALA A 348 -11.83 -20.55 49.58
CA ALA A 348 -12.21 -21.61 50.52
C ALA A 348 -13.63 -21.45 51.11
N ARG A 349 -14.22 -20.28 51.00
CA ARG A 349 -15.50 -19.99 51.66
C ARG A 349 -16.67 -20.67 50.96
N ALA A 350 -17.64 -21.13 51.72
CA ALA A 350 -18.84 -21.75 51.15
C ALA A 350 -19.78 -20.72 50.53
N LYS B 16 -16.29 -2.76 -1.53
CA LYS B 16 -15.59 -3.43 -0.39
C LYS B 16 -14.36 -2.62 0.02
N GLU B 17 -13.30 -2.66 -0.78
CA GLU B 17 -12.00 -2.05 -0.42
C GLU B 17 -12.05 -0.53 -0.22
N LEU B 18 -11.30 -0.04 0.76
CA LEU B 18 -11.18 1.40 0.99
C LEU B 18 -10.37 2.14 -0.07
N LEU B 19 -11.01 3.06 -0.79
CA LEU B 19 -10.28 3.93 -1.69
C LEU B 19 -9.39 4.86 -0.88
N PRO B 20 -8.16 5.09 -1.33
CA PRO B 20 -7.28 6.03 -0.63
C PRO B 20 -7.66 7.48 -0.89
N PRO B 21 -7.17 8.40 -0.06
CA PRO B 21 -7.48 9.81 -0.27
C PRO B 21 -7.24 10.29 -1.69
N ILE B 22 -6.17 9.84 -2.34
CA ILE B 22 -5.86 10.36 -3.68
C ILE B 22 -6.99 10.15 -4.71
N ALA B 23 -7.72 9.06 -4.57
CA ALA B 23 -8.87 8.78 -5.45
C ALA B 23 -9.91 9.88 -5.36
N HIS B 24 -10.21 10.33 -4.15
CA HIS B 24 -11.17 11.40 -3.95
C HIS B 24 -10.60 12.77 -4.27
N LEU B 25 -9.32 12.98 -3.95
CA LEU B 25 -8.69 14.25 -4.28
C LEU B 25 -8.61 14.44 -5.79
N TYR B 26 -8.40 13.33 -6.50
N TYR B 26 -8.33 13.41 -6.57
CA TYR B 26 -8.37 13.34 -7.97
CA TYR B 26 -8.36 13.51 -8.02
C TYR B 26 -9.68 13.71 -8.64
C TYR B 26 -9.73 13.79 -8.66
N GLU B 27 -10.78 13.18 -8.14
CA GLU B 27 -12.13 13.39 -8.68
C GLU B 27 -12.68 14.75 -8.24
N LEU B 28 -12.27 15.19 -7.05
CA LEU B 28 -12.81 16.37 -6.42
C LEU B 28 -11.68 17.24 -5.90
N PRO B 29 -10.87 17.79 -6.82
CA PRO B 29 -9.75 18.62 -6.40
C PRO B 29 -10.23 19.93 -5.83
N ILE B 30 -9.46 20.46 -4.90
CA ILE B 30 -9.84 21.72 -4.28
C ILE B 30 -9.74 22.79 -5.37
N SER B 31 -10.76 23.63 -5.51
CA SER B 31 -10.74 24.74 -6.44
C SER B 31 -9.85 25.86 -5.91
N LYS B 32 -9.43 26.75 -6.80
CA LYS B 32 -8.70 27.94 -6.36
C LYS B 32 -9.54 28.83 -5.43
N GLU B 33 -10.85 28.89 -5.68
CA GLU B 33 -11.77 29.63 -4.79
C GLU B 33 -11.80 28.99 -3.40
N ALA B 34 -12.04 27.68 -3.35
CA ALA B 34 -12.12 26.94 -2.08
C ALA B 34 -10.81 27.10 -1.35
N SER B 35 -9.72 26.93 -2.07
CA SER B 35 -8.40 27.06 -1.49
C SER B 35 -8.18 28.41 -0.82
N GLY B 36 -8.65 29.47 -1.48
CA GLY B 36 -8.39 30.81 -0.98
C GLY B 36 -9.27 31.09 0.20
N LEU B 37 -10.52 30.64 0.14
CA LEU B 37 -11.45 30.82 1.27
C LEU B 37 -10.94 30.13 2.53
N VAL B 38 -10.35 28.95 2.38
CA VAL B 38 -9.83 28.18 3.52
C VAL B 38 -8.61 28.85 4.14
N HIS B 39 -7.64 29.20 3.29
CA HIS B 39 -6.44 29.87 3.75
C HIS B 39 -6.80 31.14 4.52
N ARG B 40 -7.66 31.95 3.91
CA ARG B 40 -8.05 33.19 4.51
C ARG B 40 -8.80 33.00 5.85
N THR B 41 -9.79 32.10 5.85
CA THR B 41 -10.62 31.91 7.04
C THR B 41 -9.74 31.40 8.20
N ARG B 42 -8.82 30.48 7.89
CA ARG B 42 -7.88 30.03 8.92
C ARG B 42 -7.05 31.16 9.53
N GLN B 43 -6.52 32.04 8.70
CA GLN B 43 -5.72 33.17 9.19
C GLN B 43 -6.59 34.11 10.06
N GLU B 44 -7.81 34.42 9.61
CA GLU B 44 -8.73 35.28 10.37
C GLU B 44 -9.06 34.67 11.72
N ILE B 45 -9.30 33.37 11.73
CA ILE B 45 -9.58 32.70 12.98
C ILE B 45 -8.36 32.75 13.88
N SER B 46 -7.19 32.53 13.30
CA SER B 46 -5.94 32.67 14.07
C SER B 46 -5.84 34.04 14.74
N ASP B 47 -6.21 35.08 13.98
CA ASP B 47 -6.17 36.43 14.51
C ASP B 47 -7.12 36.58 15.69
N LEU B 48 -8.24 35.85 15.66
CA LEU B 48 -9.18 35.87 16.78
C LEU B 48 -8.62 35.14 17.97
N VAL B 49 -8.00 33.99 17.73
CA VAL B 49 -7.47 33.17 18.79
C VAL B 49 -6.41 33.92 19.59
N HIS B 50 -5.64 34.74 18.90
CA HIS B 50 -4.51 35.44 19.53
C HIS B 50 -4.81 36.92 19.84
N GLY B 51 -6.08 37.31 19.75
CA GLY B 51 -6.53 38.62 20.20
C GLY B 51 -6.23 39.78 19.26
N ARG B 52 -5.76 39.49 18.05
CA ARG B 52 -5.44 40.55 17.11
C ARG B 52 -6.70 41.22 16.58
N ASP B 53 -7.80 40.48 16.49
CA ASP B 53 -9.04 40.99 15.95
C ASP B 53 -10.15 40.62 16.91
N LYS B 54 -11.17 41.47 17.01
CA LYS B 54 -12.20 41.30 18.03
C LYS B 54 -13.58 40.95 17.46
N ARG B 55 -13.64 40.51 16.21
CA ARG B 55 -14.84 39.86 15.67
C ARG B 55 -15.11 38.56 16.42
N LEU B 56 -16.34 38.11 16.35
CA LEU B 56 -16.75 36.91 17.05
C LEU B 56 -16.89 35.77 16.06
N LEU B 57 -16.05 34.74 16.22
CA LEU B 57 -16.19 33.51 15.47
C LEU B 57 -17.48 32.84 15.88
N VAL B 58 -18.34 32.57 14.91
CA VAL B 58 -19.57 31.85 15.20
C VAL B 58 -19.55 30.54 14.42
N ILE B 59 -19.38 29.45 15.16
CA ILE B 59 -19.46 28.12 14.57
C ILE B 59 -20.91 27.68 14.68
N ILE B 60 -21.63 27.65 13.56
CA ILE B 60 -23.09 27.46 13.66
C ILE B 60 -23.66 26.57 12.56
N GLY B 61 -24.57 25.68 12.93
CA GLY B 61 -25.22 24.81 11.99
C GLY B 61 -25.57 23.48 12.62
N PRO B 62 -25.91 22.50 11.80
CA PRO B 62 -26.47 21.28 12.33
C PRO B 62 -25.56 20.55 13.31
N CYS B 63 -26.16 19.82 14.24
CA CYS B 63 -25.40 18.90 15.09
C CYS B 63 -24.64 17.91 14.20
N SER B 64 -25.32 17.41 13.18
CA SER B 64 -24.71 16.48 12.22
C SER B 64 -25.30 16.70 10.86
N ILE B 65 -24.53 16.38 9.85
CA ILE B 65 -25.01 16.41 8.47
C ILE B 65 -25.51 15.00 8.16
N HIS B 66 -26.79 14.90 7.79
CA HIS B 66 -27.31 13.64 7.23
C HIS B 66 -27.91 13.79 5.81
N ASP B 67 -28.04 15.02 5.35
CA ASP B 67 -28.58 15.29 4.03
C ASP B 67 -27.88 16.48 3.36
N PRO B 68 -27.13 16.22 2.29
CA PRO B 68 -26.46 17.30 1.57
C PRO B 68 -27.38 18.39 1.04
N LYS B 69 -28.60 18.04 0.66
CA LYS B 69 -29.50 19.00 0.05
C LYS B 69 -29.90 20.01 1.09
N ALA B 70 -30.37 19.51 2.23
CA ALA B 70 -30.71 20.41 3.33
C ALA B 70 -29.51 21.24 3.77
N ALA B 71 -28.33 20.63 3.80
CA ALA B 71 -27.10 21.32 4.19
C ALA B 71 -26.77 22.50 3.27
N LEU B 72 -26.99 22.31 1.97
CA LEU B 72 -26.73 23.34 0.97
C LEU B 72 -27.74 24.48 1.08
N GLU B 73 -29.01 24.14 1.31
CA GLU B 73 -30.04 25.16 1.49
C GLU B 73 -29.72 25.97 2.73
N TYR B 74 -29.42 25.28 3.82
CA TYR B 74 -29.04 25.95 5.07
C TYR B 74 -27.89 26.91 4.82
N ALA B 75 -26.87 26.41 4.15
CA ALA B 75 -25.70 27.20 3.83
C ALA B 75 -26.01 28.46 3.00
N GLU B 76 -26.92 28.34 2.03
CA GLU B 76 -27.39 29.51 1.23
C GLU B 76 -28.01 30.60 2.11
N ARG B 77 -28.87 30.22 3.05
CA ARG B 77 -29.46 31.17 3.97
C ARG B 77 -28.41 31.76 4.89
N LEU B 78 -27.54 30.90 5.42
CA LEU B 78 -26.48 31.35 6.36
C LEU B 78 -25.48 32.29 5.68
N LEU B 79 -25.21 32.07 4.40
CA LEU B 79 -24.22 32.88 3.68
C LEU B 79 -24.58 34.39 3.67
N LYS B 80 -25.87 34.68 3.58
CA LYS B 80 -26.33 36.06 3.51
C LYS B 80 -26.09 36.72 4.83
N LEU B 81 -26.23 35.96 5.91
CA LEU B 81 -25.97 36.52 7.23
C LEU B 81 -24.46 36.62 7.49
N ARG B 82 -23.71 35.67 6.94
CA ARG B 82 -22.25 35.74 7.03
C ARG B 82 -21.76 37.09 6.44
N LYS B 83 -22.25 37.42 5.25
CA LYS B 83 -21.87 38.67 4.55
C LYS B 83 -22.37 39.89 5.31
N GLN B 84 -23.65 39.87 5.67
CA GLN B 84 -24.29 41.00 6.33
C GLN B 84 -23.58 41.36 7.63
N TYR B 85 -23.14 40.35 8.37
CA TYR B 85 -22.56 40.61 9.68
C TYR B 85 -21.02 40.53 9.68
N GLU B 86 -20.41 40.50 8.49
CA GLU B 86 -18.95 40.27 8.35
C GLU B 86 -18.03 41.22 9.14
N ASN B 87 -18.52 42.40 9.51
CA ASN B 87 -17.72 43.34 10.35
C ASN B 87 -17.74 43.05 11.84
N GLU B 88 -18.76 42.30 12.26
CA GLU B 88 -18.95 41.91 13.66
C GLU B 88 -18.69 40.43 13.96
N LEU B 89 -19.07 39.56 13.04
CA LEU B 89 -19.03 38.12 13.22
C LEU B 89 -18.33 37.48 12.04
N LEU B 90 -17.61 36.41 12.35
CA LEU B 90 -17.03 35.58 11.32
C LEU B 90 -17.79 34.27 11.37
N ILE B 91 -18.73 34.13 10.46
CA ILE B 91 -19.58 32.94 10.43
C ILE B 91 -18.94 31.84 9.62
N VAL B 92 -18.91 30.65 10.22
CA VAL B 92 -18.40 29.41 9.62
C VAL B 92 -19.41 28.31 9.96
N MET B 93 -19.82 27.51 8.98
CA MET B 93 -20.85 26.53 9.20
C MET B 93 -20.31 25.27 9.89
N ARG B 94 -21.14 24.72 10.78
CA ARG B 94 -20.96 23.34 11.28
C ARG B 94 -21.28 22.36 10.14
N VAL B 95 -20.27 21.60 9.71
CA VAL B 95 -20.47 20.50 8.76
C VAL B 95 -19.86 19.24 9.36
N TYR B 96 -20.51 18.74 10.41
CA TYR B 96 -19.98 17.64 11.20
C TYR B 96 -20.30 16.27 10.59
N PHE B 97 -19.25 15.49 10.28
CA PHE B 97 -19.40 14.18 9.63
C PHE B 97 -19.16 12.98 10.53
N GLU B 98 -18.68 13.24 11.74
CA GLU B 98 -18.26 12.20 12.70
C GLU B 98 -18.79 12.55 14.06
N LYS B 99 -19.61 11.65 14.60
CA LYS B 99 -20.29 11.87 15.85
C LYS B 99 -19.86 10.84 16.91
N PRO B 100 -19.35 11.31 18.05
CA PRO B 100 -19.04 10.42 19.17
C PRO B 100 -20.32 10.06 19.94
N ARG B 101 -20.64 8.78 20.00
CA ARG B 101 -21.83 8.38 20.72
C ARG B 101 -21.45 8.05 22.13
N THR B 102 -22.45 8.22 23.00
CA THR B 102 -22.32 7.93 24.41
C THR B 102 -22.05 6.46 24.62
N THR B 103 -22.77 5.61 23.89
CA THR B 103 -22.48 4.18 23.82
C THR B 103 -22.36 3.71 22.36
N VAL B 104 -23.49 3.44 21.73
CA VAL B 104 -23.53 3.04 20.32
C VAL B 104 -24.59 3.85 19.59
N GLY B 105 -24.48 3.91 18.26
CA GLY B 105 -25.42 4.68 17.44
C GLY B 105 -24.78 5.10 16.13
N TRP B 106 -25.56 5.81 15.32
CA TRP B 106 -25.10 6.31 14.04
C TRP B 106 -23.93 7.26 14.24
N LYS B 107 -22.81 7.04 13.56
CA LYS B 107 -21.60 7.83 13.82
C LYS B 107 -21.38 8.95 12.83
N GLY B 108 -22.36 9.14 11.94
CA GLY B 108 -22.34 10.24 11.02
C GLY B 108 -22.32 9.82 9.55
N LEU B 109 -22.29 10.81 8.68
N LEU B 109 -22.30 10.84 8.70
CA LEU B 109 -22.48 10.59 7.26
CA LEU B 109 -22.43 10.70 7.25
C LEU B 109 -21.34 9.78 6.65
C LEU B 109 -21.35 9.80 6.67
N ILE B 110 -20.11 9.98 7.13
CA ILE B 110 -18.98 9.22 6.63
C ILE B 110 -19.09 7.75 6.96
N ASN B 111 -19.33 7.42 8.21
CA ASN B 111 -19.40 6.02 8.63
C ASN B 111 -20.61 5.27 8.06
N ASP B 112 -21.75 5.94 7.99
CA ASP B 112 -22.97 5.31 7.50
C ASP B 112 -23.87 6.25 6.68
N PRO B 113 -23.45 6.59 5.46
CA PRO B 113 -24.16 7.61 4.71
C PRO B 113 -25.58 7.28 4.31
N HIS B 114 -25.93 6.01 4.15
CA HIS B 114 -27.29 5.69 3.70
C HIS B 114 -28.25 5.59 4.88
N LEU B 115 -27.72 5.80 6.09
CA LEU B 115 -28.54 5.92 7.30
C LEU B 115 -29.27 4.62 7.61
N ASP B 116 -28.71 3.50 7.14
CA ASP B 116 -29.33 2.19 7.28
C ASP B 116 -28.44 1.05 7.79
N GLY B 117 -27.27 1.35 8.34
CA GLY B 117 -26.36 0.30 8.76
C GLY B 117 -25.71 -0.47 7.61
N THR B 118 -25.46 0.19 6.48
CA THR B 118 -24.71 -0.44 5.40
C THR B 118 -23.24 -0.02 5.41
N PHE B 119 -22.91 1.03 6.17
CA PHE B 119 -21.52 1.42 6.36
C PHE B 119 -20.74 1.59 5.05
N ASP B 120 -21.33 2.30 4.09
CA ASP B 120 -20.73 2.50 2.79
C ASP B 120 -19.74 3.66 2.90
N ILE B 121 -18.58 3.39 3.47
CA ILE B 121 -17.64 4.45 3.84
C ILE B 121 -16.98 5.13 2.62
N ASN B 122 -16.75 4.39 1.52
CA ASN B 122 -16.21 5.04 0.32
C ASN B 122 -17.16 6.16 -0.19
N PHE B 123 -18.44 5.81 -0.28
CA PHE B 123 -19.47 6.78 -0.68
C PHE B 123 -19.59 7.90 0.34
N GLY B 124 -19.52 7.54 1.62
CA GLY B 124 -19.53 8.51 2.72
C GLY B 124 -18.45 9.57 2.57
N LEU B 125 -17.22 9.15 2.30
CA LEU B 125 -16.11 10.09 2.16
C LEU B 125 -16.24 10.95 0.93
N SER B 126 -16.74 10.36 -0.14
CA SER B 126 -16.96 11.08 -1.39
C SER B 126 -17.99 12.22 -1.21
N GLN B 127 -19.11 11.86 -0.59
CA GLN B 127 -20.21 12.77 -0.33
C GLN B 127 -19.78 13.89 0.62
N ALA B 128 -18.99 13.56 1.64
CA ALA B 128 -18.47 14.54 2.56
C ALA B 128 -17.58 15.55 1.86
N ARG B 129 -16.66 15.05 1.06
CA ARG B 129 -15.70 15.88 0.35
C ARG B 129 -16.43 16.78 -0.61
N SER B 130 -17.36 16.18 -1.35
CA SER B 130 -18.14 16.87 -2.36
C SER B 130 -19.01 17.98 -1.75
N LEU B 131 -19.67 17.69 -0.65
CA LEU B 131 -20.40 18.72 0.10
C LEU B 131 -19.47 19.85 0.54
N LEU B 132 -18.31 19.50 1.11
CA LEU B 132 -17.35 20.50 1.59
C LEU B 132 -16.86 21.38 0.44
N LEU B 133 -16.61 20.75 -0.70
CA LEU B 133 -16.17 21.45 -1.90
C LEU B 133 -17.23 22.43 -2.35
N SER B 134 -18.48 21.97 -2.47
CA SER B 134 -19.63 22.83 -2.81
C SER B 134 -19.87 23.97 -1.82
N LEU B 135 -19.75 23.71 -0.53
CA LEU B 135 -19.93 24.78 0.46
C LEU B 135 -18.88 25.86 0.26
N ASN B 136 -17.62 25.44 0.16
CA ASN B 136 -16.51 26.37 0.05
C ASN B 136 -16.59 27.15 -1.26
N ASN B 137 -17.00 26.47 -2.33
CA ASN B 137 -17.20 27.14 -3.62
C ASN B 137 -18.29 28.19 -3.62
N MET B 138 -19.32 28.01 -2.82
CA MET B 138 -20.35 29.04 -2.72
C MET B 138 -19.94 30.18 -1.78
N GLY B 139 -18.77 30.06 -1.13
CA GLY B 139 -18.30 31.08 -0.20
C GLY B 139 -18.55 30.79 1.30
N MET B 140 -19.00 29.58 1.64
CA MET B 140 -19.25 29.22 3.03
C MET B 140 -18.14 28.30 3.58
N PRO B 141 -17.27 28.84 4.43
CA PRO B 141 -16.30 27.98 5.11
C PRO B 141 -16.95 26.97 6.05
N ALA B 142 -16.21 25.92 6.36
CA ALA B 142 -16.74 24.75 7.03
C ALA B 142 -15.94 24.39 8.25
N SER B 143 -16.63 23.81 9.23
CA SER B 143 -16.00 23.33 10.44
C SER B 143 -16.44 21.90 10.69
N THR B 144 -15.67 21.16 11.48
CA THR B 144 -16.07 19.78 11.80
C THR B 144 -15.38 19.31 13.04
N GLU B 145 -15.92 18.26 13.66
CA GLU B 145 -15.18 17.56 14.72
C GLU B 145 -14.32 16.49 14.07
N PHE B 146 -13.03 16.55 14.38
CA PHE B 146 -12.07 15.53 13.94
C PHE B 146 -12.03 14.43 15.01
N LEU B 147 -12.73 13.35 14.72
CA LEU B 147 -12.88 12.26 15.64
C LEU B 147 -12.01 11.07 15.24
N ASP B 148 -12.07 10.68 13.98
N ASP B 148 -12.11 10.65 13.97
CA ASP B 148 -11.39 9.50 13.52
CA ASP B 148 -11.39 9.49 13.46
C ASP B 148 -9.99 9.87 13.03
C ASP B 148 -9.97 9.88 13.08
N MET B 149 -9.06 8.92 13.13
CA MET B 149 -7.64 9.18 12.89
C MET B 149 -7.26 9.13 11.41
N ILE B 150 -8.04 8.44 10.58
CA ILE B 150 -7.67 8.17 9.17
C ILE B 150 -8.49 9.00 8.15
N THR B 151 -9.72 9.35 8.50
CA THR B 151 -10.58 10.11 7.60
C THR B 151 -10.11 11.53 7.29
N PRO B 152 -9.35 12.19 8.18
CA PRO B 152 -8.97 13.58 7.88
C PRO B 152 -8.28 13.82 6.55
N GLN B 153 -7.44 12.88 6.14
CA GLN B 153 -6.71 13.01 4.86
C GLN B 153 -7.64 13.18 3.69
N TYR B 154 -8.88 12.75 3.86
CA TYR B 154 -9.83 12.80 2.76
C TYR B 154 -10.44 14.17 2.56
N TYR B 155 -10.53 14.97 3.63
CA TYR B 155 -11.21 16.26 3.58
C TYR B 155 -10.63 17.48 4.32
N ALA B 156 -9.53 17.33 5.05
CA ALA B 156 -9.04 18.39 5.94
C ALA B 156 -8.63 19.68 5.21
N ASP B 157 -8.22 19.53 3.96
CA ASP B 157 -7.92 20.67 3.10
C ASP B 157 -9.15 21.59 2.90
N LEU B 158 -10.34 21.11 3.20
CA LEU B 158 -11.56 21.94 3.04
C LEU B 158 -12.11 22.51 4.34
N ILE B 159 -11.38 22.30 5.42
CA ILE B 159 -11.82 22.69 6.76
C ILE B 159 -11.07 23.93 7.27
N SER B 160 -11.82 24.93 7.72
CA SER B 160 -11.27 26.16 8.25
C SER B 160 -11.11 26.15 9.77
N TRP B 161 -11.86 25.31 10.47
CA TRP B 161 -11.73 25.21 11.91
C TRP B 161 -12.14 23.82 12.36
N GLY B 162 -11.42 23.26 13.33
CA GLY B 162 -11.66 21.90 13.81
C GLY B 162 -11.99 21.87 15.26
N ALA B 163 -12.86 20.95 15.67
CA ALA B 163 -13.10 20.68 17.08
C ALA B 163 -12.57 19.31 17.48
N ILE B 164 -12.09 19.22 18.71
CA ILE B 164 -11.88 17.92 19.36
C ILE B 164 -12.91 17.84 20.45
N GLY B 165 -13.68 16.76 20.46
CA GLY B 165 -14.85 16.71 21.33
C GLY B 165 -14.49 16.51 22.79
N ALA B 166 -15.47 16.80 23.64
CA ALA B 166 -15.32 16.65 25.08
C ALA B 166 -14.80 15.28 25.42
N ARG B 167 -15.24 14.28 24.65
CA ARG B 167 -14.91 12.88 24.94
C ARG B 167 -13.49 12.46 24.52
N THR B 168 -12.86 13.29 23.72
CA THR B 168 -11.55 13.01 23.17
C THR B 168 -10.48 14.07 23.45
N THR B 169 -10.83 15.14 24.14
CA THR B 169 -9.88 16.23 24.43
C THR B 169 -8.67 15.69 25.25
N GLU B 170 -8.90 14.71 26.14
CA GLU B 170 -7.83 14.19 27.00
C GLU B 170 -6.97 13.12 26.30
N SER B 171 -7.42 12.68 25.13
CA SER B 171 -6.80 11.59 24.36
C SER B 171 -5.54 12.05 23.64
N GLN B 172 -4.42 11.36 23.92
CA GLN B 172 -3.16 11.68 23.28
C GLN B 172 -3.23 11.56 21.76
N VAL B 173 -3.97 10.60 21.25
CA VAL B 173 -3.99 10.40 19.80
C VAL B 173 -4.71 11.55 19.11
N HIS B 174 -5.65 12.20 19.79
CA HIS B 174 -6.34 13.37 19.23
C HIS B 174 -5.54 14.64 19.34
N ARG B 175 -4.78 14.75 20.42
CA ARG B 175 -3.86 15.85 20.60
C ARG B 175 -2.76 15.72 19.55
N GLU B 176 -2.33 14.50 19.27
CA GLU B 176 -1.38 14.24 18.17
C GLU B 176 -1.97 14.72 16.85
N LEU B 177 -3.19 14.28 16.55
CA LEU B 177 -3.86 14.72 15.33
C LEU B 177 -3.93 16.24 15.21
N ALA B 178 -4.33 16.89 16.29
CA ALA B 178 -4.50 18.35 16.29
C ALA B 178 -3.17 19.04 16.02
N SER B 179 -2.10 18.44 16.54
CA SER B 179 -0.73 18.97 16.39
C SER B 179 -0.29 19.07 14.93
N GLY B 180 -0.88 18.26 14.05
CA GLY B 180 -0.54 18.26 12.64
C GLY B 180 -1.57 18.89 11.73
N LEU B 181 -2.67 19.40 12.30
CA LEU B 181 -3.70 19.98 11.45
C LEU B 181 -3.32 21.41 11.10
N SER B 182 -3.72 21.84 9.91
CA SER B 182 -3.38 23.17 9.41
C SER B 182 -4.39 24.25 9.73
N CYS B 183 -5.52 23.88 10.34
CA CYS B 183 -6.53 24.82 10.75
C CYS B 183 -6.46 25.03 12.26
N PRO B 184 -6.98 26.17 12.74
CA PRO B 184 -7.12 26.33 14.20
C PRO B 184 -8.05 25.26 14.77
N VAL B 185 -7.84 24.93 16.04
CA VAL B 185 -8.57 23.82 16.69
C VAL B 185 -9.05 24.25 18.05
N GLY B 186 -10.33 24.02 18.32
CA GLY B 186 -10.88 24.12 19.65
C GLY B 186 -11.03 22.79 20.37
N PHE B 187 -10.57 22.73 21.63
CA PHE B 187 -10.74 21.58 22.50
C PHE B 187 -11.84 21.85 23.52
N LYS B 188 -12.86 21.00 23.52
CA LYS B 188 -13.94 21.08 24.51
C LYS B 188 -13.47 20.62 25.88
N ASN B 189 -14.02 21.23 26.94
CA ASN B 189 -13.81 20.72 28.27
C ASN B 189 -14.50 19.35 28.36
N GLY B 190 -14.12 18.55 29.35
CA GLY B 190 -14.64 17.19 29.46
C GLY B 190 -16.11 17.17 29.80
N THR B 191 -16.72 16.00 29.65
CA THR B 191 -18.16 15.89 29.77
C THR B 191 -18.67 16.20 31.18
N ASP B 192 -17.83 16.10 32.22
CA ASP B 192 -18.27 16.52 33.57
C ASP B 192 -17.83 17.94 33.97
N GLY B 193 -17.19 18.64 33.05
CA GLY B 193 -16.82 20.03 33.26
C GLY B 193 -15.35 20.31 33.47
N ASN B 194 -14.48 19.31 33.33
CA ASN B 194 -13.05 19.50 33.58
C ASN B 194 -12.42 20.36 32.48
N LEU B 195 -11.95 21.55 32.86
CA LEU B 195 -11.34 22.45 31.89
C LEU B 195 -9.87 22.18 31.73
N LYS B 196 -9.22 21.74 32.80
CA LYS B 196 -7.78 21.54 32.78
C LYS B 196 -7.34 20.64 31.63
N ILE B 197 -8.10 19.60 31.30
CA ILE B 197 -7.71 18.70 30.19
C ILE B 197 -7.63 19.40 28.81
N ALA B 198 -8.45 20.43 28.63
CA ALA B 198 -8.41 21.24 27.43
C ALA B 198 -7.26 22.20 27.41
N ILE B 199 -6.91 22.75 28.56
CA ILE B 199 -5.71 23.60 28.69
C ILE B 199 -4.47 22.72 28.42
N ASP B 200 -4.46 21.53 29.01
CA ASP B 200 -3.38 20.55 28.78
C ASP B 200 -3.29 20.21 27.32
N ALA B 201 -4.45 20.08 26.65
CA ALA B 201 -4.46 19.72 25.23
C ALA B 201 -3.83 20.80 24.36
N ILE B 202 -4.12 22.07 24.63
CA ILE B 202 -3.48 23.14 23.85
C ILE B 202 -1.95 22.97 23.95
N GLY B 203 -1.47 22.79 25.18
CA GLY B 203 -0.06 22.53 25.48
C GLY B 203 0.46 21.36 24.68
N ALA B 204 -0.21 20.21 24.74
CA ALA B 204 0.24 19.06 23.95
C ALA B 204 0.22 19.36 22.46
N ALA B 205 -0.89 19.89 21.97
CA ALA B 205 -1.06 20.07 20.53
C ALA B 205 -0.18 21.16 19.92
N SER B 206 0.27 22.10 20.75
CA SER B 206 1.17 23.15 20.27
C SER B 206 2.59 22.63 20.01
N HIS B 207 2.93 21.46 20.54
CA HIS B 207 4.26 20.86 20.32
C HIS B 207 4.32 19.94 19.13
N SER B 208 5.54 19.67 18.69
CA SER B 208 5.81 18.69 17.68
C SER B 208 5.57 17.27 18.24
N HIS B 209 5.01 16.39 17.43
CA HIS B 209 4.86 14.97 17.79
C HIS B 209 5.34 14.07 16.67
N HIS B 210 5.76 12.85 17.03
CA HIS B 210 5.95 11.76 16.10
C HIS B 210 4.93 10.68 16.47
N PHE B 211 4.24 10.16 15.47
CA PHE B 211 3.26 9.11 15.68
C PHE B 211 2.93 8.47 14.32
N LEU B 212 2.20 7.37 14.34
CA LEU B 212 1.75 6.74 13.10
C LEU B 212 0.43 7.30 12.57
N SER B 213 0.38 7.45 11.25
CA SER B 213 -0.76 8.00 10.53
C SER B 213 -0.74 7.42 9.12
N VAL B 214 -1.76 7.75 8.34
CA VAL B 214 -1.95 7.18 7.00
C VAL B 214 -1.70 8.27 5.94
N THR B 215 -0.93 7.93 4.91
CA THR B 215 -0.63 8.87 3.85
C THR B 215 -1.82 9.02 2.91
N LYS B 216 -1.71 9.99 1.99
CA LYS B 216 -2.73 10.23 0.96
C LYS B 216 -2.90 9.05 0.02
N ALA B 217 -1.88 8.20 -0.06
CA ALA B 217 -1.94 7.01 -0.90
C ALA B 217 -2.50 5.81 -0.15
N GLY B 218 -2.77 5.99 1.14
CA GLY B 218 -3.43 4.96 1.93
C GLY B 218 -2.50 4.02 2.66
N HIS B 219 -1.23 4.38 2.76
N HIS B 219 -1.24 4.37 2.77
CA HIS B 219 -0.28 3.55 3.49
CA HIS B 219 -0.28 3.52 3.45
C HIS B 219 0.00 4.18 4.84
C HIS B 219 0.06 4.16 4.80
N SER B 220 0.25 3.33 5.82
CA SER B 220 0.63 3.81 7.15
C SER B 220 2.05 4.40 7.07
N ALA B 221 2.37 5.35 7.93
CA ALA B 221 3.64 6.01 7.90
C ALA B 221 3.88 6.70 9.22
N ILE B 222 5.15 7.02 9.48
CA ILE B 222 5.54 7.81 10.62
C ILE B 222 5.43 9.24 10.18
N VAL B 223 4.73 10.04 10.97
CA VAL B 223 4.60 11.44 10.65
C VAL B 223 5.25 12.21 11.77
N HIS B 224 5.77 13.37 11.41
CA HIS B 224 6.42 14.27 12.35
C HIS B 224 5.74 15.61 12.16
N THR B 225 4.99 16.07 13.15
CA THR B 225 4.23 17.29 12.99
C THR B 225 4.97 18.47 13.60
N GLY B 226 4.57 19.68 13.19
CA GLY B 226 5.22 20.88 13.68
C GLY B 226 4.60 21.49 14.92
N GLY B 227 3.41 21.02 15.29
CA GLY B 227 2.63 21.63 16.33
C GLY B 227 1.63 22.61 15.75
N ASN B 228 0.55 22.87 16.49
CA ASN B 228 -0.49 23.78 16.03
C ASN B 228 -0.49 25.00 16.95
N PRO B 229 -0.14 26.20 16.41
CA PRO B 229 -0.09 27.37 17.28
C PRO B 229 -1.46 28.00 17.55
N ASP B 230 -2.50 27.49 16.92
CA ASP B 230 -3.82 28.13 16.94
C ASP B 230 -4.91 27.40 17.71
N CYS B 231 -4.57 26.76 18.82
CA CYS B 231 -5.56 26.04 19.58
C CYS B 231 -6.16 26.92 20.68
N HIS B 232 -7.39 26.61 21.07
CA HIS B 232 -8.05 27.32 22.19
C HIS B 232 -9.04 26.39 22.84
N VAL B 233 -9.57 26.79 24.01
CA VAL B 233 -10.60 26.01 24.65
C VAL B 233 -12.03 26.40 24.24
N ILE B 234 -12.93 25.44 24.44
CA ILE B 234 -14.34 25.61 24.29
C ILE B 234 -15.08 25.19 25.56
N LEU B 235 -15.86 26.13 26.09
CA LEU B 235 -16.68 25.89 27.27
C LEU B 235 -18.02 25.35 26.84
N ARG B 236 -18.24 24.06 27.08
CA ARG B 236 -19.46 23.38 26.65
C ARG B 236 -20.34 22.82 27.79
N GLY B 237 -20.05 23.22 29.02
CA GLY B 237 -20.80 22.77 30.18
C GLY B 237 -20.30 21.47 30.78
N GLY B 238 -20.76 21.16 31.97
CA GLY B 238 -20.43 19.89 32.59
C GLY B 238 -21.62 19.39 33.36
N LYS B 239 -21.36 18.99 34.61
CA LYS B 239 -22.40 18.80 35.60
C LYS B 239 -23.26 20.05 35.67
N GLU B 240 -22.66 21.22 35.50
CA GLU B 240 -23.38 22.51 35.51
C GLU B 240 -22.93 23.29 34.29
N PRO B 241 -23.73 24.26 33.83
CA PRO B 241 -23.22 25.08 32.74
C PRO B 241 -22.00 25.90 33.13
N ASN B 242 -21.17 26.24 32.14
CA ASN B 242 -19.99 27.07 32.37
C ASN B 242 -19.84 28.27 31.42
N TYR B 243 -20.96 28.82 30.97
CA TYR B 243 -20.94 29.92 29.99
C TYR B 243 -20.91 31.32 30.59
N ASP B 244 -21.21 31.46 31.88
CA ASP B 244 -21.39 32.81 32.41
C ASP B 244 -20.06 33.55 32.66
N ALA B 245 -20.17 34.84 32.92
CA ALA B 245 -19.00 35.70 33.13
C ALA B 245 -18.06 35.13 34.18
N GLU B 246 -18.62 34.59 35.27
CA GLU B 246 -17.80 33.99 36.33
C GLU B 246 -16.97 32.79 35.86
N HIS B 247 -17.59 31.93 35.06
CA HIS B 247 -16.92 30.76 34.55
C HIS B 247 -15.87 31.13 33.52
N VAL B 248 -16.18 32.15 32.74
CA VAL B 248 -15.26 32.68 31.73
C VAL B 248 -14.04 33.29 32.40
N SER B 249 -14.25 34.12 33.44
CA SER B 249 -13.15 34.76 34.16
C SER B 249 -12.20 33.73 34.77
N GLU B 250 -12.77 32.72 35.39
CA GLU B 250 -11.98 31.69 36.05
C GLU B 250 -11.15 30.91 35.02
N ALA B 251 -11.77 30.61 33.87
CA ALA B 251 -11.09 29.94 32.75
C ALA B 251 -9.92 30.73 32.21
N ALA B 252 -10.11 32.03 32.02
CA ALA B 252 -9.03 32.87 31.49
C ALA B 252 -7.86 32.93 32.47
N GLU B 253 -8.17 32.97 33.76
CA GLU B 253 -7.15 32.95 34.81
C GLU B 253 -6.31 31.66 34.66
N GLN B 254 -6.99 30.52 34.58
CA GLN B 254 -6.33 29.24 34.37
C GLN B 254 -5.55 29.16 33.08
N LEU B 255 -6.10 29.71 32.00
CA LEU B 255 -5.38 29.74 30.74
C LEU B 255 -4.09 30.59 30.86
N ARG B 256 -4.22 31.74 31.50
CA ARG B 256 -3.03 32.58 31.72
C ARG B 256 -1.98 31.87 32.56
N ALA B 257 -2.40 31.22 33.64
CA ALA B 257 -1.44 30.50 34.50
C ALA B 257 -0.72 29.40 33.72
N ALA B 258 -1.41 28.81 32.76
CA ALA B 258 -0.80 27.81 31.89
C ALA B 258 0.07 28.41 30.78
N GLY B 259 0.04 29.73 30.60
CA GLY B 259 0.80 30.38 29.55
C GLY B 259 0.27 30.13 28.15
N VAL B 260 -1.04 29.92 28.01
CA VAL B 260 -1.65 29.74 26.68
C VAL B 260 -2.73 30.80 26.46
N THR B 261 -3.21 30.96 25.22
CA THR B 261 -4.19 32.01 24.96
C THR B 261 -5.37 31.95 25.89
N ASP B 262 -5.71 33.12 26.44
CA ASP B 262 -6.86 33.26 27.31
C ASP B 262 -8.10 33.78 26.55
N LYS B 263 -8.09 33.65 25.23
CA LYS B 263 -9.30 33.88 24.43
C LYS B 263 -9.97 32.52 24.19
N LEU B 264 -11.26 32.44 24.45
CA LEU B 264 -11.96 31.17 24.43
C LEU B 264 -13.31 31.22 23.71
N MET B 265 -13.87 30.04 23.43
CA MET B 265 -15.15 29.91 22.71
C MET B 265 -16.18 29.34 23.67
N ILE B 266 -17.42 29.79 23.53
CA ILE B 266 -18.48 29.28 24.37
C ILE B 266 -19.51 28.55 23.53
N ASP B 267 -19.75 27.29 23.86
CA ASP B 267 -20.80 26.50 23.18
C ASP B 267 -22.15 26.80 23.82
N CYS B 268 -23.12 27.27 23.03
CA CYS B 268 -24.47 27.51 23.54
C CYS B 268 -25.28 26.24 23.75
N SER B 269 -24.82 25.16 23.12
CA SER B 269 -25.49 23.87 23.08
C SER B 269 -24.99 22.87 24.13
N HIS B 270 -25.30 21.60 23.92
CA HIS B 270 -24.85 20.51 24.79
C HIS B 270 -25.07 20.79 26.27
N ALA B 271 -24.05 20.65 27.11
CA ALA B 271 -24.28 20.73 28.55
C ALA B 271 -24.51 22.18 29.02
N ASN B 272 -24.32 23.16 28.13
CA ASN B 272 -24.65 24.54 28.44
C ASN B 272 -26.15 24.90 28.25
N SER B 273 -26.85 24.24 27.33
CA SER B 273 -28.30 24.37 27.22
C SER B 273 -29.00 23.22 27.97
N ARG B 274 -28.21 22.30 28.50
CA ARG B 274 -28.71 21.09 29.13
C ARG B 274 -29.60 20.29 28.17
N LYS B 275 -29.16 20.14 26.92
CA LYS B 275 -29.86 19.33 25.91
C LYS B 275 -31.28 19.83 25.53
N ASP B 276 -31.56 21.11 25.78
CA ASP B 276 -32.85 21.75 25.48
C ASP B 276 -32.52 22.84 24.51
N TYR B 277 -32.78 22.60 23.24
CA TYR B 277 -32.40 23.52 22.21
C TYR B 277 -32.95 24.92 22.43
N THR B 278 -34.07 25.05 23.14
CA THR B 278 -34.66 26.38 23.38
C THR B 278 -33.83 27.22 24.37
N ARG B 279 -32.89 26.62 25.09
CA ARG B 279 -32.04 27.39 25.99
C ARG B 279 -30.79 27.96 25.33
N GLN B 280 -30.55 27.59 24.06
CA GLN B 280 -29.41 28.11 23.35
C GLN B 280 -29.50 29.64 23.27
N MET B 281 -30.70 30.14 23.04
CA MET B 281 -30.94 31.57 22.96
C MET B 281 -30.62 32.28 24.28
N GLU B 282 -30.98 31.64 25.38
CA GLU B 282 -30.64 32.17 26.68
C GLU B 282 -29.15 32.27 26.88
N VAL B 283 -28.41 31.25 26.43
CA VAL B 283 -26.95 31.27 26.62
C VAL B 283 -26.39 32.38 25.74
N ALA B 284 -26.87 32.47 24.51
CA ALA B 284 -26.49 33.57 23.63
C ALA B 284 -26.78 34.94 24.23
N GLN B 285 -27.93 35.10 24.89
CA GLN B 285 -28.24 36.41 25.54
C GLN B 285 -27.26 36.75 26.66
N ASP B 286 -26.88 35.73 27.46
CA ASP B 286 -25.92 35.92 28.51
C ASP B 286 -24.60 36.36 27.90
N ILE B 287 -24.20 35.69 26.82
CA ILE B 287 -22.97 36.06 26.11
C ILE B 287 -23.06 37.49 25.55
N ALA B 288 -24.20 37.83 24.96
CA ALA B 288 -24.39 39.20 24.47
C ALA B 288 -24.17 40.21 25.61
N ALA B 289 -24.76 39.95 26.78
CA ALA B 289 -24.57 40.83 27.94
C ALA B 289 -23.11 40.89 28.39
N GLN B 290 -22.36 39.79 28.24
CA GLN B 290 -20.93 39.82 28.59
C GLN B 290 -20.20 40.71 27.62
N LEU B 291 -20.51 40.56 26.32
CA LEU B 291 -19.88 41.34 25.29
C LEU B 291 -20.13 42.84 25.44
N GLU B 292 -21.34 43.19 25.87
CA GLU B 292 -21.67 44.58 26.09
C GLU B 292 -20.96 45.16 27.32
N GLN B 293 -20.84 44.38 28.40
CA GLN B 293 -20.13 44.86 29.61
C GLN B 293 -18.62 44.86 29.39
N ASP B 294 -18.08 43.75 28.90
CA ASP B 294 -16.64 43.63 28.70
C ASP B 294 -16.36 42.48 27.72
N GLY B 295 -16.42 41.23 28.20
CA GLY B 295 -16.29 40.06 27.35
C GLY B 295 -15.00 39.90 26.58
N GLY B 296 -13.91 40.52 27.07
CA GLY B 296 -12.65 40.55 26.34
C GLY B 296 -11.96 39.21 26.11
N ASN B 297 -12.33 38.21 26.91
CA ASN B 297 -11.81 36.86 26.72
C ASN B 297 -12.61 35.96 25.80
N ILE B 298 -13.69 36.46 25.20
CA ILE B 298 -14.52 35.62 24.32
C ILE B 298 -14.09 35.85 22.88
N MET B 299 -13.67 34.81 22.17
CA MET B 299 -13.36 34.94 20.74
C MET B 299 -14.38 34.26 19.87
N GLY B 300 -15.31 33.56 20.49
CA GLY B 300 -16.24 32.76 19.70
C GLY B 300 -17.35 32.08 20.46
N VAL B 301 -18.32 31.61 19.68
CA VAL B 301 -19.45 30.88 20.17
C VAL B 301 -19.81 29.75 19.19
N MET B 302 -20.46 28.73 19.74
CA MET B 302 -20.94 27.61 18.97
C MET B 302 -22.46 27.46 19.13
N VAL B 303 -23.12 27.11 18.05
CA VAL B 303 -24.59 27.04 18.02
C VAL B 303 -25.05 25.89 17.14
N GLU B 304 -25.92 25.06 17.69
CA GLU B 304 -26.54 23.97 16.95
C GLU B 304 -27.90 24.39 16.37
N SER B 305 -27.90 24.55 15.05
CA SER B 305 -28.94 25.27 14.31
C SER B 305 -29.22 24.50 13.03
N HIS B 306 -30.49 24.42 12.61
CA HIS B 306 -30.86 23.77 11.36
C HIS B 306 -32.03 24.52 10.73
N LEU B 307 -32.54 24.08 9.57
CA LEU B 307 -33.66 24.75 8.94
C LEU B 307 -34.88 24.66 9.85
N VAL B 308 -35.08 23.48 10.44
CA VAL B 308 -36.23 23.17 11.26
C VAL B 308 -35.75 22.86 12.67
N GLU B 309 -36.53 23.29 13.66
CA GLU B 309 -36.13 23.09 15.05
C GLU B 309 -36.41 21.66 15.56
N GLY B 310 -35.73 21.30 16.65
CA GLY B 310 -35.99 20.04 17.31
C GLY B 310 -35.13 18.92 16.75
N ARG B 311 -35.62 17.68 16.89
CA ARG B 311 -34.93 16.52 16.35
C ARG B 311 -35.91 15.42 16.04
N GLN B 312 -35.43 14.40 15.33
CA GLN B 312 -36.25 13.24 14.96
C GLN B 312 -35.40 12.00 14.89
N ASP B 313 -35.98 10.85 15.24
CA ASP B 313 -35.24 9.59 15.26
C ASP B 313 -34.97 9.12 13.85
N LYS B 314 -35.92 9.35 12.96
CA LYS B 314 -35.79 8.94 11.59
C LYS B 314 -35.76 10.18 10.72
N PRO B 315 -35.04 10.13 9.58
CA PRO B 315 -34.90 11.29 8.69
C PRO B 315 -36.10 11.51 7.79
N GLU B 316 -37.24 11.78 8.40
CA GLU B 316 -38.49 11.94 7.68
C GLU B 316 -38.67 13.36 7.20
N VAL B 317 -38.51 14.31 8.12
CA VAL B 317 -38.69 15.74 7.86
C VAL B 317 -37.43 16.32 7.27
N TYR B 318 -37.57 17.15 6.24
CA TYR B 318 -36.46 17.86 5.60
C TYR B 318 -35.82 18.89 6.53
N GLY B 319 -34.49 18.86 6.65
CA GLY B 319 -33.76 19.87 7.41
C GLY B 319 -33.97 19.84 8.92
N LYS B 320 -34.23 18.65 9.45
CA LYS B 320 -34.47 18.46 10.87
C LYS B 320 -33.48 17.42 11.40
N SER B 321 -32.80 17.75 12.50
CA SER B 321 -31.68 16.96 13.00
C SER B 321 -32.09 15.54 13.36
N ILE B 322 -31.23 14.56 13.06
CA ILE B 322 -31.43 13.21 13.59
C ILE B 322 -30.47 12.89 14.74
N THR B 323 -29.69 13.88 15.15
CA THR B 323 -28.88 13.77 16.36
C THR B 323 -29.40 14.79 17.39
N ASP B 324 -28.57 15.67 17.96
CA ASP B 324 -29.05 16.58 19.00
C ASP B 324 -30.01 17.57 18.36
N ALA B 325 -31.04 17.93 19.12
CA ALA B 325 -32.01 18.94 18.69
C ALA B 325 -31.35 20.31 18.47
N CYS B 326 -31.81 21.01 17.43
CA CYS B 326 -31.27 22.29 17.03
C CYS B 326 -32.36 23.35 17.08
N ILE B 327 -31.96 24.61 17.18
CA ILE B 327 -32.86 25.70 16.89
C ILE B 327 -33.12 25.73 15.41
N GLY B 328 -34.30 26.23 15.05
CA GLY B 328 -34.72 26.36 13.65
C GLY B 328 -34.23 27.66 13.03
N TRP B 329 -34.56 27.87 11.76
CA TRP B 329 -33.98 28.96 11.01
C TRP B 329 -34.36 30.36 11.60
N GLY B 330 -35.61 30.48 12.04
CA GLY B 330 -36.11 31.75 12.57
C GLY B 330 -35.35 32.18 13.80
N ALA B 331 -35.18 31.24 14.74
CA ALA B 331 -34.45 31.54 15.96
C ALA B 331 -32.99 31.82 15.64
N THR B 332 -32.49 31.20 14.57
CA THR B 332 -31.10 31.41 14.14
C THR B 332 -30.87 32.85 13.69
N GLU B 333 -31.80 33.37 12.91
CA GLU B 333 -31.76 34.78 12.50
C GLU B 333 -31.71 35.70 13.70
N GLU B 334 -32.52 35.43 14.71
CA GLU B 334 -32.58 36.24 15.91
C GLU B 334 -31.29 36.15 16.73
N LEU B 335 -30.80 34.92 16.86
CA LEU B 335 -29.61 34.69 17.64
C LEU B 335 -28.44 35.43 17.02
N LEU B 336 -28.28 35.35 15.70
CA LEU B 336 -27.17 36.01 15.01
C LEU B 336 -27.27 37.55 15.10
N ALA B 337 -28.47 38.08 14.83
CA ALA B 337 -28.75 39.52 15.02
C ALA B 337 -28.32 39.94 16.42
N LEU B 338 -28.72 39.14 17.42
CA LEU B 338 -28.42 39.45 18.81
C LEU B 338 -26.92 39.57 19.04
N LEU B 339 -26.16 38.60 18.56
CA LEU B 339 -24.71 38.63 18.79
C LEU B 339 -24.00 39.72 18.00
N ALA B 340 -24.49 40.00 16.80
CA ALA B 340 -23.86 40.98 15.94
C ALA B 340 -23.92 42.35 16.60
N GLY B 341 -25.13 42.71 17.06
CA GLY B 341 -25.40 44.01 17.68
C GLY B 341 -24.59 44.18 18.95
N ALA B 342 -24.51 43.12 19.75
CA ALA B 342 -23.71 43.15 20.95
C ALA B 342 -22.22 43.25 20.64
N ASN B 343 -21.70 42.45 19.71
CA ASN B 343 -20.28 42.54 19.44
C ASN B 343 -19.87 43.83 18.74
N LYS B 344 -20.78 44.39 17.94
CA LYS B 344 -20.55 45.71 17.34
C LYS B 344 -20.21 46.75 18.43
N LYS B 345 -20.94 46.70 19.53
CA LYS B 345 -20.62 47.53 20.70
C LYS B 345 -19.28 47.21 21.34
N ARG B 346 -18.97 45.92 21.51
CA ARG B 346 -17.66 45.55 22.03
C ARG B 346 -16.55 46.12 21.17
N MET B 347 -16.66 45.93 19.86
CA MET B 347 -15.63 46.42 18.94
C MET B 347 -15.57 47.97 18.88
N ALA B 348 -16.68 48.64 19.16
CA ALA B 348 -16.70 50.11 19.21
C ALA B 348 -15.87 50.71 20.36
N ARG B 349 -15.56 49.93 21.39
CA ARG B 349 -14.70 50.40 22.47
C ARG B 349 -13.24 50.23 22.09
N VAL C 15 0.90 -19.32 3.37
CA VAL C 15 1.05 -18.44 2.17
C VAL C 15 1.41 -17.02 2.63
N LYS C 16 2.71 -16.72 2.64
CA LYS C 16 3.21 -15.43 3.13
C LYS C 16 2.89 -14.33 2.10
N GLU C 17 2.70 -13.10 2.58
CA GLU C 17 2.58 -11.96 1.71
C GLU C 17 3.97 -11.46 1.36
N LEU C 18 4.07 -10.76 0.24
CA LEU C 18 5.32 -10.23 -0.24
C LEU C 18 5.79 -9.07 0.60
N LEU C 19 6.98 -9.18 1.18
CA LEU C 19 7.56 -8.04 1.86
C LEU C 19 8.06 -7.03 0.82
N PRO C 20 7.85 -5.74 1.08
CA PRO C 20 8.36 -4.68 0.21
C PRO C 20 9.89 -4.57 0.28
N PRO C 21 10.51 -3.99 -0.76
CA PRO C 21 11.95 -3.75 -0.75
C PRO C 21 12.46 -3.08 0.55
N ILE C 22 11.75 -2.10 1.09
CA ILE C 22 12.26 -1.49 2.34
C ILE C 22 12.45 -2.50 3.48
N ALA C 23 11.69 -3.60 3.52
CA ALA C 23 11.94 -4.60 4.58
C ALA C 23 13.38 -5.12 4.49
N HIS C 24 13.81 -5.48 3.29
CA HIS C 24 15.12 -6.05 3.08
C HIS C 24 16.20 -4.99 3.12
N LEU C 25 15.90 -3.77 2.67
CA LEU C 25 16.91 -2.72 2.73
C LEU C 25 17.24 -2.33 4.17
N TYR C 26 16.25 -2.40 5.07
N TYR C 26 16.21 -2.40 5.03
CA TYR C 26 16.53 -2.01 6.44
CA TYR C 26 16.32 -2.13 6.49
C TYR C 26 17.17 -3.15 7.25
C TYR C 26 17.23 -3.15 7.15
N GLU C 27 16.93 -4.42 6.90
CA GLU C 27 17.72 -5.55 7.45
C GLU C 27 19.10 -5.61 6.85
N LEU C 28 19.23 -5.33 5.55
CA LEU C 28 20.50 -5.54 4.85
C LEU C 28 20.94 -4.27 4.16
N PRO C 29 21.23 -3.24 4.96
CA PRO C 29 21.58 -1.99 4.30
C PRO C 29 22.93 -2.08 3.58
N ILE C 30 23.05 -1.35 2.49
CA ILE C 30 24.29 -1.33 1.75
C ILE C 30 25.36 -0.65 2.60
N SER C 31 26.58 -1.18 2.59
CA SER C 31 27.68 -0.64 3.42
C SER C 31 28.36 0.49 2.64
N LYS C 32 29.24 1.24 3.32
CA LYS C 32 29.99 2.32 2.67
C LYS C 32 30.86 1.72 1.60
N GLU C 33 31.48 0.59 1.91
CA GLU C 33 32.46 -0.07 1.05
C GLU C 33 31.78 -0.65 -0.17
N ALA C 34 30.60 -1.23 0.05
CA ALA C 34 29.83 -1.77 -1.06
C ALA C 34 29.34 -0.65 -1.98
N SER C 35 28.81 0.42 -1.41
CA SER C 35 28.36 1.54 -2.25
C SER C 35 29.51 2.06 -3.10
N GLY C 36 30.67 2.22 -2.47
CA GLY C 36 31.89 2.65 -3.13
C GLY C 36 32.30 1.75 -4.29
N LEU C 37 32.25 0.44 -4.07
CA LEU C 37 32.67 -0.53 -5.09
C LEU C 37 31.72 -0.52 -6.26
N VAL C 38 30.43 -0.41 -5.97
CA VAL C 38 29.40 -0.38 -7.00
C VAL C 38 29.54 0.90 -7.85
N HIS C 39 29.67 2.04 -7.17
CA HIS C 39 29.87 3.31 -7.86
C HIS C 39 31.09 3.28 -8.79
N ARG C 40 32.24 2.86 -8.24
CA ARG C 40 33.48 2.74 -8.98
C ARG C 40 33.37 1.80 -10.17
N THR C 41 32.80 0.62 -9.94
CA THR C 41 32.76 -0.38 -10.99
C THR C 41 31.87 0.05 -12.15
N ARG C 42 30.75 0.70 -11.84
CA ARG C 42 29.85 1.19 -12.87
C ARG C 42 30.55 2.23 -13.71
N GLN C 43 31.25 3.14 -13.04
CA GLN C 43 32.06 4.15 -13.72
C GLN C 43 33.13 3.51 -14.59
N GLU C 44 33.80 2.48 -14.06
CA GLU C 44 34.91 1.85 -14.79
C GLU C 44 34.38 1.17 -16.03
N ILE C 45 33.22 0.54 -15.91
CA ILE C 45 32.60 -0.11 -17.05
C ILE C 45 32.12 0.93 -18.07
N SER C 46 31.53 2.01 -17.58
CA SER C 46 31.14 3.12 -18.47
C SER C 46 32.35 3.60 -19.27
N ASP C 47 33.52 3.63 -18.63
CA ASP C 47 34.75 4.03 -19.28
C ASP C 47 35.04 3.08 -20.45
N LEU C 48 34.70 1.80 -20.30
CA LEU C 48 34.95 0.82 -21.37
C LEU C 48 33.93 0.99 -22.48
N VAL C 49 32.67 1.21 -22.09
CA VAL C 49 31.63 1.39 -23.07
C VAL C 49 31.94 2.55 -24.00
N HIS C 50 32.49 3.64 -23.45
CA HIS C 50 32.70 4.89 -24.18
C HIS C 50 34.16 5.14 -24.56
N GLY C 51 34.96 4.07 -24.58
CA GLY C 51 36.30 4.08 -25.13
C GLY C 51 37.37 4.84 -24.37
N ARG C 52 37.17 5.07 -23.07
CA ARG C 52 38.16 5.80 -22.26
C ARG C 52 39.17 4.84 -21.63
N ASP C 53 38.85 3.55 -21.57
CA ASP C 53 39.78 2.58 -21.05
C ASP C 53 39.68 1.39 -21.98
N LYS C 54 40.76 0.63 -22.09
CA LYS C 54 40.82 -0.52 -22.99
C LYS C 54 40.99 -1.85 -22.25
N ARG C 55 40.82 -1.86 -20.92
CA ARG C 55 40.72 -3.13 -20.19
C ARG C 55 39.52 -3.90 -20.70
N LEU C 56 39.55 -5.22 -20.52
CA LEU C 56 38.50 -6.08 -21.02
C LEU C 56 37.55 -6.40 -19.87
N LEU C 57 36.29 -6.02 -19.98
CA LEU C 57 35.31 -6.45 -18.98
C LEU C 57 35.08 -7.96 -19.11
N VAL C 58 35.16 -8.67 -18.00
CA VAL C 58 34.91 -10.11 -18.00
C VAL C 58 33.80 -10.43 -17.00
N ILE C 59 32.61 -10.75 -17.52
CA ILE C 59 31.48 -11.16 -16.72
C ILE C 59 31.63 -12.66 -16.62
N ILE C 60 32.03 -13.17 -15.46
CA ILE C 60 32.39 -14.56 -15.34
C ILE C 60 31.88 -15.19 -14.03
N GLY C 61 31.37 -16.42 -14.13
CA GLY C 61 30.84 -17.13 -12.98
C GLY C 61 29.73 -18.09 -13.35
N PRO C 62 29.05 -18.64 -12.36
CA PRO C 62 28.06 -19.65 -12.63
C PRO C 62 26.98 -19.23 -13.58
N CYS C 63 26.45 -20.19 -14.32
CA CYS C 63 25.23 -19.96 -15.10
C CYS C 63 24.13 -19.45 -14.18
N SER C 64 23.97 -20.12 -13.06
CA SER C 64 23.02 -19.70 -12.05
C SER C 64 23.62 -19.92 -10.67
N ILE C 65 23.26 -19.07 -9.74
CA ILE C 65 23.54 -19.28 -8.32
C ILE C 65 22.42 -20.13 -7.71
N HIS C 66 22.80 -21.26 -7.14
CA HIS C 66 21.86 -22.11 -6.42
C HIS C 66 22.33 -22.45 -5.00
N ASP C 67 23.54 -22.02 -4.65
CA ASP C 67 24.13 -22.25 -3.34
C ASP C 67 25.02 -21.08 -2.94
N PRO C 68 24.62 -20.27 -1.97
CA PRO C 68 25.49 -19.18 -1.53
C PRO C 68 26.90 -19.56 -1.01
N LYS C 69 27.04 -20.73 -0.39
CA LYS C 69 28.34 -21.15 0.12
C LYS C 69 29.32 -21.34 -1.04
N ALA C 70 28.89 -22.06 -2.06
CA ALA C 70 29.73 -22.29 -3.23
C ALA C 70 30.01 -20.98 -3.95
N ALA C 71 29.03 -20.07 -3.97
CA ALA C 71 29.21 -18.82 -4.68
C ALA C 71 30.28 -17.99 -3.99
N LEU C 72 30.25 -17.98 -2.65
CA LEU C 72 31.24 -17.24 -1.89
C LEU C 72 32.65 -17.83 -2.03
N GLU C 73 32.76 -19.15 -2.08
CA GLU C 73 34.05 -19.81 -2.25
C GLU C 73 34.62 -19.45 -3.62
N TYR C 74 33.74 -19.52 -4.63
CA TYR C 74 34.10 -19.14 -5.98
C TYR C 74 34.56 -17.69 -6.05
N ALA C 75 33.82 -16.79 -5.40
CA ALA C 75 34.13 -15.37 -5.41
C ALA C 75 35.49 -15.11 -4.80
N GLU C 76 35.82 -15.83 -3.74
CA GLU C 76 37.13 -15.66 -3.10
C GLU C 76 38.24 -16.05 -4.05
N ARG C 77 38.08 -17.16 -4.78
CA ARG C 77 39.08 -17.53 -5.79
C ARG C 77 39.17 -16.48 -6.89
N LEU C 78 38.01 -16.02 -7.35
CA LEU C 78 37.97 -15.09 -8.48
C LEU C 78 38.57 -13.75 -8.11
N LEU C 79 38.41 -13.36 -6.86
CA LEU C 79 38.94 -12.10 -6.37
C LEU C 79 40.45 -12.05 -6.48
N LYS C 80 41.09 -13.18 -6.20
CA LYS C 80 42.55 -13.26 -6.35
C LYS C 80 42.91 -12.96 -7.79
N LEU C 81 42.14 -13.49 -8.73
CA LEU C 81 42.45 -13.26 -10.12
C LEU C 81 42.06 -11.86 -10.58
N ARG C 82 40.96 -11.32 -10.02
CA ARG C 82 40.53 -9.97 -10.32
C ARG C 82 41.69 -9.02 -9.99
N LYS C 83 42.38 -9.29 -8.89
CA LYS C 83 43.48 -8.44 -8.46
C LYS C 83 44.70 -8.65 -9.35
N GLN C 84 45.04 -9.90 -9.62
CA GLN C 84 46.22 -10.25 -10.42
C GLN C 84 46.13 -9.56 -11.77
N TYR C 85 44.96 -9.62 -12.40
CA TYR C 85 44.80 -9.10 -13.77
C TYR C 85 44.17 -7.71 -13.89
N GLU C 86 44.17 -6.94 -12.80
CA GLU C 86 43.42 -5.70 -12.76
C GLU C 86 43.88 -4.63 -13.74
N ASN C 87 45.11 -4.74 -14.25
CA ASN C 87 45.56 -3.77 -15.24
C ASN C 87 45.11 -4.11 -16.63
N GLU C 88 44.81 -5.39 -16.87
CA GLU C 88 44.33 -5.87 -18.16
C GLU C 88 42.83 -6.15 -18.24
N LEU C 89 42.31 -6.81 -17.20
CA LEU C 89 40.93 -7.25 -17.14
C LEU C 89 40.21 -6.53 -16.01
N LEU C 90 38.92 -6.31 -16.22
CA LEU C 90 38.02 -5.82 -15.18
C LEU C 90 37.07 -6.97 -14.89
N ILE C 91 37.37 -7.71 -13.84
CA ILE C 91 36.65 -8.93 -13.54
C ILE C 91 35.47 -8.65 -12.62
N VAL C 92 34.30 -9.13 -13.05
CA VAL C 92 33.04 -8.97 -12.33
C VAL C 92 32.33 -10.33 -12.31
N MET C 93 31.84 -10.75 -11.15
CA MET C 93 31.27 -12.08 -11.03
C MET C 93 29.84 -12.12 -11.60
N ARG C 94 29.51 -13.16 -12.38
CA ARG C 94 28.11 -13.46 -12.73
C ARG C 94 27.38 -13.96 -11.50
N VAL C 95 26.32 -13.28 -11.09
CA VAL C 95 25.54 -13.66 -9.93
C VAL C 95 24.08 -13.64 -10.36
N TYR C 96 23.72 -14.65 -11.15
CA TYR C 96 22.44 -14.67 -11.85
C TYR C 96 21.36 -15.32 -11.01
N PHE C 97 20.37 -14.50 -10.66
CA PHE C 97 19.24 -14.89 -9.78
C PHE C 97 17.94 -15.18 -10.51
N GLU C 98 17.87 -14.77 -11.78
CA GLU C 98 16.66 -14.90 -12.55
C GLU C 98 17.01 -15.55 -13.89
N LYS C 99 16.35 -16.69 -14.12
CA LYS C 99 16.61 -17.54 -15.27
C LYS C 99 15.37 -17.59 -16.18
N PRO C 100 15.54 -17.17 -17.46
CA PRO C 100 14.48 -17.34 -18.44
C PRO C 100 14.53 -18.75 -19.00
N ARG C 101 13.44 -19.48 -18.83
CA ARG C 101 13.30 -20.83 -19.36
C ARG C 101 12.68 -20.78 -20.77
N THR C 102 13.11 -21.72 -21.61
CA THR C 102 12.53 -21.95 -22.94
C THR C 102 11.00 -22.19 -22.86
N THR C 103 10.59 -23.05 -21.94
CA THR C 103 9.18 -23.26 -21.60
C THR C 103 8.87 -23.11 -20.10
N VAL C 104 9.03 -24.22 -19.36
CA VAL C 104 8.84 -24.28 -17.91
C VAL C 104 10.18 -24.65 -17.24
N GLY C 105 10.28 -24.46 -15.92
CA GLY C 105 11.49 -24.82 -15.16
C GLY C 105 11.80 -23.91 -13.98
N TRP C 106 12.90 -24.23 -13.28
CA TRP C 106 13.36 -23.48 -12.10
C TRP C 106 13.80 -22.08 -12.54
N LYS C 107 13.16 -21.05 -12.01
CA LYS C 107 13.41 -19.68 -12.50
C LYS C 107 14.55 -19.03 -11.75
N GLY C 108 15.01 -19.70 -10.69
CA GLY C 108 16.23 -19.31 -9.99
C GLY C 108 16.12 -19.36 -8.48
N LEU C 109 17.09 -18.71 -7.85
CA LEU C 109 17.25 -18.73 -6.41
C LEU C 109 16.17 -17.86 -5.79
N ILE C 110 15.80 -16.77 -6.46
CA ILE C 110 14.84 -15.84 -5.91
C ILE C 110 13.47 -16.47 -5.94
N ASN C 111 13.10 -16.93 -7.12
CA ASN C 111 11.80 -17.49 -7.34
C ASN C 111 11.60 -18.73 -6.50
N ASP C 112 12.64 -19.55 -6.37
CA ASP C 112 12.52 -20.80 -5.63
C ASP C 112 13.78 -21.20 -4.84
N PRO C 113 14.07 -20.49 -3.75
CA PRO C 113 15.36 -20.66 -3.07
C PRO C 113 15.65 -22.01 -2.44
N HIS C 114 14.65 -22.75 -2.02
CA HIS C 114 14.95 -24.06 -1.41
C HIS C 114 15.07 -25.17 -2.47
N LEU C 115 14.88 -24.83 -3.75
CA LEU C 115 15.12 -25.73 -4.88
C LEU C 115 14.13 -26.90 -4.84
N ASP C 116 12.91 -26.62 -4.40
CA ASP C 116 11.89 -27.66 -4.22
C ASP C 116 10.44 -27.31 -4.63
N GLY C 117 10.26 -26.24 -5.38
CA GLY C 117 8.93 -25.78 -5.75
C GLY C 117 8.10 -25.19 -4.62
N THR C 118 8.72 -24.58 -3.62
CA THR C 118 7.96 -23.89 -2.56
C THR C 118 7.85 -22.35 -2.77
N PHE C 119 8.56 -21.85 -3.76
CA PHE C 119 8.40 -20.45 -4.16
C PHE C 119 8.42 -19.50 -2.98
N ASP C 120 9.39 -19.68 -2.09
CA ASP C 120 9.52 -18.86 -0.91
C ASP C 120 10.24 -17.59 -1.31
N ILE C 121 9.51 -16.67 -1.92
CA ILE C 121 10.12 -15.53 -2.63
C ILE C 121 10.66 -14.55 -1.60
N ASN C 122 10.06 -14.45 -0.41
CA ASN C 122 10.63 -13.55 0.61
C ASN C 122 12.03 -13.97 1.01
N PHE C 123 12.18 -15.26 1.27
CA PHE C 123 13.48 -15.78 1.60
C PHE C 123 14.44 -15.66 0.44
N GLY C 124 13.92 -15.89 -0.76
CA GLY C 124 14.75 -15.84 -1.97
C GLY C 124 15.35 -14.46 -2.18
N LEU C 125 14.52 -13.44 -2.02
CA LEU C 125 15.00 -12.08 -2.15
C LEU C 125 16.01 -11.74 -1.07
N SER C 126 15.80 -12.23 0.14
CA SER C 126 16.69 -11.94 1.26
C SER C 126 18.05 -12.55 1.02
N GLN C 127 18.00 -13.80 0.60
CA GLN C 127 19.20 -14.55 0.31
C GLN C 127 19.99 -13.90 -0.82
N ALA C 128 19.29 -13.47 -1.87
CA ALA C 128 19.92 -12.84 -3.01
C ALA C 128 20.62 -11.58 -2.57
N ARG C 129 19.90 -10.73 -1.84
CA ARG C 129 20.46 -9.49 -1.35
C ARG C 129 21.67 -9.74 -0.41
N SER C 130 21.55 -10.75 0.45
CA SER C 130 22.59 -11.03 1.43
C SER C 130 23.85 -11.46 0.74
N LEU C 131 23.68 -12.32 -0.28
CA LEU C 131 24.83 -12.83 -1.01
C LEU C 131 25.51 -11.67 -1.72
N LEU C 132 24.72 -10.83 -2.41
CA LEU C 132 25.28 -9.67 -3.09
C LEU C 132 26.01 -8.70 -2.17
N LEU C 133 25.46 -8.49 -0.98
CA LEU C 133 26.09 -7.63 0.02
C LEU C 133 27.44 -8.20 0.44
N SER C 134 27.49 -9.49 0.72
CA SER C 134 28.76 -10.12 1.10
C SER C 134 29.77 -10.10 -0.07
N LEU C 135 29.30 -10.31 -1.28
CA LEU C 135 30.22 -10.27 -2.40
C LEU C 135 30.87 -8.90 -2.50
N ASN C 136 30.05 -7.86 -2.52
CA ASN C 136 30.58 -6.51 -2.63
C ASN C 136 31.47 -6.17 -1.44
N ASN C 137 31.15 -6.67 -0.24
CA ASN C 137 31.93 -6.39 0.97
C ASN C 137 33.30 -7.04 0.91
N MET C 138 33.41 -8.19 0.25
CA MET C 138 34.73 -8.81 0.11
C MET C 138 35.56 -8.21 -1.02
N GLY C 139 34.98 -7.31 -1.82
CA GLY C 139 35.71 -6.67 -2.91
C GLY C 139 35.36 -7.18 -4.30
N MET C 140 34.37 -8.07 -4.40
CA MET C 140 33.93 -8.62 -5.67
C MET C 140 32.61 -8.01 -6.16
N PRO C 141 32.68 -7.21 -7.24
CA PRO C 141 31.46 -6.64 -7.81
C PRO C 141 30.63 -7.72 -8.49
N ALA C 142 29.34 -7.45 -8.60
CA ALA C 142 28.39 -8.47 -9.06
C ALA C 142 27.60 -7.99 -10.27
N SER C 143 27.21 -8.95 -11.10
CA SER C 143 26.36 -8.71 -12.27
C SER C 143 25.20 -9.71 -12.24
N THR C 144 24.10 -9.36 -12.88
CA THR C 144 22.97 -10.27 -12.93
C THR C 144 22.11 -9.95 -14.15
N GLU C 145 21.25 -10.88 -14.54
CA GLU C 145 20.25 -10.59 -15.55
C GLU C 145 18.99 -10.06 -14.88
N PHE C 146 18.49 -8.94 -15.40
CA PHE C 146 17.23 -8.38 -14.91
C PHE C 146 16.06 -8.88 -15.74
N LEU C 147 15.37 -9.88 -15.22
CA LEU C 147 14.29 -10.51 -15.96
C LEU C 147 12.89 -9.99 -15.54
N ASP C 148 12.72 -9.80 -14.24
CA ASP C 148 11.45 -9.44 -13.64
C ASP C 148 11.33 -7.90 -13.52
N MET C 149 10.11 -7.35 -13.60
CA MET C 149 9.92 -5.92 -13.43
C MET C 149 9.92 -5.44 -11.97
N ILE C 150 9.62 -6.31 -11.01
CA ILE C 150 9.48 -5.89 -9.61
C ILE C 150 10.68 -6.21 -8.71
N THR C 151 11.42 -7.29 -9.00
CA THR C 151 12.50 -7.70 -8.13
C THR C 151 13.72 -6.76 -8.09
N PRO C 152 14.05 -6.07 -9.20
CA PRO C 152 15.29 -5.29 -9.16
C PRO C 152 15.39 -4.29 -8.02
N GLN C 153 14.28 -3.66 -7.65
CA GLN C 153 14.24 -2.77 -6.49
C GLN C 153 14.87 -3.38 -5.22
N TYR C 154 14.80 -4.70 -5.09
CA TYR C 154 15.30 -5.35 -3.89
C TYR C 154 16.85 -5.42 -3.80
N TYR C 155 17.53 -5.46 -4.95
CA TYR C 155 19.00 -5.56 -4.94
C TYR C 155 19.81 -4.79 -6.00
N ALA C 156 19.18 -3.96 -6.81
CA ALA C 156 19.85 -3.31 -7.96
C ALA C 156 21.00 -2.42 -7.51
N ASP C 157 20.87 -1.89 -6.29
CA ASP C 157 21.89 -1.05 -5.68
C ASP C 157 23.22 -1.77 -5.48
N LEU C 158 23.18 -3.10 -5.51
CA LEU C 158 24.36 -3.92 -5.32
C LEU C 158 24.89 -4.45 -6.63
N ILE C 159 24.28 -4.04 -7.74
CA ILE C 159 24.67 -4.52 -9.09
C ILE C 159 25.50 -3.50 -9.88
N SER C 160 26.63 -3.97 -10.42
CA SER C 160 27.56 -3.13 -11.17
C SER C 160 27.35 -3.25 -12.68
N TRP C 161 26.73 -4.34 -13.13
CA TRP C 161 26.44 -4.54 -14.54
C TRP C 161 25.25 -5.46 -14.66
N GLY C 162 24.33 -5.12 -15.56
CA GLY C 162 23.16 -5.94 -15.78
C GLY C 162 23.01 -6.37 -17.22
N ALA C 163 22.32 -7.48 -17.39
CA ALA C 163 22.01 -8.03 -18.70
C ALA C 163 20.50 -8.01 -18.89
N ILE C 164 20.08 -7.71 -20.11
CA ILE C 164 18.72 -8.03 -20.52
C ILE C 164 18.89 -9.21 -21.47
N GLY C 165 18.25 -10.32 -21.15
CA GLY C 165 18.44 -11.56 -21.90
C GLY C 165 17.93 -11.53 -23.34
N ALA C 166 18.43 -12.46 -24.15
CA ALA C 166 18.01 -12.56 -25.55
C ALA C 166 16.48 -12.66 -25.73
N ARG C 167 15.79 -13.26 -24.77
CA ARG C 167 14.35 -13.52 -24.87
C ARG C 167 13.44 -12.30 -24.55
N THR C 168 14.09 -11.27 -24.02
CA THR C 168 13.44 -10.02 -23.65
C THR C 168 14.04 -8.73 -24.24
N THR C 169 15.16 -8.81 -24.95
CA THR C 169 15.78 -7.62 -25.55
C THR C 169 14.78 -6.82 -26.43
N GLU C 170 13.81 -7.51 -27.03
CA GLU C 170 12.82 -6.87 -27.93
C GLU C 170 11.59 -6.36 -27.16
N SER C 171 11.50 -6.73 -25.88
CA SER C 171 10.38 -6.37 -25.03
C SER C 171 10.47 -4.92 -24.53
N GLN C 172 9.39 -4.17 -24.77
N GLN C 172 9.40 -4.17 -24.76
CA GLN C 172 9.33 -2.75 -24.40
CA GLN C 172 9.35 -2.75 -24.41
C GLN C 172 9.44 -2.54 -22.90
C GLN C 172 9.44 -2.53 -22.90
N VAL C 173 8.79 -3.41 -22.12
CA VAL C 173 8.82 -3.28 -20.65
C VAL C 173 10.25 -3.45 -20.11
N HIS C 174 11.05 -4.28 -20.78
CA HIS C 174 12.45 -4.50 -20.34
C HIS C 174 13.36 -3.38 -20.79
N ARG C 175 13.09 -2.79 -21.95
CA ARG C 175 13.84 -1.59 -22.38
C ARG C 175 13.52 -0.40 -21.45
N GLU C 176 12.26 -0.28 -21.04
CA GLU C 176 11.88 0.70 -20.03
C GLU C 176 12.65 0.48 -18.73
N LEU C 177 12.63 -0.76 -18.22
CA LEU C 177 13.39 -1.10 -17.00
C LEU C 177 14.84 -0.68 -17.12
N ALA C 178 15.47 -1.06 -18.24
CA ALA C 178 16.88 -0.75 -18.45
C ALA C 178 17.15 0.77 -18.41
N SER C 179 16.19 1.55 -18.94
CA SER C 179 16.30 3.02 -19.03
C SER C 179 16.33 3.68 -17.66
N GLY C 180 15.90 2.94 -16.65
CA GLY C 180 15.88 3.45 -15.29
C GLY C 180 16.95 2.90 -14.37
N LEU C 181 17.73 1.92 -14.84
CA LEU C 181 18.79 1.32 -14.02
C LEU C 181 20.00 2.21 -14.02
N SER C 182 20.73 2.26 -12.90
CA SER C 182 21.91 3.13 -12.78
C SER C 182 23.22 2.43 -13.09
N CYS C 183 23.15 1.18 -13.55
CA CYS C 183 24.33 0.44 -13.97
C CYS C 183 24.31 0.32 -15.47
N PRO C 184 25.48 0.09 -16.09
CA PRO C 184 25.53 -0.26 -17.50
C PRO C 184 24.75 -1.53 -17.75
N VAL C 185 24.17 -1.67 -18.95
CA VAL C 185 23.35 -2.81 -19.31
C VAL C 185 23.73 -3.33 -20.69
N GLY C 186 23.85 -4.64 -20.79
CA GLY C 186 24.14 -5.28 -22.04
C GLY C 186 22.87 -5.94 -22.54
N PHE C 187 22.58 -5.74 -23.83
CA PHE C 187 21.44 -6.35 -24.47
C PHE C 187 21.92 -7.40 -25.44
N LYS C 188 21.39 -8.60 -25.32
CA LYS C 188 21.74 -9.69 -26.19
C LYS C 188 21.02 -9.65 -27.50
N ASN C 189 21.67 -10.10 -28.56
CA ASN C 189 21.01 -10.30 -29.84
C ASN C 189 19.97 -11.39 -29.67
N GLY C 190 19.04 -11.47 -30.61
CA GLY C 190 17.91 -12.38 -30.48
C GLY C 190 18.35 -13.82 -30.47
N THR C 191 17.50 -14.71 -29.94
CA THR C 191 17.85 -16.13 -29.85
C THR C 191 18.16 -16.79 -31.22
N ASP C 192 17.72 -16.18 -32.31
CA ASP C 192 18.03 -16.67 -33.66
C ASP C 192 19.11 -15.81 -34.37
N GLY C 193 19.75 -14.86 -33.66
CA GLY C 193 20.90 -14.10 -34.22
C GLY C 193 20.66 -12.65 -34.64
N ASN C 194 19.39 -12.24 -34.60
CA ASN C 194 19.02 -10.87 -34.87
C ASN C 194 19.77 -9.88 -33.97
N LEU C 195 20.64 -9.08 -34.56
CA LEU C 195 21.35 -8.03 -33.83
C LEU C 195 20.58 -6.70 -33.79
N LYS C 196 19.73 -6.46 -34.78
CA LYS C 196 19.00 -5.19 -34.84
C LYS C 196 18.19 -4.96 -33.55
N ILE C 197 17.58 -6.02 -33.02
CA ILE C 197 16.77 -5.85 -31.82
C ILE C 197 17.59 -5.31 -30.63
N ALA C 198 18.86 -5.71 -30.53
CA ALA C 198 19.72 -5.22 -29.45
C ALA C 198 20.15 -3.78 -29.68
N ILE C 199 20.35 -3.41 -30.93
CA ILE C 199 20.73 -2.04 -31.29
C ILE C 199 19.54 -1.11 -31.05
N ASP C 200 18.37 -1.58 -31.46
CA ASP C 200 17.11 -0.88 -31.22
C ASP C 200 16.91 -0.69 -29.72
N ALA C 201 17.19 -1.73 -28.96
CA ALA C 201 17.03 -1.70 -27.50
C ALA C 201 17.92 -0.67 -26.82
N ILE C 202 19.16 -0.53 -27.28
CA ILE C 202 20.05 0.51 -26.74
C ILE C 202 19.44 1.87 -27.00
N GLY C 203 18.94 2.06 -28.23
CA GLY C 203 18.26 3.28 -28.59
C GLY C 203 17.15 3.54 -27.59
N ALA C 204 16.19 2.62 -27.52
CA ALA C 204 15.08 2.74 -26.59
C ALA C 204 15.52 3.03 -25.15
N ALA C 205 16.48 2.26 -24.64
CA ALA C 205 16.88 2.36 -23.23
C ALA C 205 17.66 3.65 -22.92
N SER C 206 18.31 4.23 -23.93
CA SER C 206 19.01 5.50 -23.78
C SER C 206 18.06 6.69 -23.56
N HIS C 207 16.78 6.52 -23.93
CA HIS C 207 15.77 7.58 -23.81
C HIS C 207 14.99 7.53 -22.51
N SER C 208 14.38 8.65 -22.19
CA SER C 208 13.52 8.77 -21.03
C SER C 208 12.20 8.01 -21.29
N HIS C 209 11.68 7.33 -20.27
CA HIS C 209 10.37 6.69 -20.40
C HIS C 209 9.48 7.02 -19.22
N HIS C 210 8.18 7.01 -19.47
CA HIS C 210 7.15 7.03 -18.46
C HIS C 210 6.44 5.69 -18.53
N PHE C 211 6.40 5.02 -17.40
CA PHE C 211 5.75 3.74 -17.32
C PHE C 211 5.47 3.42 -15.87
N LEU C 212 4.69 2.35 -15.65
CA LEU C 212 4.33 1.93 -14.32
C LEU C 212 5.41 1.03 -13.74
N SER C 213 5.67 1.21 -12.46
CA SER C 213 6.66 0.44 -11.74
C SER C 213 6.26 0.43 -10.27
N VAL C 214 7.06 -0.20 -9.44
CA VAL C 214 6.74 -0.35 -8.03
C VAL C 214 7.77 0.37 -7.19
N THR C 215 7.32 1.03 -6.12
CA THR C 215 8.21 1.74 -5.22
C THR C 215 8.87 0.81 -4.19
N LYS C 216 9.82 1.37 -3.44
CA LYS C 216 10.48 0.68 -2.32
C LYS C 216 9.52 0.24 -1.24
N ALA C 217 8.43 0.99 -1.11
CA ALA C 217 7.41 0.66 -0.14
C ALA C 217 6.43 -0.39 -0.66
N GLY C 218 6.56 -0.82 -1.90
CA GLY C 218 5.72 -1.89 -2.46
C GLY C 218 4.46 -1.45 -3.19
N HIS C 219 4.36 -0.18 -3.56
CA HIS C 219 3.18 0.32 -4.22
CA HIS C 219 3.18 0.32 -4.23
C HIS C 219 3.50 0.66 -5.67
N SER C 220 2.53 0.42 -6.56
CA SER C 220 2.70 0.77 -7.97
C SER C 220 2.75 2.27 -8.11
N ALA C 221 3.51 2.75 -9.08
CA ALA C 221 3.68 4.17 -9.28
C ALA C 221 4.10 4.46 -10.71
N ILE C 222 3.83 5.67 -11.16
CA ILE C 222 4.36 6.16 -12.42
C ILE C 222 5.77 6.57 -12.12
N VAL C 223 6.72 6.06 -12.89
CA VAL C 223 8.10 6.51 -12.80
C VAL C 223 8.52 7.18 -14.10
N HIS C 224 9.45 8.11 -13.99
CA HIS C 224 9.99 8.85 -15.10
C HIS C 224 11.51 8.62 -15.07
N THR C 225 12.00 7.81 -16.01
CA THR C 225 13.43 7.48 -16.05
C THR C 225 14.17 8.52 -16.84
N GLY C 226 15.46 8.66 -16.57
CA GLY C 226 16.31 9.59 -17.30
C GLY C 226 17.08 9.00 -18.48
N GLY C 227 16.83 7.72 -18.80
CA GLY C 227 17.57 7.07 -19.89
C GLY C 227 18.88 6.52 -19.38
N ASN C 228 19.37 5.45 -20.01
CA ASN C 228 20.60 4.81 -19.58
C ASN C 228 21.63 4.99 -20.67
N PRO C 229 22.64 5.85 -20.43
CA PRO C 229 23.64 6.13 -21.49
C PRO C 229 24.72 5.06 -21.65
N ASP C 230 24.64 3.98 -20.88
CA ASP C 230 25.72 2.99 -20.80
C ASP C 230 25.35 1.60 -21.29
N CYS C 231 24.52 1.53 -22.30
CA CYS C 231 24.06 0.25 -22.81
C CYS C 231 24.96 -0.15 -23.99
N HIS C 232 25.08 -1.46 -24.20
CA HIS C 232 25.86 -1.98 -25.32
C HIS C 232 25.32 -3.34 -25.66
N VAL C 233 25.74 -3.89 -26.81
CA VAL C 233 25.20 -5.15 -27.24
C VAL C 233 26.12 -6.25 -26.78
N ILE C 234 25.56 -7.45 -26.72
CA ILE C 234 26.26 -8.70 -26.42
C ILE C 234 26.02 -9.62 -27.59
N LEU C 235 27.09 -10.09 -28.23
CA LEU C 235 27.00 -11.16 -29.25
C LEU C 235 27.05 -12.54 -28.57
N ARG C 236 25.94 -13.26 -28.69
CA ARG C 236 25.77 -14.59 -28.08
C ARG C 236 25.40 -15.74 -29.03
N GLY C 237 25.55 -15.54 -30.33
CA GLY C 237 25.23 -16.54 -31.32
C GLY C 237 23.77 -16.54 -31.71
N GLY C 238 23.48 -17.26 -32.78
CA GLY C 238 22.09 -17.49 -33.16
C GLY C 238 22.02 -18.88 -33.74
N LYS C 239 21.41 -18.97 -34.93
CA LYS C 239 21.45 -20.22 -35.70
C LYS C 239 22.93 -20.61 -35.88
N GLU C 240 23.78 -19.61 -36.17
CA GLU C 240 25.25 -19.80 -36.22
C GLU C 240 25.92 -18.93 -35.14
N PRO C 241 27.12 -19.30 -34.70
CA PRO C 241 27.93 -18.45 -33.79
C PRO C 241 28.30 -17.11 -34.39
N ASN C 242 28.47 -16.08 -33.56
CA ASN C 242 28.78 -14.73 -34.05
C ASN C 242 29.94 -14.00 -33.37
N TYR C 243 30.96 -14.73 -32.95
CA TYR C 243 32.08 -14.15 -32.20
C TYR C 243 33.32 -13.75 -32.99
N ASP C 244 33.42 -14.18 -34.25
CA ASP C 244 34.66 -13.96 -34.98
C ASP C 244 34.75 -12.53 -35.50
N ALA C 245 35.93 -12.16 -36.00
CA ALA C 245 36.24 -10.78 -36.42
C ALA C 245 35.25 -10.28 -37.45
N GLU C 246 34.85 -11.16 -38.37
CA GLU C 246 33.92 -10.78 -39.43
C GLU C 246 32.60 -10.35 -38.81
N HIS C 247 32.09 -11.15 -37.86
CA HIS C 247 30.83 -10.80 -37.16
C HIS C 247 30.98 -9.55 -36.30
N VAL C 248 32.12 -9.42 -35.65
CA VAL C 248 32.38 -8.26 -34.82
C VAL C 248 32.39 -7.03 -35.71
N SER C 249 33.09 -7.14 -36.83
CA SER C 249 33.20 -6.04 -37.80
C SER C 249 31.85 -5.61 -38.37
N GLU C 250 31.01 -6.58 -38.73
CA GLU C 250 29.67 -6.30 -39.24
C GLU C 250 28.76 -5.66 -38.16
N ALA C 251 28.86 -6.17 -36.94
CA ALA C 251 28.10 -5.60 -35.83
C ALA C 251 28.54 -4.14 -35.57
N ALA C 252 29.87 -3.91 -35.49
CA ALA C 252 30.42 -2.55 -35.29
C ALA C 252 29.91 -1.54 -36.32
N GLU C 253 29.85 -1.96 -37.58
CA GLU C 253 29.32 -1.11 -38.64
C GLU C 253 27.86 -0.73 -38.37
N GLN C 254 27.06 -1.73 -38.00
CA GLN C 254 25.65 -1.51 -37.76
C GLN C 254 25.45 -0.61 -36.55
N LEU C 255 26.29 -0.77 -35.54
CA LEU C 255 26.19 0.06 -34.34
C LEU C 255 26.51 1.49 -34.71
N ARG C 256 27.63 1.71 -35.40
CA ARG C 256 27.97 3.04 -35.89
C ARG C 256 26.86 3.63 -36.77
N ALA C 257 26.30 2.85 -37.69
CA ALA C 257 25.13 3.30 -38.48
C ALA C 257 23.91 3.78 -37.65
N ALA C 258 23.67 3.14 -36.50
CA ALA C 258 22.58 3.55 -35.64
C ALA C 258 22.99 4.66 -34.66
N GLY C 259 24.25 5.12 -34.74
CA GLY C 259 24.71 6.22 -33.89
C GLY C 259 24.91 5.87 -32.43
N VAL C 260 25.15 4.60 -32.13
CA VAL C 260 25.32 4.15 -30.74
C VAL C 260 26.71 3.52 -30.59
N THR C 261 27.16 3.32 -29.34
CA THR C 261 28.52 2.83 -29.10
C THR C 261 28.78 1.54 -29.88
N ASP C 262 29.95 1.49 -30.48
CA ASP C 262 30.38 0.34 -31.25
C ASP C 262 31.40 -0.49 -30.44
N LYS C 263 31.35 -0.34 -29.12
CA LYS C 263 32.05 -1.25 -28.21
C LYS C 263 31.04 -2.31 -27.80
N LEU C 264 31.43 -3.57 -27.92
CA LEU C 264 30.53 -4.68 -27.67
C LEU C 264 31.16 -5.77 -26.80
N MET C 265 30.33 -6.72 -26.42
CA MET C 265 30.69 -7.81 -25.55
C MET C 265 30.39 -9.09 -26.29
N ILE C 266 31.18 -10.11 -26.04
CA ILE C 266 31.02 -11.38 -26.70
C ILE C 266 30.85 -12.44 -25.62
N ASP C 267 29.77 -13.19 -25.73
CA ASP C 267 29.51 -14.31 -24.86
C ASP C 267 30.29 -15.50 -25.41
N CYS C 268 31.14 -16.12 -24.59
CA CYS C 268 31.83 -17.37 -24.96
C CYS C 268 30.95 -18.61 -24.79
N SER C 269 29.85 -18.46 -24.07
CA SER C 269 28.90 -19.53 -23.74
C SER C 269 27.64 -19.54 -24.61
N HIS C 270 26.67 -20.37 -24.20
CA HIS C 270 25.38 -20.42 -24.87
C HIS C 270 25.56 -20.78 -26.35
N ALA C 271 24.89 -20.05 -27.26
CA ALA C 271 24.91 -20.43 -28.67
C ALA C 271 26.25 -20.17 -29.35
N ASN C 272 27.14 -19.35 -28.75
CA ASN C 272 28.46 -19.16 -29.38
C ASN C 272 29.38 -20.32 -29.14
N SER C 273 29.11 -21.10 -28.10
CA SER C 273 29.80 -22.37 -27.87
C SER C 273 28.93 -23.53 -28.37
N ARG C 274 27.89 -23.26 -29.12
CA ARG C 274 27.01 -24.33 -29.56
C ARG C 274 26.54 -25.16 -28.37
N LYS C 275 26.19 -24.48 -27.29
CA LYS C 275 25.76 -25.11 -26.03
C LYS C 275 26.75 -26.13 -25.43
N ASP C 276 28.03 -26.04 -25.74
CA ASP C 276 29.01 -27.03 -25.29
C ASP C 276 30.08 -26.33 -24.46
N TYR C 277 30.20 -26.70 -23.19
CA TYR C 277 31.04 -25.92 -22.27
C TYR C 277 32.54 -25.98 -22.60
N THR C 278 32.97 -27.08 -23.22
CA THR C 278 34.38 -27.23 -23.63
C THR C 278 34.80 -26.31 -24.76
N ARG C 279 33.83 -25.76 -25.47
CA ARG C 279 34.09 -24.82 -26.55
C ARG C 279 34.28 -23.35 -26.10
N GLN C 280 33.98 -23.01 -24.84
CA GLN C 280 34.17 -21.62 -24.38
C GLN C 280 35.62 -21.18 -24.56
N MET C 281 36.55 -22.07 -24.28
CA MET C 281 37.97 -21.79 -24.49
C MET C 281 38.30 -21.51 -25.96
N GLU C 282 37.64 -22.25 -26.84
CA GLU C 282 37.78 -22.11 -28.29
C GLU C 282 37.42 -20.67 -28.66
N VAL C 283 36.31 -20.20 -28.11
CA VAL C 283 35.83 -18.86 -28.43
C VAL C 283 36.76 -17.77 -27.86
N ALA C 284 37.26 -18.00 -26.65
CA ALA C 284 38.16 -17.04 -25.99
C ALA C 284 39.47 -16.98 -26.72
N GLN C 285 39.91 -18.12 -27.25
CA GLN C 285 41.12 -18.14 -28.11
C GLN C 285 40.94 -17.24 -29.33
N ASP C 286 39.81 -17.41 -29.99
CA ASP C 286 39.51 -16.59 -31.16
C ASP C 286 39.48 -15.12 -30.78
N ILE C 287 38.83 -14.80 -29.65
CA ILE C 287 38.78 -13.42 -29.18
C ILE C 287 40.20 -12.93 -28.85
N ALA C 288 40.99 -13.77 -28.20
CA ALA C 288 42.41 -13.47 -27.89
C ALA C 288 43.21 -13.07 -29.13
N ALA C 289 43.05 -13.80 -30.24
CA ALA C 289 43.71 -13.43 -31.51
C ALA C 289 43.20 -12.09 -32.05
N GLN C 290 41.88 -11.85 -31.93
CA GLN C 290 41.34 -10.56 -32.35
C GLN C 290 41.96 -9.40 -31.56
N LEU C 291 42.18 -9.59 -30.27
CA LEU C 291 42.77 -8.54 -29.42
C LEU C 291 44.22 -8.27 -29.77
N GLU C 292 44.92 -9.34 -30.16
CA GLU C 292 46.30 -9.20 -30.57
C GLU C 292 46.42 -8.49 -31.92
N GLN C 293 45.63 -8.89 -32.92
CA GLN C 293 45.64 -8.20 -34.21
C GLN C 293 45.13 -6.76 -34.06
N ASP C 294 43.92 -6.60 -33.51
CA ASP C 294 43.27 -5.28 -33.43
C ASP C 294 42.26 -5.26 -32.27
N GLY C 295 41.12 -5.94 -32.45
CA GLY C 295 40.09 -6.07 -31.43
C GLY C 295 39.61 -4.78 -30.78
N GLY C 296 39.57 -3.69 -31.54
CA GLY C 296 39.22 -2.38 -31.01
C GLY C 296 37.75 -2.16 -30.67
N ASN C 297 36.87 -3.03 -31.17
CA ASN C 297 35.44 -2.94 -30.85
C ASN C 297 34.98 -3.84 -29.70
N ILE C 298 35.91 -4.63 -29.14
CA ILE C 298 35.60 -5.57 -28.08
C ILE C 298 35.87 -4.91 -26.73
N MET C 299 34.82 -4.71 -25.93
CA MET C 299 35.01 -4.15 -24.59
C MET C 299 34.81 -5.19 -23.52
N GLY C 300 34.30 -6.38 -23.87
CA GLY C 300 34.17 -7.42 -22.87
C GLY C 300 33.77 -8.78 -23.34
N VAL C 301 33.77 -9.72 -22.40
CA VAL C 301 33.37 -11.11 -22.66
C VAL C 301 32.62 -11.72 -21.48
N MET C 302 31.83 -12.75 -21.76
CA MET C 302 31.11 -13.48 -20.75
C MET C 302 31.54 -14.91 -20.77
N VAL C 303 31.66 -15.48 -19.58
CA VAL C 303 32.09 -16.86 -19.45
C VAL C 303 31.27 -17.52 -18.35
N GLU C 304 30.86 -18.76 -18.57
CA GLU C 304 30.16 -19.56 -17.58
C GLU C 304 31.14 -20.52 -16.91
N SER C 305 31.40 -20.23 -15.64
CA SER C 305 32.50 -20.82 -14.89
C SER C 305 32.00 -21.17 -13.49
N HIS C 306 32.47 -22.27 -12.93
CA HIS C 306 32.17 -22.65 -11.56
C HIS C 306 33.39 -23.32 -10.94
N LEU C 307 33.28 -23.77 -9.70
CA LEU C 307 34.39 -24.43 -9.03
C LEU C 307 34.73 -25.73 -9.75
N VAL C 308 33.71 -26.49 -10.10
CA VAL C 308 33.86 -27.81 -10.74
C VAL C 308 33.09 -27.74 -12.08
N GLU C 309 33.58 -28.45 -13.10
CA GLU C 309 32.98 -28.37 -14.43
C GLU C 309 31.69 -29.19 -14.60
N GLY C 310 30.98 -28.95 -15.71
CA GLY C 310 29.82 -29.74 -16.09
C GLY C 310 28.51 -29.14 -15.63
N ARG C 311 27.46 -29.96 -15.67
CA ARG C 311 26.18 -29.61 -15.06
C ARG C 311 25.59 -30.85 -14.37
N GLN C 312 24.43 -30.68 -13.74
CA GLN C 312 23.76 -31.75 -13.03
C GLN C 312 22.30 -31.37 -12.80
N ASP C 313 21.42 -32.36 -12.87
CA ASP C 313 19.99 -32.08 -12.66
C ASP C 313 19.65 -31.87 -11.18
N LYS C 314 20.31 -32.62 -10.30
CA LYS C 314 20.15 -32.48 -8.84
C LYS C 314 21.38 -31.82 -8.21
N PRO C 315 21.17 -30.96 -7.19
CA PRO C 315 22.32 -30.28 -6.55
C PRO C 315 23.13 -31.19 -5.64
N GLU C 316 23.73 -32.23 -6.22
CA GLU C 316 24.42 -33.27 -5.48
C GLU C 316 25.87 -32.88 -5.21
N VAL C 317 26.60 -32.56 -6.28
CA VAL C 317 27.99 -32.16 -6.14
C VAL C 317 28.07 -30.66 -5.83
N TYR C 318 28.90 -30.30 -4.86
CA TYR C 318 29.20 -28.92 -4.48
C TYR C 318 29.92 -28.17 -5.61
N GLY C 319 29.43 -26.96 -5.91
CA GLY C 319 30.08 -26.08 -6.88
C GLY C 319 29.96 -26.50 -8.33
N LYS C 320 28.89 -27.23 -8.65
CA LYS C 320 28.63 -27.70 -10.01
C LYS C 320 27.26 -27.20 -10.45
N SER C 321 27.19 -26.60 -11.63
CA SER C 321 25.96 -26.01 -12.19
C SER C 321 24.80 -26.99 -12.26
N ILE C 322 23.59 -26.47 -12.03
CA ILE C 322 22.34 -27.21 -12.27
C ILE C 322 21.53 -26.55 -13.39
N THR C 323 22.02 -25.44 -13.95
CA THR C 323 21.48 -24.93 -15.20
C THR C 323 22.52 -25.28 -16.28
N ASP C 324 23.02 -24.31 -17.04
CA ASP C 324 23.95 -24.65 -18.12
C ASP C 324 25.29 -25.13 -17.61
N ALA C 325 25.90 -26.01 -18.40
CA ALA C 325 27.21 -26.55 -18.07
C ALA C 325 28.23 -25.42 -18.05
N CYS C 326 29.19 -25.51 -17.14
CA CYS C 326 30.24 -24.51 -16.97
C CYS C 326 31.60 -25.18 -17.00
N ILE C 327 32.61 -24.39 -17.37
CA ILE C 327 33.97 -24.78 -17.17
C ILE C 327 34.27 -24.76 -15.67
N GLY C 328 35.23 -25.57 -15.26
CA GLY C 328 35.66 -25.64 -13.87
C GLY C 328 36.78 -24.65 -13.57
N TRP C 329 37.26 -24.68 -12.33
CA TRP C 329 38.21 -23.67 -11.89
C TRP C 329 39.53 -23.72 -12.68
N GLY C 330 40.02 -24.94 -12.95
CA GLY C 330 41.28 -25.09 -13.72
C GLY C 330 41.26 -24.42 -15.09
N ALA C 331 40.19 -24.66 -15.85
CA ALA C 331 40.02 -24.03 -17.15
C ALA C 331 39.81 -22.52 -17.01
N THR C 332 39.19 -22.11 -15.90
CA THR C 332 38.94 -20.70 -15.67
C THR C 332 40.26 -19.93 -15.53
N GLU C 333 41.19 -20.46 -14.74
CA GLU C 333 42.56 -19.88 -14.62
C GLU C 333 43.21 -19.76 -16.01
N GLU C 334 43.14 -20.81 -16.81
CA GLU C 334 43.75 -20.79 -18.15
C GLU C 334 43.08 -19.77 -19.07
N LEU C 335 41.76 -19.72 -19.05
CA LEU C 335 41.04 -18.79 -19.91
C LEU C 335 41.33 -17.34 -19.54
N LEU C 336 41.41 -17.05 -18.25
CA LEU C 336 41.65 -15.67 -17.85
C LEU C 336 43.12 -15.26 -18.16
N ALA C 337 44.05 -16.17 -17.95
CA ALA C 337 45.45 -15.92 -18.34
C ALA C 337 45.52 -15.55 -19.82
N LEU C 338 44.85 -16.34 -20.62
CA LEU C 338 44.76 -16.12 -22.07
C LEU C 338 44.33 -14.71 -22.40
N LEU C 339 43.17 -14.31 -21.87
CA LEU C 339 42.60 -13.02 -22.20
C LEU C 339 43.44 -11.90 -21.62
N ALA C 340 43.97 -12.07 -20.42
CA ALA C 340 44.84 -11.05 -19.85
C ALA C 340 46.08 -10.88 -20.73
N GLY C 341 46.70 -11.98 -21.14
CA GLY C 341 47.93 -11.89 -21.96
C GLY C 341 47.64 -11.17 -23.27
N ALA C 342 46.57 -11.58 -23.94
CA ALA C 342 46.21 -10.99 -25.22
C ALA C 342 45.86 -9.51 -25.07
N ASN C 343 45.08 -9.15 -24.05
CA ASN C 343 44.71 -7.75 -23.88
C ASN C 343 45.87 -6.86 -23.41
N LYS C 344 46.81 -7.41 -22.67
CA LYS C 344 47.99 -6.66 -22.32
C LYS C 344 48.68 -6.08 -23.56
N LYS C 345 48.68 -6.84 -24.65
CA LYS C 345 49.27 -6.40 -25.92
C LYS C 345 48.43 -5.38 -26.67
N ARG C 346 47.10 -5.56 -26.69
CA ARG C 346 46.21 -4.54 -27.24
C ARG C 346 46.43 -3.19 -26.53
N MET C 347 46.42 -3.22 -25.21
CA MET C 347 46.55 -1.99 -24.43
C MET C 347 47.89 -1.29 -24.69
N ALA C 348 48.92 -2.05 -25.00
CA ALA C 348 50.27 -1.51 -25.23
C ALA C 348 50.53 -0.96 -26.64
N ARG C 349 49.58 -1.08 -27.57
CA ARG C 349 49.81 -0.61 -28.95
C ARG C 349 49.61 0.89 -29.08
N LYS D 16 0.12 13.41 -10.11
CA LYS D 16 1.44 12.70 -10.15
C LYS D 16 1.29 11.25 -9.64
N GLU D 17 0.41 11.01 -8.68
CA GLU D 17 0.35 9.69 -8.09
C GLU D 17 -0.56 8.78 -8.88
N LEU D 18 -0.12 7.54 -9.08
CA LEU D 18 -0.90 6.54 -9.78
C LEU D 18 -2.06 6.06 -8.92
N LEU D 19 -3.27 6.21 -9.42
CA LEU D 19 -4.44 5.68 -8.75
C LEU D 19 -4.50 4.17 -8.95
N PRO D 20 -4.86 3.45 -7.90
CA PRO D 20 -4.97 2.00 -8.05
C PRO D 20 -6.18 1.58 -8.90
N PRO D 21 -6.19 0.32 -9.37
CA PRO D 21 -7.36 -0.15 -10.12
C PRO D 21 -8.67 0.10 -9.40
N ILE D 22 -8.71 -0.09 -8.10
CA ILE D 22 -9.97 0.05 -7.37
C ILE D 22 -10.61 1.42 -7.52
N ALA D 23 -9.79 2.46 -7.66
CA ALA D 23 -10.32 3.81 -7.94
C ALA D 23 -11.16 3.79 -9.22
N HIS D 24 -10.63 3.19 -10.28
CA HIS D 24 -11.33 3.11 -11.55
C HIS D 24 -12.49 2.16 -11.53
N LEU D 25 -12.33 1.01 -10.88
CA LEU D 25 -13.43 0.03 -10.79
C LEU D 25 -14.62 0.62 -9.99
N TYR D 26 -14.33 1.49 -9.03
CA TYR D 26 -15.38 2.18 -8.26
C TYR D 26 -16.13 3.23 -9.09
N GLU D 27 -15.41 4.04 -9.87
CA GLU D 27 -16.05 5.03 -10.75
C GLU D 27 -16.72 4.36 -11.94
N LEU D 28 -16.13 3.29 -12.45
CA LEU D 28 -16.64 2.68 -13.69
C LEU D 28 -16.89 1.20 -13.49
N PRO D 29 -17.87 0.85 -12.64
CA PRO D 29 -18.08 -0.57 -12.37
C PRO D 29 -18.62 -1.27 -13.60
N ILE D 30 -18.30 -2.54 -13.74
CA ILE D 30 -18.75 -3.28 -14.89
C ILE D 30 -20.24 -3.50 -14.76
N SER D 31 -20.98 -3.38 -15.85
CA SER D 31 -22.42 -3.62 -15.81
C SER D 31 -22.73 -5.12 -15.87
N LYS D 32 -23.97 -5.49 -15.57
CA LYS D 32 -24.41 -6.86 -15.74
C LYS D 32 -24.34 -7.21 -17.24
N GLU D 33 -24.69 -6.27 -18.11
CA GLU D 33 -24.70 -6.54 -19.56
C GLU D 33 -23.26 -6.81 -20.07
N ALA D 34 -22.33 -5.98 -19.64
CA ALA D 34 -20.95 -6.07 -20.09
C ALA D 34 -20.33 -7.31 -19.49
N SER D 35 -20.67 -7.55 -18.23
CA SER D 35 -20.21 -8.74 -17.56
C SER D 35 -20.65 -9.99 -18.32
N GLY D 36 -21.94 -10.11 -18.63
CA GLY D 36 -22.46 -11.28 -19.34
C GLY D 36 -21.88 -11.43 -20.76
N LEU D 37 -21.71 -10.30 -21.46
CA LEU D 37 -21.13 -10.31 -22.81
C LEU D 37 -19.69 -10.84 -22.80
N VAL D 38 -18.90 -10.36 -21.84
CA VAL D 38 -17.53 -10.77 -21.69
C VAL D 38 -17.50 -12.26 -21.40
N HIS D 39 -18.36 -12.69 -20.48
CA HIS D 39 -18.43 -14.09 -20.08
C HIS D 39 -18.80 -15.00 -21.25
N ARG D 40 -19.86 -14.66 -21.98
CA ARG D 40 -20.28 -15.46 -23.12
C ARG D 40 -19.25 -15.47 -24.22
N THR D 41 -18.64 -14.32 -24.50
CA THR D 41 -17.68 -14.23 -25.60
C THR D 41 -16.42 -15.05 -25.33
N ARG D 42 -15.90 -15.00 -24.12
CA ARG D 42 -14.78 -15.85 -23.73
C ARG D 42 -15.11 -17.33 -23.92
N GLN D 43 -16.27 -17.74 -23.42
CA GLN D 43 -16.77 -19.11 -23.62
C GLN D 43 -16.82 -19.46 -25.11
N GLU D 44 -17.44 -18.59 -25.89
CA GLU D 44 -17.65 -18.87 -27.31
C GLU D 44 -16.31 -19.01 -27.98
N ILE D 45 -15.36 -18.17 -27.58
CA ILE D 45 -14.03 -18.21 -28.15
C ILE D 45 -13.25 -19.48 -27.73
N SER D 46 -13.36 -19.89 -26.46
CA SER D 46 -12.73 -21.15 -26.03
C SER D 46 -13.17 -22.31 -26.92
N ASP D 47 -14.46 -22.34 -27.22
CA ASP D 47 -15.01 -23.34 -28.14
C ASP D 47 -14.35 -23.33 -29.51
N LEU D 48 -13.94 -22.17 -30.00
CA LEU D 48 -13.24 -22.11 -31.27
C LEU D 48 -11.83 -22.65 -31.10
N VAL D 49 -11.15 -22.19 -30.04
CA VAL D 49 -9.79 -22.62 -29.73
C VAL D 49 -9.65 -24.14 -29.65
N HIS D 50 -10.63 -24.77 -29.02
CA HIS D 50 -10.56 -26.21 -28.81
C HIS D 50 -11.30 -27.01 -29.86
N GLY D 51 -11.82 -26.33 -30.87
CA GLY D 51 -12.48 -26.99 -32.00
C GLY D 51 -13.90 -27.51 -31.77
N ARG D 52 -14.60 -26.96 -30.77
CA ARG D 52 -15.99 -27.34 -30.47
C ARG D 52 -17.04 -26.53 -31.22
N ASP D 53 -16.61 -25.51 -31.96
CA ASP D 53 -17.46 -24.71 -32.85
C ASP D 53 -16.56 -24.23 -33.97
N LYS D 54 -17.10 -24.10 -35.18
CA LYS D 54 -16.34 -23.87 -36.40
C LYS D 54 -16.57 -22.46 -36.96
N ARG D 55 -17.23 -21.60 -36.21
CA ARG D 55 -17.28 -20.18 -36.56
C ARG D 55 -15.87 -19.64 -36.55
N LEU D 56 -15.65 -18.56 -37.27
CA LEU D 56 -14.33 -18.00 -37.40
C LEU D 56 -14.27 -16.77 -36.52
N LEU D 57 -13.31 -16.75 -35.58
CA LEU D 57 -13.11 -15.57 -34.76
C LEU D 57 -12.51 -14.52 -35.68
N VAL D 58 -13.07 -13.31 -35.71
CA VAL D 58 -12.44 -12.22 -36.43
C VAL D 58 -12.13 -11.08 -35.47
N ILE D 59 -10.83 -10.86 -35.27
CA ILE D 59 -10.34 -9.79 -34.45
C ILE D 59 -10.06 -8.65 -35.41
N ILE D 60 -10.91 -7.63 -35.39
CA ILE D 60 -10.84 -6.61 -36.40
C ILE D 60 -11.11 -5.22 -35.87
N GLY D 61 -10.34 -4.26 -36.35
CA GLY D 61 -10.51 -2.88 -35.93
C GLY D 61 -9.21 -2.14 -36.04
N PRO D 62 -9.15 -0.92 -35.51
CA PRO D 62 -7.98 -0.09 -35.74
C PRO D 62 -6.68 -0.71 -35.25
N CYS D 63 -5.57 -0.31 -35.86
CA CYS D 63 -4.26 -0.69 -35.32
C CYS D 63 -4.16 -0.20 -33.88
N SER D 64 -4.53 1.05 -33.66
CA SER D 64 -4.53 1.60 -32.32
C SER D 64 -5.71 2.53 -32.17
N ILE D 65 -6.23 2.61 -30.94
CA ILE D 65 -7.29 3.53 -30.61
C ILE D 65 -6.66 4.86 -30.24
N HIS D 66 -6.97 5.93 -30.96
CA HIS D 66 -6.54 7.25 -30.53
C HIS D 66 -7.66 8.26 -30.33
N ASP D 67 -8.89 7.87 -30.65
CA ASP D 67 -10.04 8.74 -30.46
C ASP D 67 -11.28 7.92 -30.12
N PRO D 68 -11.81 8.10 -28.92
CA PRO D 68 -12.98 7.32 -28.47
C PRO D 68 -14.24 7.46 -29.35
N LYS D 69 -14.48 8.67 -29.82
CA LYS D 69 -15.61 8.98 -30.66
C LYS D 69 -15.54 8.14 -31.92
N ALA D 70 -14.39 8.12 -32.59
CA ALA D 70 -14.29 7.32 -33.82
C ALA D 70 -14.34 5.83 -33.52
N ALA D 71 -13.87 5.44 -32.35
CA ALA D 71 -13.92 4.06 -31.97
C ALA D 71 -15.36 3.63 -31.78
N LEU D 72 -16.17 4.48 -31.16
CA LEU D 72 -17.59 4.19 -30.96
C LEU D 72 -18.37 4.12 -32.29
N GLU D 73 -18.06 5.03 -33.22
CA GLU D 73 -18.71 5.02 -34.55
C GLU D 73 -18.38 3.75 -35.30
N TYR D 74 -17.10 3.41 -35.30
CA TYR D 74 -16.64 2.18 -35.93
C TYR D 74 -17.37 0.98 -35.33
N ALA D 75 -17.44 0.93 -34.00
CA ALA D 75 -18.05 -0.17 -33.27
C ALA D 75 -19.50 -0.38 -33.65
N GLU D 76 -20.24 0.71 -33.75
CA GLU D 76 -21.64 0.69 -34.12
C GLU D 76 -21.83 0.13 -35.54
N ARG D 77 -20.95 0.51 -36.47
CA ARG D 77 -20.98 -0.14 -37.79
C ARG D 77 -20.58 -1.59 -37.68
N LEU D 78 -19.58 -1.90 -36.89
CA LEU D 78 -19.12 -3.28 -36.83
C LEU D 78 -20.20 -4.17 -36.20
N LEU D 79 -20.99 -3.61 -35.30
CA LEU D 79 -22.01 -4.36 -34.59
C LEU D 79 -23.06 -4.87 -35.56
N LYS D 80 -23.42 -4.03 -36.52
CA LYS D 80 -24.40 -4.40 -37.54
C LYS D 80 -23.89 -5.63 -38.28
N LEU D 81 -22.59 -5.67 -38.58
CA LEU D 81 -22.03 -6.85 -39.26
C LEU D 81 -21.82 -8.05 -38.34
N ARG D 82 -21.45 -7.78 -37.09
CA ARG D 82 -21.35 -8.84 -36.09
C ARG D 82 -22.66 -9.62 -36.03
N LYS D 83 -23.76 -8.88 -35.99
CA LYS D 83 -25.10 -9.49 -36.02
C LYS D 83 -25.36 -10.22 -37.32
N GLN D 84 -25.14 -9.53 -38.42
CA GLN D 84 -25.43 -10.11 -39.74
C GLN D 84 -24.72 -11.44 -39.95
N TYR D 85 -23.44 -11.50 -39.56
CA TYR D 85 -22.62 -12.70 -39.81
C TYR D 85 -22.48 -13.65 -38.61
N GLU D 86 -23.32 -13.48 -37.60
CA GLU D 86 -23.14 -14.20 -36.31
C GLU D 86 -23.16 -15.73 -36.36
N ASN D 87 -23.71 -16.32 -37.43
CA ASN D 87 -23.71 -17.77 -37.56
C ASN D 87 -22.45 -18.29 -38.23
N GLU D 88 -21.77 -17.43 -38.99
CA GLU D 88 -20.49 -17.78 -39.62
C GLU D 88 -19.22 -17.22 -38.94
N LEU D 89 -19.32 -16.01 -38.40
CA LEU D 89 -18.17 -15.30 -37.83
C LEU D 89 -18.46 -14.86 -36.40
N LEU D 90 -17.43 -14.88 -35.55
CA LEU D 90 -17.51 -14.31 -34.20
C LEU D 90 -16.67 -13.04 -34.20
N ILE D 91 -17.33 -11.91 -34.38
CA ILE D 91 -16.65 -10.63 -34.61
C ILE D 91 -16.40 -9.93 -33.28
N VAL D 92 -15.14 -9.59 -33.05
CA VAL D 92 -14.69 -8.92 -31.86
C VAL D 92 -13.80 -7.76 -32.29
N MET D 93 -14.07 -6.56 -31.78
CA MET D 93 -13.31 -5.39 -32.15
C MET D 93 -11.91 -5.36 -31.54
N ARG D 94 -10.93 -4.96 -32.36
CA ARG D 94 -9.61 -4.57 -31.89
C ARG D 94 -9.75 -3.27 -31.13
N VAL D 95 -9.40 -3.28 -29.84
CA VAL D 95 -9.34 -2.06 -29.04
C VAL D 95 -7.96 -2.00 -28.36
N TYR D 96 -6.94 -1.71 -29.15
CA TYR D 96 -5.57 -1.77 -28.69
C TYR D 96 -5.15 -0.43 -28.11
N PHE D 97 -4.78 -0.50 -26.84
CA PHE D 97 -4.37 0.66 -26.03
C PHE D 97 -2.87 0.68 -25.75
N GLU D 98 -2.18 -0.42 -26.02
CA GLU D 98 -0.76 -0.51 -25.72
C GLU D 98 -0.01 -0.98 -26.96
N LYS D 99 0.88 -0.11 -27.44
CA LYS D 99 1.63 -0.37 -28.67
C LYS D 99 3.12 -0.59 -28.38
N PRO D 100 3.66 -1.75 -28.81
CA PRO D 100 5.11 -1.98 -28.77
C PRO D 100 5.81 -1.27 -29.94
N ARG D 101 6.74 -0.38 -29.64
CA ARG D 101 7.51 0.32 -30.67
C ARG D 101 8.85 -0.39 -30.96
N THR D 102 9.27 -0.33 -32.21
CA THR D 102 10.53 -0.94 -32.65
C THR D 102 11.70 -0.28 -31.93
N THR D 103 11.64 1.03 -31.79
CA THR D 103 12.56 1.75 -30.91
C THR D 103 11.81 2.63 -29.90
N VAL D 104 11.54 3.88 -30.29
CA VAL D 104 10.72 4.83 -29.49
C VAL D 104 9.50 5.31 -30.29
N GLY D 105 8.55 5.89 -29.57
CA GLY D 105 7.29 6.36 -30.16
C GLY D 105 6.13 6.39 -29.17
N TRP D 106 4.96 6.79 -29.70
CA TRP D 106 3.72 6.85 -28.94
C TRP D 106 3.31 5.42 -28.52
N LYS D 107 3.10 5.20 -27.23
CA LYS D 107 2.86 3.83 -26.74
C LYS D 107 1.37 3.47 -26.67
N GLY D 108 0.53 4.44 -27.04
CA GLY D 108 -0.92 4.27 -27.10
C GLY D 108 -1.65 5.27 -26.22
N LEU D 109 -2.95 5.10 -26.17
CA LEU D 109 -3.83 6.04 -25.51
C LEU D 109 -3.64 6.02 -23.99
N ILE D 110 -3.30 4.87 -23.44
CA ILE D 110 -3.14 4.76 -22.01
C ILE D 110 -1.92 5.58 -21.61
N ASN D 111 -0.81 5.36 -22.30
CA ASN D 111 0.45 5.91 -21.89
C ASN D 111 0.48 7.41 -22.09
N ASP D 112 -0.13 7.86 -23.19
CA ASP D 112 -0.22 9.27 -23.54
C ASP D 112 -1.56 9.69 -24.19
N PRO D 113 -2.64 9.73 -23.41
CA PRO D 113 -4.00 9.96 -23.93
C PRO D 113 -4.25 11.29 -24.65
N HIS D 114 -3.51 12.33 -24.32
CA HIS D 114 -3.74 13.62 -24.98
C HIS D 114 -2.92 13.75 -26.29
N LEU D 115 -2.14 12.72 -26.62
CA LEU D 115 -1.40 12.63 -27.89
C LEU D 115 -0.28 13.69 -28.03
N ASP D 116 0.08 14.31 -26.91
CA ASP D 116 1.01 15.45 -26.87
C ASP D 116 2.30 15.30 -26.03
N GLY D 117 2.65 14.08 -25.65
CA GLY D 117 3.76 13.84 -24.75
C GLY D 117 3.57 14.30 -23.33
N THR D 118 2.35 14.20 -22.78
CA THR D 118 2.11 14.54 -21.37
C THR D 118 1.98 13.32 -20.48
N PHE D 119 1.81 12.16 -21.05
CA PHE D 119 1.75 10.92 -20.24
C PHE D 119 0.78 11.01 -19.04
N ASP D 120 -0.45 11.44 -19.25
CA ASP D 120 -1.41 11.55 -18.18
C ASP D 120 -2.02 10.17 -17.98
N ILE D 121 -1.30 9.29 -17.29
CA ILE D 121 -1.65 7.87 -17.30
C ILE D 121 -2.92 7.59 -16.53
N ASN D 122 -3.21 8.35 -15.46
CA ASN D 122 -4.48 8.21 -14.77
C ASN D 122 -5.67 8.44 -15.71
N PHE D 123 -5.60 9.52 -16.49
CA PHE D 123 -6.65 9.84 -17.44
C PHE D 123 -6.69 8.78 -18.53
N GLY D 124 -5.51 8.35 -18.94
CA GLY D 124 -5.44 7.35 -19.99
C GLY D 124 -6.12 6.07 -19.60
N LEU D 125 -5.91 5.66 -18.35
CA LEU D 125 -6.54 4.46 -17.84
C LEU D 125 -8.06 4.61 -17.68
N SER D 126 -8.52 5.74 -17.17
CA SER D 126 -9.98 5.90 -17.05
C SER D 126 -10.60 5.96 -18.41
N GLN D 127 -9.96 6.69 -19.32
CA GLN D 127 -10.48 6.80 -20.70
C GLN D 127 -10.57 5.45 -21.40
N ALA D 128 -9.53 4.62 -21.22
CA ALA D 128 -9.55 3.26 -21.77
C ALA D 128 -10.65 2.42 -21.16
N ARG D 129 -10.80 2.50 -19.82
CA ARG D 129 -11.82 1.73 -19.14
C ARG D 129 -13.21 2.12 -19.58
N SER D 130 -13.44 3.42 -19.67
CA SER D 130 -14.72 3.96 -20.03
C SER D 130 -15.11 3.60 -21.46
N LEU D 131 -14.15 3.69 -22.38
CA LEU D 131 -14.38 3.23 -23.75
C LEU D 131 -14.75 1.74 -23.80
N LEU D 132 -13.95 0.90 -23.13
CA LEU D 132 -14.26 -0.51 -23.08
C LEU D 132 -15.66 -0.78 -22.50
N LEU D 133 -16.05 -0.04 -21.46
CA LEU D 133 -17.38 -0.21 -20.87
C LEU D 133 -18.48 0.17 -21.86
N SER D 134 -18.31 1.26 -22.57
CA SER D 134 -19.33 1.67 -23.55
C SER D 134 -19.43 0.65 -24.69
N LEU D 135 -18.28 0.10 -25.10
CA LEU D 135 -18.26 -0.85 -26.21
C LEU D 135 -19.04 -2.10 -25.85
N ASN D 136 -18.74 -2.66 -24.68
CA ASN D 136 -19.43 -3.87 -24.23
C ASN D 136 -20.92 -3.62 -23.96
N ASN D 137 -21.25 -2.44 -23.45
CA ASN D 137 -22.65 -2.10 -23.20
C ASN D 137 -23.48 -2.02 -24.47
N MET D 138 -22.90 -1.58 -25.59
CA MET D 138 -23.61 -1.60 -26.89
C MET D 138 -23.64 -2.95 -27.57
N GLY D 139 -23.01 -3.97 -26.98
CA GLY D 139 -23.02 -5.32 -27.56
C GLY D 139 -21.75 -5.67 -28.32
N MET D 140 -20.74 -4.80 -28.29
CA MET D 140 -19.49 -5.09 -28.99
C MET D 140 -18.36 -5.55 -28.04
N PRO D 141 -18.01 -6.84 -28.09
CA PRO D 141 -16.88 -7.27 -27.27
C PRO D 141 -15.58 -6.70 -27.81
N ALA D 142 -14.59 -6.68 -26.93
CA ALA D 142 -13.34 -6.02 -27.17
C ALA D 142 -12.16 -6.95 -26.98
N SER D 143 -11.10 -6.65 -27.70
CA SER D 143 -9.82 -7.33 -27.57
C SER D 143 -8.69 -6.31 -27.47
N THR D 144 -7.56 -6.71 -26.93
CA THR D 144 -6.41 -5.83 -26.80
C THR D 144 -5.12 -6.65 -26.71
N GLU D 145 -3.99 -5.99 -26.94
CA GLU D 145 -2.72 -6.58 -26.60
C GLU D 145 -2.34 -6.15 -25.18
N PHE D 146 -2.06 -7.16 -24.38
CA PHE D 146 -1.52 -6.98 -23.04
C PHE D 146 0.01 -6.93 -23.12
N LEU D 147 0.51 -5.71 -23.04
CA LEU D 147 1.92 -5.43 -23.12
C LEU D 147 2.61 -5.13 -21.76
N ASP D 148 1.95 -4.32 -20.94
CA ASP D 148 2.43 -3.88 -19.63
C ASP D 148 2.00 -4.90 -18.54
N MET D 149 2.79 -5.05 -17.48
CA MET D 149 2.46 -5.99 -16.39
C MET D 149 1.44 -5.42 -15.37
N ILE D 150 1.28 -4.11 -15.33
CA ILE D 150 0.52 -3.45 -14.27
C ILE D 150 -0.83 -2.95 -14.75
N THR D 151 -0.91 -2.49 -15.99
CA THR D 151 -2.15 -1.94 -16.50
C THR D 151 -3.35 -2.91 -16.67
N PRO D 152 -3.10 -4.22 -16.89
CA PRO D 152 -4.24 -5.11 -17.14
C PRO D 152 -5.33 -5.12 -16.09
N GLN D 153 -4.93 -5.03 -14.83
CA GLN D 153 -5.87 -4.95 -13.70
C GLN D 153 -6.90 -3.84 -13.85
N TYR D 154 -6.57 -2.77 -14.57
CA TYR D 154 -7.50 -1.64 -14.71
C TYR D 154 -8.66 -1.91 -15.67
N TYR D 155 -8.48 -2.82 -16.62
CA TYR D 155 -9.52 -3.13 -17.61
C TYR D 155 -9.72 -4.60 -18.09
N ALA D 156 -8.91 -5.55 -17.64
CA ALA D 156 -9.01 -6.92 -18.19
C ALA D 156 -10.40 -7.53 -18.02
N ASP D 157 -11.13 -7.09 -17.00
CA ASP D 157 -12.52 -7.51 -16.82
C ASP D 157 -13.43 -7.18 -18.00
N LEU D 158 -13.00 -6.29 -18.88
CA LEU D 158 -13.78 -5.89 -20.07
C LEU D 158 -13.25 -6.48 -21.40
N ILE D 159 -12.24 -7.34 -21.31
CA ILE D 159 -11.60 -7.93 -22.47
C ILE D 159 -12.00 -9.37 -22.70
N SER D 160 -12.46 -9.65 -23.92
CA SER D 160 -12.88 -10.98 -24.31
C SER D 160 -11.80 -11.84 -24.92
N TRP D 161 -10.76 -11.22 -25.47
CA TRP D 161 -9.67 -11.93 -26.10
C TRP D 161 -8.42 -11.08 -25.98
N GLY D 162 -7.30 -11.69 -25.68
CA GLY D 162 -6.05 -10.95 -25.57
C GLY D 162 -4.94 -11.45 -26.49
N ALA D 163 -4.06 -10.53 -26.86
CA ALA D 163 -2.88 -10.88 -27.63
C ALA D 163 -1.66 -10.63 -26.76
N ILE D 164 -0.66 -11.49 -26.92
CA ILE D 164 0.72 -11.17 -26.55
C ILE D 164 1.47 -11.01 -27.86
N GLY D 165 2.11 -9.85 -28.04
CA GLY D 165 2.71 -9.49 -29.31
C GLY D 165 3.93 -10.31 -29.72
N ALA D 166 4.32 -10.15 -30.99
CA ALA D 166 5.49 -10.86 -31.53
C ALA D 166 6.72 -10.60 -30.67
N ARG D 167 6.84 -9.39 -30.14
CA ARG D 167 8.04 -8.93 -29.42
C ARG D 167 8.16 -9.36 -27.95
N THR D 168 7.06 -9.90 -27.43
CA THR D 168 6.96 -10.32 -26.04
C THR D 168 6.53 -11.78 -25.84
N THR D 169 6.24 -12.48 -26.93
CA THR D 169 5.78 -13.88 -26.83
C THR D 169 6.81 -14.81 -26.14
N GLU D 170 8.10 -14.51 -26.34
CA GLU D 170 9.21 -15.29 -25.75
C GLU D 170 9.53 -14.87 -24.32
N SER D 171 8.99 -13.75 -23.89
CA SER D 171 9.22 -13.19 -22.54
C SER D 171 8.50 -13.96 -21.42
N GLN D 172 9.27 -14.42 -20.44
CA GLN D 172 8.69 -15.20 -19.36
C GLN D 172 7.64 -14.40 -18.58
N VAL D 173 7.87 -13.13 -18.35
CA VAL D 173 6.89 -12.33 -17.60
C VAL D 173 5.54 -12.21 -18.33
N HIS D 174 5.56 -12.14 -19.67
CA HIS D 174 4.30 -12.09 -20.41
C HIS D 174 3.63 -13.44 -20.46
N ARG D 175 4.41 -14.50 -20.47
CA ARG D 175 3.79 -15.81 -20.41
C ARG D 175 3.11 -15.99 -19.04
N GLU D 176 3.75 -15.50 -17.99
CA GLU D 176 3.19 -15.53 -16.63
C GLU D 176 1.87 -14.76 -16.58
N LEU D 177 1.90 -13.53 -17.10
CA LEU D 177 0.69 -12.72 -17.22
C LEU D 177 -0.43 -13.49 -17.91
N ALA D 178 -0.13 -14.07 -19.07
CA ALA D 178 -1.19 -14.76 -19.81
C ALA D 178 -1.77 -15.90 -18.97
N SER D 179 -0.91 -16.56 -18.19
CA SER D 179 -1.32 -17.70 -17.34
C SER D 179 -2.37 -17.35 -16.30
N GLY D 180 -2.49 -16.07 -15.95
CA GLY D 180 -3.50 -15.63 -14.99
C GLY D 180 -4.68 -14.85 -15.54
N LEU D 181 -4.73 -14.62 -16.85
CA LEU D 181 -5.83 -13.86 -17.42
C LEU D 181 -7.00 -14.81 -17.54
N SER D 182 -8.21 -14.27 -17.50
CA SER D 182 -9.42 -15.10 -17.62
C SER D 182 -9.99 -15.15 -19.06
N CYS D 183 -9.34 -14.51 -20.02
CA CYS D 183 -9.80 -14.55 -21.41
C CYS D 183 -8.87 -15.44 -22.18
N PRO D 184 -9.33 -16.00 -23.32
CA PRO D 184 -8.38 -16.64 -24.23
C PRO D 184 -7.32 -15.66 -24.69
N VAL D 185 -6.13 -16.20 -25.04
CA VAL D 185 -4.96 -15.43 -25.43
C VAL D 185 -4.24 -16.05 -26.64
N GLY D 186 -3.97 -15.25 -27.64
CA GLY D 186 -3.19 -15.69 -28.77
C GLY D 186 -1.78 -15.17 -28.66
N PHE D 187 -0.80 -16.04 -28.91
CA PHE D 187 0.61 -15.65 -28.96
C PHE D 187 1.09 -15.60 -30.40
N LYS D 188 1.74 -14.51 -30.75
CA LYS D 188 2.23 -14.29 -32.10
C LYS D 188 3.59 -14.95 -32.25
N ASN D 189 3.86 -15.52 -33.43
CA ASN D 189 5.20 -15.90 -33.76
C ASN D 189 6.10 -14.68 -33.75
N GLY D 190 7.40 -14.91 -33.61
CA GLY D 190 8.34 -13.82 -33.45
C GLY D 190 8.57 -13.00 -34.69
N THR D 191 9.18 -11.82 -34.52
CA THR D 191 9.22 -10.85 -35.62
C THR D 191 10.01 -11.32 -36.83
N ASP D 192 10.90 -12.30 -36.65
CA ASP D 192 11.61 -12.89 -37.80
C ASP D 192 10.98 -14.20 -38.27
N GLY D 193 9.89 -14.61 -37.63
CA GLY D 193 9.07 -15.70 -38.16
C GLY D 193 9.08 -16.96 -37.34
N ASN D 194 9.78 -16.93 -36.21
CA ASN D 194 9.89 -18.11 -35.34
C ASN D 194 8.55 -18.51 -34.73
N LEU D 195 8.09 -19.70 -35.08
CA LEU D 195 6.84 -20.26 -34.56
C LEU D 195 7.03 -20.93 -33.19
N LYS D 196 8.19 -21.55 -32.99
CA LYS D 196 8.43 -22.34 -31.78
C LYS D 196 8.21 -21.53 -30.49
N ILE D 197 8.61 -20.25 -30.50
CA ILE D 197 8.45 -19.43 -29.30
C ILE D 197 6.99 -19.26 -28.91
N ALA D 198 6.08 -19.26 -29.89
CA ALA D 198 4.65 -19.19 -29.59
C ALA D 198 4.07 -20.52 -29.14
N ILE D 199 4.58 -21.62 -29.69
CA ILE D 199 4.19 -22.94 -29.23
C ILE D 199 4.66 -23.12 -27.78
N ASP D 200 5.91 -22.75 -27.52
CA ASP D 200 6.47 -22.78 -26.15
C ASP D 200 5.65 -21.88 -25.21
N ALA D 201 5.22 -20.74 -25.71
CA ALA D 201 4.40 -19.81 -24.92
C ALA D 201 3.11 -20.43 -24.45
N ILE D 202 2.40 -21.12 -25.33
CA ILE D 202 1.16 -21.79 -24.94
C ILE D 202 1.39 -22.82 -23.83
N GLY D 203 2.53 -23.53 -23.91
CA GLY D 203 2.85 -24.56 -22.93
C GLY D 203 3.01 -23.88 -21.58
N ALA D 204 3.95 -22.94 -21.55
CA ALA D 204 4.21 -22.15 -20.36
C ALA D 204 2.96 -21.48 -19.80
N ALA D 205 2.16 -20.82 -20.63
CA ALA D 205 0.99 -20.09 -20.12
C ALA D 205 -0.14 -21.01 -19.62
N SER D 206 -0.22 -22.24 -20.12
CA SER D 206 -1.22 -23.19 -19.63
C SER D 206 -0.91 -23.71 -18.22
N HIS D 207 0.34 -23.56 -17.77
CA HIS D 207 0.74 -24.01 -16.43
C HIS D 207 0.57 -22.92 -15.37
N SER D 208 0.69 -23.36 -14.12
CA SER D 208 0.60 -22.51 -12.98
C SER D 208 1.95 -21.80 -12.81
N HIS D 209 1.89 -20.55 -12.40
CA HIS D 209 3.10 -19.79 -12.10
C HIS D 209 2.97 -19.05 -10.76
N HIS D 210 4.11 -18.82 -10.13
CA HIS D 210 4.24 -17.90 -9.01
C HIS D 210 5.14 -16.77 -9.49
N PHE D 211 4.71 -15.56 -9.25
CA PHE D 211 5.51 -14.40 -9.62
C PHE D 211 4.90 -13.17 -8.95
N LEU D 212 5.66 -12.07 -8.97
CA LEU D 212 5.17 -10.83 -8.46
C LEU D 212 4.25 -10.12 -9.48
N SER D 213 3.19 -9.54 -8.95
CA SER D 213 2.22 -8.76 -9.70
C SER D 213 1.63 -7.73 -8.74
N VAL D 214 0.81 -6.82 -9.24
CA VAL D 214 0.23 -5.76 -8.41
C VAL D 214 -1.27 -5.99 -8.19
N THR D 215 -1.74 -5.85 -6.95
CA THR D 215 -3.13 -6.07 -6.63
C THR D 215 -4.01 -4.95 -7.14
N LYS D 216 -5.32 -5.14 -7.02
CA LYS D 216 -6.30 -4.11 -7.37
C LYS D 216 -6.17 -2.91 -6.46
N ALA D 217 -5.59 -3.07 -5.28
CA ALA D 217 -5.35 -1.94 -4.39
C ALA D 217 -4.02 -1.21 -4.65
N GLY D 218 -3.28 -1.68 -5.65
CA GLY D 218 -2.04 -1.03 -6.05
C GLY D 218 -0.80 -1.45 -5.31
N HIS D 219 -0.82 -2.59 -4.62
CA HIS D 219 0.35 -3.07 -3.90
CA HIS D 219 0.36 -3.07 -3.91
C HIS D 219 0.93 -4.28 -4.62
N SER D 220 2.26 -4.40 -4.61
CA SER D 220 2.89 -5.59 -5.17
C SER D 220 2.56 -6.83 -4.32
N ALA D 221 2.43 -7.97 -4.96
CA ALA D 221 2.11 -9.20 -4.26
C ALA D 221 2.60 -10.39 -5.04
N ILE D 222 2.65 -11.52 -4.37
CA ILE D 222 2.92 -12.79 -5.01
C ILE D 222 1.59 -13.30 -5.45
N VAL D 223 1.45 -13.60 -6.74
CA VAL D 223 0.25 -14.21 -7.28
C VAL D 223 0.54 -15.66 -7.67
N HIS D 224 -0.46 -16.51 -7.53
CA HIS D 224 -0.36 -17.91 -7.88
C HIS D 224 -1.49 -18.11 -8.93
N THR D 225 -1.11 -18.20 -10.19
CA THR D 225 -2.09 -18.36 -11.26
C THR D 225 -2.44 -19.83 -11.45
N GLY D 226 -3.62 -20.07 -12.00
CA GLY D 226 -4.08 -21.43 -12.26
C GLY D 226 -3.70 -21.95 -13.64
N GLY D 227 -3.14 -21.09 -14.49
CA GLY D 227 -2.86 -21.46 -15.88
C GLY D 227 -3.99 -21.07 -16.81
N ASN D 228 -3.66 -20.79 -18.07
CA ASN D 228 -4.66 -20.42 -19.08
C ASN D 228 -4.86 -21.50 -20.15
N PRO D 229 -5.98 -22.23 -20.11
CA PRO D 229 -6.16 -23.36 -21.01
C PRO D 229 -6.66 -22.99 -22.43
N ASP D 230 -6.79 -21.70 -22.71
CA ASP D 230 -7.38 -21.22 -23.94
C ASP D 230 -6.40 -20.42 -24.81
N CYS D 231 -5.15 -20.82 -24.83
CA CYS D 231 -4.14 -20.11 -25.58
C CYS D 231 -4.00 -20.74 -26.97
N HIS D 232 -3.51 -19.95 -27.93
CA HIS D 232 -3.29 -20.45 -29.28
C HIS D 232 -2.28 -19.58 -29.95
N VAL D 233 -1.82 -20.01 -31.13
CA VAL D 233 -0.85 -19.21 -31.87
C VAL D 233 -1.52 -18.32 -32.88
N ILE D 234 -0.80 -17.28 -33.23
CA ILE D 234 -1.16 -16.37 -34.29
C ILE D 234 -0.02 -16.30 -35.31
N LEU D 235 -0.35 -16.59 -36.57
CA LEU D 235 0.59 -16.47 -37.67
C LEU D 235 0.54 -15.06 -38.23
N ARG D 236 1.62 -14.30 -38.02
CA ARG D 236 1.71 -12.91 -38.44
C ARG D 236 2.89 -12.60 -39.37
N GLY D 237 3.49 -13.64 -39.93
CA GLY D 237 4.60 -13.49 -40.86
C GLY D 237 5.94 -13.29 -40.19
N GLY D 238 6.99 -13.38 -41.00
CA GLY D 238 8.36 -13.26 -40.50
C GLY D 238 9.21 -12.54 -41.49
N LYS D 239 10.36 -13.14 -41.82
CA LYS D 239 11.12 -12.73 -42.99
C LYS D 239 10.21 -12.88 -44.22
N GLU D 240 9.38 -13.92 -44.24
CA GLU D 240 8.38 -14.14 -45.30
C GLU D 240 6.98 -14.31 -44.71
N PRO D 241 5.92 -14.02 -45.49
CA PRO D 241 4.54 -14.32 -45.05
C PRO D 241 4.38 -15.78 -44.64
N ASN D 242 3.45 -16.06 -43.73
CA ASN D 242 3.19 -17.44 -43.30
C ASN D 242 1.72 -17.85 -43.25
N TYR D 243 0.90 -17.22 -44.07
CA TYR D 243 -0.55 -17.39 -44.00
C TYR D 243 -1.11 -18.54 -44.86
N ASP D 244 -0.37 -18.96 -45.88
CA ASP D 244 -0.88 -19.94 -46.85
C ASP D 244 -1.06 -21.32 -46.23
N ALA D 245 -1.72 -22.21 -46.97
CA ALA D 245 -2.09 -23.52 -46.42
C ALA D 245 -0.88 -24.38 -46.10
N GLU D 246 0.20 -24.19 -46.83
CA GLU D 246 1.44 -24.89 -46.56
C GLU D 246 1.99 -24.51 -45.19
N HIS D 247 1.99 -23.22 -44.88
CA HIS D 247 2.52 -22.75 -43.60
C HIS D 247 1.60 -23.14 -42.48
N VAL D 248 0.29 -23.06 -42.73
CA VAL D 248 -0.72 -23.46 -41.76
C VAL D 248 -0.57 -24.92 -41.41
N SER D 249 -0.42 -25.76 -42.43
CA SER D 249 -0.25 -27.22 -42.23
C SER D 249 0.98 -27.58 -41.39
N GLU D 250 2.10 -26.95 -41.72
CA GLU D 250 3.33 -27.12 -41.00
C GLU D 250 3.20 -26.63 -39.54
N ALA D 251 2.48 -25.51 -39.33
CA ALA D 251 2.27 -25.01 -37.96
C ALA D 251 1.45 -26.01 -37.17
N ALA D 252 0.38 -26.50 -37.79
CA ALA D 252 -0.49 -27.48 -37.16
C ALA D 252 0.25 -28.78 -36.74
N GLU D 253 1.14 -29.28 -37.60
CA GLU D 253 1.93 -30.49 -37.26
C GLU D 253 2.76 -30.20 -36.02
N GLN D 254 3.46 -29.07 -36.01
CA GLN D 254 4.24 -28.69 -34.85
C GLN D 254 3.37 -28.51 -33.61
N LEU D 255 2.18 -27.93 -33.77
CA LEU D 255 1.28 -27.77 -32.62
C LEU D 255 0.93 -29.11 -31.99
N ARG D 256 0.45 -30.04 -32.82
CA ARG D 256 0.15 -31.40 -32.37
C ARG D 256 1.36 -32.08 -31.68
N ALA D 257 2.53 -31.97 -32.29
CA ALA D 257 3.74 -32.54 -31.74
C ALA D 257 4.08 -31.99 -30.36
N ALA D 258 3.71 -30.74 -30.07
CA ALA D 258 3.88 -30.18 -28.72
C ALA D 258 2.72 -30.51 -27.76
N GLY D 259 1.72 -31.25 -28.22
CA GLY D 259 0.56 -31.59 -27.40
C GLY D 259 -0.37 -30.41 -27.08
N VAL D 260 -0.41 -29.37 -27.93
CA VAL D 260 -1.29 -28.21 -27.70
C VAL D 260 -2.27 -28.03 -28.86
N THR D 261 -3.28 -27.19 -28.69
CA THR D 261 -4.31 -27.01 -29.73
C THR D 261 -3.68 -26.70 -31.08
N ASP D 262 -4.13 -27.43 -32.10
CA ASP D 262 -3.68 -27.20 -33.46
C ASP D 262 -4.66 -26.29 -34.25
N LYS D 263 -5.54 -25.58 -33.55
CA LYS D 263 -6.37 -24.54 -34.14
C LYS D 263 -5.63 -23.21 -33.92
N LEU D 264 -5.52 -22.43 -34.99
CA LEU D 264 -4.70 -21.22 -34.97
C LEU D 264 -5.38 -20.03 -35.62
N MET D 265 -4.79 -18.86 -35.43
CA MET D 265 -5.30 -17.62 -35.99
C MET D 265 -4.29 -17.08 -36.99
N ILE D 266 -4.79 -16.42 -38.03
CA ILE D 266 -3.92 -15.81 -39.03
C ILE D 266 -4.14 -14.32 -39.07
N ASP D 267 -3.05 -13.57 -38.91
CA ASP D 267 -3.08 -12.10 -39.04
C ASP D 267 -2.98 -11.73 -40.54
N CYS D 268 -3.97 -11.02 -41.06
CA CYS D 268 -3.93 -10.58 -42.46
C CYS D 268 -2.99 -9.41 -42.62
N SER D 269 -2.60 -8.81 -41.50
CA SER D 269 -1.80 -7.59 -41.45
C SER D 269 -0.32 -7.79 -41.11
N HIS D 270 0.33 -6.70 -40.71
CA HIS D 270 1.73 -6.70 -40.31
C HIS D 270 2.60 -7.40 -41.36
N ALA D 271 3.44 -8.36 -40.97
CA ALA D 271 4.36 -8.95 -41.94
C ALA D 271 3.69 -9.90 -42.92
N ASN D 272 2.40 -10.17 -42.75
CA ASN D 272 1.71 -11.02 -43.69
C ASN D 272 1.18 -10.26 -44.87
N SER D 273 1.06 -8.95 -44.72
CA SER D 273 0.71 -8.07 -45.82
C SER D 273 1.97 -7.29 -46.30
N ARG D 274 3.12 -7.56 -45.69
CA ARG D 274 4.39 -6.81 -45.94
C ARG D 274 4.24 -5.34 -45.56
N LYS D 275 3.48 -5.09 -44.49
CA LYS D 275 3.25 -3.73 -44.03
C LYS D 275 2.52 -2.87 -45.06
N ASP D 276 1.81 -3.52 -45.98
CA ASP D 276 1.01 -2.80 -47.01
C ASP D 276 -0.46 -3.15 -46.86
N TYR D 277 -1.28 -2.17 -46.49
CA TYR D 277 -2.64 -2.42 -45.99
C TYR D 277 -3.60 -2.97 -47.03
N THR D 278 -3.37 -2.62 -48.28
CA THR D 278 -4.20 -3.14 -49.36
C THR D 278 -4.07 -4.66 -49.42
N ARG D 279 -2.86 -5.18 -49.21
CA ARG D 279 -2.63 -6.63 -49.27
C ARG D 279 -3.37 -7.48 -48.22
N GLN D 280 -4.00 -6.86 -47.22
CA GLN D 280 -4.79 -7.64 -46.26
C GLN D 280 -5.88 -8.46 -46.94
N MET D 281 -6.53 -7.87 -47.94
CA MET D 281 -7.60 -8.53 -48.67
C MET D 281 -7.07 -9.73 -49.46
N GLU D 282 -5.83 -9.65 -49.91
CA GLU D 282 -5.18 -10.75 -50.62
C GLU D 282 -5.08 -11.92 -49.65
N VAL D 283 -4.64 -11.64 -48.42
CA VAL D 283 -4.48 -12.68 -47.42
C VAL D 283 -5.83 -13.27 -47.07
N ALA D 284 -6.83 -12.40 -46.89
CA ALA D 284 -8.20 -12.82 -46.60
C ALA D 284 -8.78 -13.71 -47.69
N GLN D 285 -8.53 -13.34 -48.94
CA GLN D 285 -8.90 -14.21 -50.09
C GLN D 285 -8.23 -15.58 -50.02
N ASP D 286 -6.94 -15.59 -49.73
CA ASP D 286 -6.23 -16.86 -49.62
C ASP D 286 -6.84 -17.73 -48.51
N ILE D 287 -7.13 -17.13 -47.36
CA ILE D 287 -7.77 -17.86 -46.25
C ILE D 287 -9.17 -18.36 -46.63
N ALA D 288 -9.88 -17.52 -47.38
CA ALA D 288 -11.18 -17.89 -47.93
C ALA D 288 -11.08 -19.16 -48.77
N ALA D 289 -10.10 -19.20 -49.66
CA ALA D 289 -9.85 -20.42 -50.43
C ALA D 289 -9.61 -21.62 -49.50
N GLN D 290 -8.79 -21.45 -48.47
CA GLN D 290 -8.54 -22.56 -47.53
C GLN D 290 -9.81 -23.04 -46.85
N LEU D 291 -10.66 -22.13 -46.38
CA LEU D 291 -11.87 -22.55 -45.66
C LEU D 291 -12.85 -23.31 -46.56
N GLU D 292 -12.87 -22.97 -47.85
CA GLU D 292 -13.68 -23.70 -48.85
C GLU D 292 -13.12 -25.09 -49.19
N GLN D 293 -11.80 -25.20 -49.39
CA GLN D 293 -11.15 -26.49 -49.60
C GLN D 293 -11.28 -27.33 -48.33
N ASP D 294 -10.81 -26.79 -47.21
CA ASP D 294 -10.74 -27.55 -45.97
C ASP D 294 -10.54 -26.60 -44.80
N GLY D 295 -9.32 -26.13 -44.60
CA GLY D 295 -9.04 -25.10 -43.59
C GLY D 295 -9.41 -25.48 -42.17
N GLY D 296 -9.38 -26.77 -41.87
CA GLY D 296 -9.76 -27.29 -40.56
C GLY D 296 -8.94 -26.76 -39.37
N ASN D 297 -7.70 -26.32 -39.61
CA ASN D 297 -6.85 -25.80 -38.54
C ASN D 297 -7.01 -24.31 -38.25
N ILE D 298 -7.85 -23.62 -39.02
CA ILE D 298 -8.03 -22.19 -38.85
C ILE D 298 -9.19 -21.94 -37.90
N MET D 299 -8.95 -21.13 -36.85
CA MET D 299 -10.03 -20.75 -35.94
C MET D 299 -10.30 -19.26 -35.92
N GLY D 300 -9.45 -18.48 -36.60
CA GLY D 300 -9.59 -17.05 -36.54
C GLY D 300 -8.68 -16.28 -37.45
N VAL D 301 -9.03 -15.01 -37.64
CA VAL D 301 -8.23 -14.12 -38.44
C VAL D 301 -8.18 -12.78 -37.73
N MET D 302 -7.18 -11.98 -38.06
CA MET D 302 -7.01 -10.66 -37.51
C MET D 302 -6.86 -9.70 -38.67
N VAL D 303 -7.47 -8.51 -38.54
CA VAL D 303 -7.53 -7.52 -39.60
C VAL D 303 -7.46 -6.13 -39.01
N GLU D 304 -6.63 -5.29 -39.62
CA GLU D 304 -6.53 -3.88 -39.24
C GLU D 304 -7.38 -3.01 -40.16
N SER D 305 -8.39 -2.40 -39.55
CA SER D 305 -9.51 -1.78 -40.23
C SER D 305 -9.95 -0.54 -39.46
N HIS D 306 -10.24 0.55 -40.18
CA HIS D 306 -10.79 1.76 -39.59
C HIS D 306 -11.90 2.29 -40.49
N LEU D 307 -12.48 3.42 -40.10
CA LEU D 307 -13.54 4.07 -40.85
C LEU D 307 -12.97 4.55 -42.18
N VAL D 308 -11.77 5.10 -42.16
CA VAL D 308 -11.11 5.62 -43.35
C VAL D 308 -9.79 4.87 -43.51
N GLU D 309 -9.38 4.63 -44.75
CA GLU D 309 -8.20 3.83 -45.01
C GLU D 309 -6.92 4.61 -44.84
N GLY D 310 -5.80 3.90 -44.75
CA GLY D 310 -4.49 4.52 -44.69
C GLY D 310 -3.99 4.85 -43.29
N ARG D 311 -3.00 5.75 -43.22
CA ARG D 311 -2.48 6.24 -41.95
C ARG D 311 -2.07 7.70 -42.11
N GLN D 312 -1.77 8.32 -40.97
CA GLN D 312 -1.31 9.71 -40.93
C GLN D 312 -0.44 9.89 -39.70
N ASP D 313 0.52 10.81 -39.76
CA ASP D 313 1.43 10.98 -38.62
C ASP D 313 0.76 11.78 -37.50
N LYS D 314 -0.15 12.67 -37.89
CA LYS D 314 -0.91 13.50 -36.93
C LYS D 314 -2.40 13.16 -37.04
N PRO D 315 -3.13 13.23 -35.91
CA PRO D 315 -4.53 12.81 -35.90
C PRO D 315 -5.43 13.87 -36.51
N GLU D 316 -5.27 14.10 -37.81
CA GLU D 316 -5.96 15.18 -38.49
C GLU D 316 -7.29 14.76 -39.07
N VAL D 317 -7.25 13.66 -39.81
CA VAL D 317 -8.45 13.10 -40.39
C VAL D 317 -9.14 12.19 -39.35
N TYR D 318 -10.45 12.37 -39.22
CA TYR D 318 -11.27 11.59 -38.30
C TYR D 318 -11.32 10.16 -38.78
N GLY D 319 -11.11 9.21 -37.86
CA GLY D 319 -11.24 7.79 -38.17
C GLY D 319 -10.16 7.21 -39.07
N LYS D 320 -8.98 7.81 -39.01
CA LYS D 320 -7.83 7.34 -39.78
C LYS D 320 -6.65 7.04 -38.86
N SER D 321 -6.01 5.89 -39.07
CA SER D 321 -4.97 5.42 -38.17
C SER D 321 -3.79 6.36 -38.06
N ILE D 322 -3.24 6.47 -36.85
CA ILE D 322 -1.94 7.13 -36.66
C ILE D 322 -0.80 6.16 -36.41
N THR D 323 -1.10 4.86 -36.30
CA THR D 323 -0.07 3.82 -36.28
C THR D 323 -0.09 3.11 -37.64
N ASP D 324 -0.14 1.77 -37.70
CA ASP D 324 -0.12 1.09 -39.00
C ASP D 324 -1.32 1.48 -39.86
N ALA D 325 -1.13 1.48 -41.18
CA ALA D 325 -2.22 1.77 -42.10
C ALA D 325 -3.29 0.68 -42.03
N CYS D 326 -4.54 1.11 -42.11
CA CYS D 326 -5.69 0.20 -42.02
C CYS D 326 -6.50 0.24 -43.30
N ILE D 327 -7.25 -0.83 -43.59
CA ILE D 327 -8.28 -0.76 -44.60
C ILE D 327 -9.44 0.06 -44.08
N GLY D 328 -10.10 0.76 -45.00
CA GLY D 328 -11.27 1.57 -44.72
C GLY D 328 -12.53 0.72 -44.64
N TRP D 329 -13.65 1.38 -44.36
CA TRP D 329 -14.90 0.67 -44.10
C TRP D 329 -15.40 -0.10 -45.32
N GLY D 330 -15.33 0.52 -46.49
CA GLY D 330 -15.76 -0.13 -47.73
C GLY D 330 -15.12 -1.49 -47.90
N ALA D 331 -13.80 -1.52 -47.82
CA ALA D 331 -13.07 -2.77 -47.97
C ALA D 331 -13.35 -3.76 -46.81
N THR D 332 -13.60 -3.23 -45.61
CA THR D 332 -13.97 -4.05 -44.45
C THR D 332 -15.23 -4.85 -44.72
N GLU D 333 -16.27 -4.19 -45.22
CA GLU D 333 -17.51 -4.86 -45.61
C GLU D 333 -17.23 -6.02 -46.56
N GLU D 334 -16.40 -5.77 -47.57
CA GLU D 334 -16.06 -6.78 -48.58
C GLU D 334 -15.27 -7.94 -47.98
N LEU D 335 -14.27 -7.61 -47.16
CA LEU D 335 -13.47 -8.64 -46.48
C LEU D 335 -14.34 -9.53 -45.58
N LEU D 336 -15.20 -8.91 -44.76
CA LEU D 336 -16.08 -9.72 -43.89
C LEU D 336 -17.08 -10.57 -44.68
N ALA D 337 -17.66 -9.99 -45.75
CA ALA D 337 -18.58 -10.77 -46.62
C ALA D 337 -17.86 -11.99 -47.15
N LEU D 338 -16.65 -11.77 -47.66
CA LEU D 338 -15.84 -12.85 -48.21
C LEU D 338 -15.60 -13.98 -47.20
N LEU D 339 -15.16 -13.65 -45.99
CA LEU D 339 -14.89 -14.69 -44.97
C LEU D 339 -16.16 -15.38 -44.49
N ALA D 340 -17.24 -14.62 -44.36
CA ALA D 340 -18.49 -15.20 -43.88
C ALA D 340 -18.99 -16.23 -44.86
N GLY D 341 -18.98 -15.88 -46.14
CA GLY D 341 -19.43 -16.77 -47.21
C GLY D 341 -18.61 -18.03 -47.32
N ALA D 342 -17.29 -17.89 -47.22
CA ALA D 342 -16.37 -19.05 -47.30
C ALA D 342 -16.52 -19.98 -46.10
N ASN D 343 -16.64 -19.41 -44.90
CA ASN D 343 -16.82 -20.22 -43.71
C ASN D 343 -18.20 -20.85 -43.53
N LYS D 344 -19.23 -20.24 -44.11
CA LYS D 344 -20.55 -20.85 -44.12
C LYS D 344 -20.45 -22.22 -44.80
N LYS D 345 -19.66 -22.27 -45.87
CA LYS D 345 -19.43 -23.54 -46.58
C LYS D 345 -18.63 -24.51 -45.73
N ARG D 346 -17.55 -24.05 -45.11
CA ARG D 346 -16.81 -24.92 -44.19
C ARG D 346 -17.76 -25.50 -43.15
N MET D 347 -18.61 -24.68 -42.54
CA MET D 347 -19.42 -25.14 -41.41
C MET D 347 -20.47 -26.14 -41.85
N ALA D 348 -20.94 -26.01 -43.09
CA ALA D 348 -21.96 -26.88 -43.65
C ALA D 348 -21.39 -28.27 -43.99
N ARG D 349 -20.07 -28.38 -44.10
CA ARG D 349 -19.42 -29.70 -44.16
C ARG D 349 -19.27 -30.24 -42.75
MN MN E . 1.68 4.45 35.58
C1 PEP F . -1.08 2.97 33.71
O1 PEP F . 0.17 3.00 33.73
O2' PEP F . -1.71 1.91 34.00
C2 PEP F . -1.84 4.19 33.35
C3 PEP F . -1.49 5.02 32.40
O2 PEP F . -3.04 4.38 34.16
P PEP F . -4.12 5.58 34.12
O1P PEP F . -4.72 5.37 32.75
O2P PEP F . -4.79 5.33 35.42
O3P PEP F . -3.26 6.86 34.16
S SO4 G . 2.72 12.67 33.35
O1 SO4 G . 2.66 11.21 33.63
O2 SO4 G . 1.57 13.35 34.00
O3 SO4 G . 2.65 12.93 31.89
O4 SO4 G . 3.99 13.21 33.90
C1 PEG H . 12.28 -7.73 7.47
O1 PEG H . 11.17 -8.63 7.43
C2 PEG H . 11.92 -6.36 8.07
O2 PEG H . 12.99 -5.77 8.84
C1 PEG I . 10.32 -13.70 5.28
O1 PEG I . 9.04 -14.31 5.44
C2 PEG I . 11.03 -13.54 6.60
O2 PEG I . 10.88 -12.20 7.09
MN MN J . -24.43 17.93 19.09
C1 PEP K . -20.98 18.44 19.02
O1 PEP K . -21.98 18.07 18.36
O2' PEP K . -20.49 19.59 18.89
C2 PEP K . -20.42 17.52 20.03
C3 PEP K . -20.23 16.23 19.80
O2 PEP K . -20.07 18.16 21.28
P PEP K . -19.50 17.48 22.63
O1P PEP K . -20.44 16.36 22.94
O2P PEP K . -18.08 17.08 22.25
O3P PEP K . -19.78 18.62 23.58
S SO4 L . -25.94 10.20 22.13
O1 SO4 L . -25.21 8.96 21.68
O2 SO4 L . -27.31 10.21 21.58
O3 SO4 L . -25.21 11.40 21.63
O4 SO4 L . -26.04 10.21 23.62
C1 PEG M . -30.63 2.13 11.17
O1 PEG M . -30.89 0.97 11.96
C2 PEG M . -29.15 2.49 11.28
O2 PEG M . -28.93 3.83 10.80
C3 PEG M . -28.69 4.82 11.80
C4 PEG M . -29.93 5.67 12.01
O4 PEG M . -29.53 7.03 11.90
C1 PEG N . -15.39 -5.59 3.61
O1 PEG N . -16.00 -5.05 2.43
C2 PEG N . -14.66 -4.50 4.38
O2 PEG N . -13.26 -4.53 4.03
C3 PEG N . -12.93 -3.72 2.90
C4 PEG N . -11.43 -3.45 2.85
O4 PEG N . -11.16 -2.05 2.98
MN MN O . 23.69 -20.17 -18.93
C1 PEP P . 22.74 -16.12 -19.59
O1 PEP P . 23.70 -15.32 -19.80
O2' PEP P . 22.75 -16.97 -18.71
C2 PEP P . 21.54 -16.14 -20.40
C3 PEP P . 20.34 -16.08 -19.84
O2 PEP P . 21.77 -16.23 -21.83
P PEP P . 20.76 -15.92 -23.03
O1P PEP P . 19.92 -14.73 -22.54
O2P PEP P . 21.76 -15.66 -24.12
O3P PEP P . 19.97 -17.19 -23.17
MN MN Q . -0.65 -2.73 -36.13
C1 PEP R . -0.72 -5.63 -33.54
O1 PEP R . -1.50 -6.60 -33.68
O2' PEP R . -1.12 -4.46 -33.58
C2 PEP R . 0.72 -5.88 -33.33
C3 PEP R . 1.46 -5.06 -32.55
O2 PEP R . 1.26 -7.06 -33.97
P PEP R . 2.82 -7.52 -33.96
O1P PEP R . 3.56 -6.22 -34.24
O2P PEP R . 3.02 -8.03 -32.53
O3P PEP R . 2.77 -8.48 -35.14
S SO4 S . 6.78 1.07 -35.05
O1 SO4 S . 7.61 0.08 -35.80
O2 SO4 S . 5.43 0.51 -34.87
O3 SO4 S . 6.71 2.35 -35.81
O4 SO4 S . 7.41 1.37 -33.73
#